data_5VDH
#
_entry.id   5VDH
#
_cell.length_a   119.065
_cell.length_b   119.065
_cell.length_c   429.934
_cell.angle_alpha   90.00
_cell.angle_beta   90.00
_cell.angle_gamma   90.00
#
_symmetry.space_group_name_H-M   'P 43 21 2'
#
loop_
_entity.id
_entity.type
_entity.pdbx_description
1 polymer 'Glycine receptor subunit alpha-3'
2 non-polymer (3S,3aS,9bS)-2-[(2H-1,3-benzodioxol-5-yl)sulfonyl]-3,5-dimethyl-1,2,3,3a,5,9b-hexahydro-4H-pyrrolo[3,4-c][1,6]naphthyridin-4-one
3 non-polymer GLYCINE
4 non-polymer "(2aE,4E,5'S,6S,6'R,7S,8E,11R,13R,15S,17aR,20R,20aR,20bS)-6'-[(2S)-butan-2-yl]-20,20b-dihydroxy-5',6,8,19-tetramethyl-17 -oxo-3',4',5',6,6',10,11,14,15,17,17a,20,20a,20b-tetradecahydro-2H,7H-spiro[11,15-methanofuro[4,3,2-pq][2,6]benzodioxacy clooctadecine-13,2'-pyran]-7-yl 2,6-dideoxy-4-O-(2,6-dideoxy-3-O-methyl-alpha-L-arabino-hexopyranosyl)-3-O-methyl-alpha-L-arabino-hexopyranoside"
5 non-polymer 'ZINC ION'
6 non-polymer 'CHLORIDE ION'
7 non-polymer 2-acetamido-2-deoxy-beta-D-glucopyranose
8 water water
#
_entity_poly.entity_id   1
_entity_poly.type   'polypeptide(L)'
_entity_poly.pdbx_seq_one_letter_code
;ARSRSAPMSPSDFLDKLMGRTSGYDARIRPNFKGPPVNVTCNIFINSFGSIAETTMDYRVNIFLRQKWNDPRLAYSEYPD
DSLDLDPSMLDSIWKPDLFFANEKGANFHEVTTDNKLLRIFKNGNVLYSIRLTLTLSCPMDLKNFPMDVQTCIMQLESFG
YTMNDLIFEWQDEAPVQVAEGLTLPQFLLKEEKDLRYCTKHYNTGKFTCIEVRFHLERQMGYYLIQMYIPSLLIVILSWV
SFWINMDAAPARVALGITTVLTMTTQSSGSRASLPKVSYVKAIDIWMAVCLLFVFSALLEYAAVNFVSRAGTKVFIDRAK
KIDTISRACFPLAFLIFNIFYWVIYKILRHEDIHWSHPQFEK
;
_entity_poly.pdbx_strand_id   A,B,C,D,E
#
loop_
_chem_comp.id
_chem_comp.type
_chem_comp.name
_chem_comp.formula
7C6 non-polymer (3S,3aS,9bS)-2-[(2H-1,3-benzodioxol-5-yl)sulfonyl]-3,5-dimethyl-1,2,3,3a,5,9b-hexahydro-4H-pyrrolo[3,4-c][1,6]naphthyridin-4-one 'C19 H19 N3 O5 S'
CL non-polymer 'CHLORIDE ION' 'Cl -1'
IVM non-polymer '(2aE,4E,5'S,6S,6'R,7S,8E,11R,13R,15S,17aR,20R,20aR,20bS)-6'-[(2S)-butan-2-yl]-20,20b-dihydroxy-5',6,8,19-tetramethyl-17 -oxo-3',4',5',6,6',10,11,14,15,17,17a,20,20a,20b-tetradecahydro-2H,7H-spiro[11,15-methanofuro[4,3,2-pq][2,6]benzodioxacy clooctadecine-13,2'-pyran]-7-yl 2,6-dideoxy-4-O-(2,6-dideoxy-3-O-methyl-alpha-L-arabino-hexopyranosyl)-3-O-methyl-alpha-L-arabino-hexopyranoside' 'C48 H74 O14'
NAG D-saccharide, beta linking 2-acetamido-2-deoxy-beta-D-glucopyranose 'C8 H15 N O6'
ZN non-polymer 'ZINC ION' 'Zn 2'
#
# COMPACT_ATOMS: atom_id res chain seq x y z
N MET A 8 4.55 34.52 -45.01
CA MET A 8 4.24 33.07 -45.23
C MET A 8 3.32 32.54 -44.12
N SER A 9 2.30 31.77 -44.50
CA SER A 9 1.35 31.23 -43.53
C SER A 9 2.06 30.21 -42.63
N PRO A 10 1.68 30.15 -41.34
CA PRO A 10 2.32 29.21 -40.42
C PRO A 10 2.23 27.75 -40.89
N SER A 11 1.09 27.37 -41.45
CA SER A 11 0.89 26.01 -41.96
C SER A 11 1.93 25.68 -43.03
N ASP A 12 2.08 26.56 -44.02
CA ASP A 12 3.07 26.37 -45.07
C ASP A 12 4.50 26.39 -44.54
N PHE A 13 4.75 27.26 -43.57
CA PHE A 13 6.09 27.38 -42.98
C PHE A 13 6.51 26.10 -42.27
N LEU A 14 5.61 25.55 -41.44
CA LEU A 14 5.89 24.32 -40.71
C LEU A 14 6.08 23.15 -41.67
N ASP A 15 5.29 23.11 -42.74
CA ASP A 15 5.48 22.06 -43.75
C ASP A 15 6.84 22.09 -44.38
N LYS A 16 7.32 23.29 -44.69
CA LYS A 16 8.60 23.46 -45.39
C LYS A 16 9.78 23.28 -44.45
N LEU A 17 9.59 23.56 -43.16
CA LEU A 17 10.69 23.51 -42.18
C LEU A 17 10.92 22.10 -41.63
N MET A 18 9.83 21.41 -41.29
CA MET A 18 9.91 20.07 -40.69
C MET A 18 8.84 19.07 -41.15
N GLY A 19 7.94 19.50 -42.04
CA GLY A 19 6.82 18.65 -42.48
C GLY A 19 7.08 17.93 -43.79
N ARG A 20 6.01 17.61 -44.51
CA ARG A 20 6.08 16.80 -45.74
C ARG A 20 7.08 17.34 -46.76
N THR A 21 6.96 18.63 -47.10
CA THR A 21 7.81 19.24 -48.13
C THR A 21 9.24 19.59 -47.66
N SER A 22 9.52 19.40 -46.38
CA SER A 22 10.81 19.83 -45.80
C SER A 22 11.99 18.94 -46.14
N GLY A 23 11.74 17.64 -46.27
CA GLY A 23 12.83 16.67 -46.40
C GLY A 23 13.59 16.45 -45.10
N TYR A 24 13.01 16.91 -43.99
CA TYR A 24 13.62 16.80 -42.68
C TYR A 24 13.46 15.37 -42.18
N ASP A 25 14.54 14.82 -41.63
CA ASP A 25 14.53 13.47 -41.08
C ASP A 25 14.95 13.51 -39.62
N ALA A 26 13.99 13.24 -38.73
CA ALA A 26 14.24 13.28 -37.28
C ALA A 26 15.16 12.16 -36.81
N ARG A 27 15.39 11.15 -37.64
CA ARG A 27 16.29 10.06 -37.30
C ARG A 27 17.77 10.43 -37.48
N ILE A 28 18.03 11.59 -38.08
CA ILE A 28 19.39 12.09 -38.27
C ILE A 28 19.62 13.26 -37.32
N ARG A 29 20.72 13.23 -36.60
CA ARG A 29 21.05 14.29 -35.64
C ARG A 29 21.59 15.52 -36.34
N PRO A 30 21.50 16.70 -35.69
CA PRO A 30 22.15 17.91 -36.20
C PRO A 30 23.66 17.74 -36.33
N ASN A 31 24.24 18.28 -37.40
CA ASN A 31 25.67 18.15 -37.66
C ASN A 31 26.10 16.68 -37.66
N PHE A 32 25.35 15.89 -38.42
CA PHE A 32 25.46 14.42 -38.36
C PHE A 32 26.84 13.87 -38.75
N LYS A 33 27.48 14.48 -39.73
CA LYS A 33 28.84 14.07 -40.11
C LYS A 33 29.93 14.84 -39.37
N GLY A 34 29.54 15.76 -38.50
CA GLY A 34 30.48 16.66 -37.84
C GLY A 34 30.64 16.36 -36.35
N PRO A 35 30.94 17.39 -35.54
CA PRO A 35 31.17 17.21 -34.11
C PRO A 35 29.89 16.94 -33.32
N PRO A 36 30.02 16.53 -32.03
CA PRO A 36 28.85 16.11 -31.27
C PRO A 36 27.88 17.24 -31.00
N VAL A 37 26.60 16.91 -30.82
CA VAL A 37 25.59 17.90 -30.47
C VAL A 37 25.81 18.30 -29.02
N ASN A 38 25.87 19.60 -28.76
CA ASN A 38 26.04 20.14 -27.41
C ASN A 38 24.69 20.50 -26.83
N VAL A 39 24.20 19.67 -25.91
CA VAL A 39 22.93 19.93 -25.25
C VAL A 39 23.19 20.57 -23.88
N THR A 40 22.64 21.76 -23.69
CA THR A 40 22.77 22.49 -22.44
C THR A 40 21.52 22.26 -21.61
N CYS A 41 21.68 21.70 -20.41
CA CYS A 41 20.56 21.34 -19.55
C CYS A 41 20.40 22.29 -18.36
N ASN A 42 19.15 22.50 -17.96
CA ASN A 42 18.84 23.17 -16.69
C ASN A 42 17.50 22.63 -16.17
N ILE A 43 17.34 22.59 -14.85
CA ILE A 43 16.11 22.07 -14.26
C ILE A 43 15.47 23.07 -13.30
N PHE A 44 14.15 23.11 -13.28
CA PHE A 44 13.39 23.89 -12.30
C PHE A 44 12.69 22.90 -11.39
N ILE A 45 13.00 22.95 -10.11
CA ILE A 45 12.42 22.01 -9.15
C ILE A 45 11.12 22.58 -8.61
N ASN A 46 10.01 22.02 -9.10
CA ASN A 46 8.67 22.45 -8.74
C ASN A 46 8.26 21.88 -7.39
N SER A 47 8.76 20.69 -7.09
CA SER A 47 8.40 19.97 -5.87
C SER A 47 9.51 18.98 -5.52
N PHE A 48 9.73 18.78 -4.22
CA PHE A 48 10.83 17.95 -3.72
C PHE A 48 10.36 17.32 -2.41
N GLY A 49 10.28 16.00 -2.37
CA GLY A 49 9.76 15.34 -1.19
C GLY A 49 9.73 13.82 -1.25
N SER A 50 8.80 13.22 -0.52
CA SER A 50 8.73 11.77 -0.32
C SER A 50 10.11 11.15 -0.10
N ILE A 51 10.89 11.76 0.78
CA ILE A 51 12.25 11.28 1.06
C ILE A 51 12.16 10.12 2.04
N ALA A 52 12.31 8.91 1.52
CA ALA A 52 12.11 7.69 2.29
C ALA A 52 13.44 7.02 2.64
N GLU A 53 13.69 6.83 3.93
CA GLU A 53 14.87 6.11 4.39
C GLU A 53 14.74 4.62 4.10
N THR A 54 13.52 4.08 4.29
CA THR A 54 13.26 2.65 4.15
C THR A 54 13.54 2.15 2.74
N THR A 55 12.93 2.80 1.75
CA THR A 55 13.13 2.44 0.34
C THR A 55 14.34 3.15 -0.28
N MET A 56 14.91 4.10 0.46
CA MET A 56 16.21 4.70 0.11
C MET A 56 16.12 5.51 -1.19
N ASP A 57 15.11 6.38 -1.27
CA ASP A 57 14.84 7.15 -2.47
C ASP A 57 14.10 8.46 -2.15
N TYR A 58 13.90 9.29 -3.17
CA TYR A 58 13.14 10.53 -3.02
C TYR A 58 12.41 10.88 -4.31
N ARG A 59 11.36 11.68 -4.19
CA ARG A 59 10.55 12.06 -5.33
C ARG A 59 10.70 13.53 -5.66
N VAL A 60 10.66 13.85 -6.94
CA VAL A 60 10.84 15.22 -7.39
C VAL A 60 9.93 15.50 -8.59
N ASN A 61 9.39 16.71 -8.65
CA ASN A 61 8.67 17.19 -9.83
C ASN A 61 9.45 18.35 -10.43
N ILE A 62 9.83 18.21 -11.70
CA ILE A 62 10.71 19.20 -12.32
C ILE A 62 10.23 19.61 -13.70
N PHE A 63 10.70 20.79 -14.14
CA PHE A 63 10.70 21.13 -15.55
C PHE A 63 12.12 20.91 -16.04
N LEU A 64 12.31 19.95 -16.94
CA LEU A 64 13.60 19.69 -17.56
C LEU A 64 13.72 20.50 -18.83
N ARG A 65 14.66 21.45 -18.85
CA ARG A 65 14.94 22.24 -20.05
C ARG A 65 16.16 21.68 -20.78
N GLN A 66 16.04 21.55 -22.10
CA GLN A 66 17.15 21.14 -22.94
C GLN A 66 17.34 22.13 -24.06
N LYS A 67 18.57 22.58 -24.27
CA LYS A 67 18.90 23.50 -25.34
C LYS A 67 19.96 22.94 -26.26
N TRP A 68 19.76 23.06 -27.57
CA TRP A 68 20.75 22.63 -28.55
C TRP A 68 20.50 23.34 -29.88
N ASN A 69 21.47 23.25 -30.79
CA ASN A 69 21.33 23.86 -32.11
C ASN A 69 21.07 22.81 -33.20
N ASP A 70 20.00 23.03 -33.97
CA ASP A 70 19.73 22.27 -35.19
C ASP A 70 19.71 23.23 -36.38
N PRO A 71 20.80 23.27 -37.17
CA PRO A 71 20.83 24.18 -38.33
C PRO A 71 19.70 24.00 -39.33
N ARG A 72 19.13 22.80 -39.42
CA ARG A 72 17.98 22.55 -40.29
C ARG A 72 16.72 23.35 -39.91
N LEU A 73 16.67 23.84 -38.67
CA LEU A 73 15.50 24.58 -38.18
C LEU A 73 15.72 26.10 -38.16
N ALA A 74 16.82 26.57 -38.72
CA ALA A 74 17.03 28.02 -38.87
C ALA A 74 16.01 28.57 -39.87
N TYR A 75 15.54 29.79 -39.61
CA TYR A 75 14.51 30.40 -40.45
C TYR A 75 14.79 31.89 -40.68
N SER A 76 14.28 32.39 -41.80
CA SER A 76 14.39 33.81 -42.16
C SER A 76 13.05 34.42 -42.57
N GLU A 77 11.96 33.65 -42.48
CA GLU A 77 10.68 34.08 -43.03
C GLU A 77 9.98 35.10 -42.12
N TYR A 78 10.33 35.09 -40.84
CA TYR A 78 9.75 36.02 -39.88
C TYR A 78 10.85 36.78 -39.14
N PRO A 79 10.59 38.04 -38.76
CA PRO A 79 11.56 38.85 -38.03
C PRO A 79 11.72 38.47 -36.55
N ASP A 80 10.82 37.63 -36.05
CA ASP A 80 10.79 37.27 -34.62
C ASP A 80 12.07 36.54 -34.22
N ASP A 81 12.62 36.92 -33.07
CA ASP A 81 13.83 36.28 -32.53
C ASP A 81 13.60 34.79 -32.30
N SER A 82 12.41 34.44 -31.87
CA SER A 82 12.02 33.04 -31.66
C SER A 82 10.55 32.82 -31.99
N LEU A 83 10.19 31.54 -32.12
CA LEU A 83 8.82 31.13 -32.39
C LEU A 83 8.41 30.06 -31.38
N ASP A 84 7.25 30.25 -30.77
CA ASP A 84 6.68 29.26 -29.85
C ASP A 84 5.80 28.31 -30.65
N LEU A 85 6.23 27.06 -30.76
CA LEU A 85 5.55 26.07 -31.57
C LEU A 85 4.64 25.17 -30.75
N ASP A 86 3.57 24.68 -31.38
CA ASP A 86 2.69 23.70 -30.77
C ASP A 86 3.50 22.44 -30.48
N PRO A 87 3.39 21.88 -29.25
CA PRO A 87 4.25 20.77 -28.86
C PRO A 87 4.06 19.48 -29.67
N SER A 88 2.98 19.39 -30.44
CA SER A 88 2.79 18.25 -31.35
C SER A 88 3.89 18.17 -32.40
N MET A 89 4.56 19.29 -32.66
CA MET A 89 5.69 19.33 -33.59
C MET A 89 6.96 18.69 -33.04
N LEU A 90 7.00 18.38 -31.74
CA LEU A 90 8.14 17.68 -31.16
C LEU A 90 8.34 16.29 -31.77
N ASP A 91 7.26 15.66 -32.21
CA ASP A 91 7.34 14.35 -32.87
C ASP A 91 8.05 14.43 -34.22
N SER A 92 8.01 15.62 -34.83
CA SER A 92 8.60 15.82 -36.15
C SER A 92 10.08 16.21 -36.16
N ILE A 93 10.64 16.60 -35.01
CA ILE A 93 12.05 17.03 -34.95
C ILE A 93 12.92 16.05 -34.19
N TRP A 94 14.22 16.09 -34.44
CA TRP A 94 15.18 15.32 -33.67
C TRP A 94 15.29 15.95 -32.30
N LYS A 95 15.51 15.12 -31.29
CA LYS A 95 15.78 15.60 -29.94
C LYS A 95 16.60 14.57 -29.16
N PRO A 96 17.33 15.03 -28.13
CA PRO A 96 18.21 14.12 -27.40
C PRO A 96 17.45 13.00 -26.68
N ASP A 97 18.12 11.88 -26.45
CA ASP A 97 17.52 10.74 -25.76
C ASP A 97 17.91 10.73 -24.27
N LEU A 98 17.65 11.84 -23.59
CA LEU A 98 18.04 11.99 -22.19
C LEU A 98 17.22 11.06 -21.31
N PHE A 99 17.90 10.28 -20.47
CA PHE A 99 17.23 9.51 -19.43
C PHE A 99 17.93 9.73 -18.09
N PHE A 100 17.24 9.39 -17.02
CA PHE A 100 17.79 9.56 -15.67
C PHE A 100 18.32 8.25 -15.14
N ALA A 101 19.63 8.16 -14.99
CA ALA A 101 20.31 6.89 -14.71
C ALA A 101 19.88 6.25 -13.40
N ASN A 102 19.61 7.07 -12.38
CA ASN A 102 19.23 6.57 -11.06
C ASN A 102 17.73 6.69 -10.80
N GLU A 103 16.94 6.66 -11.88
CA GLU A 103 15.49 6.75 -11.79
C GLU A 103 14.86 5.38 -11.53
N LYS A 104 14.06 5.30 -10.49
CA LYS A 104 13.30 4.10 -10.16
C LYS A 104 11.90 4.16 -10.74
N GLY A 105 11.36 5.36 -10.87
CA GLY A 105 10.07 5.59 -11.53
C GLY A 105 10.06 6.97 -12.15
N ALA A 106 9.33 7.12 -13.25
CA ALA A 106 9.27 8.39 -13.96
C ALA A 106 8.05 8.44 -14.87
N ASN A 107 7.40 9.60 -14.93
CA ASN A 107 6.28 9.78 -15.85
C ASN A 107 6.13 11.19 -16.37
N PHE A 108 5.50 11.29 -17.53
CA PHE A 108 5.15 12.57 -18.14
C PHE A 108 3.85 13.05 -17.53
N HIS A 109 3.41 14.23 -17.95
CA HIS A 109 2.17 14.84 -17.45
C HIS A 109 1.32 15.27 -18.62
N GLU A 110 0.14 14.66 -18.74
CA GLU A 110 -0.69 14.82 -19.94
C GLU A 110 -2.00 15.56 -19.69
N VAL A 111 -2.20 16.09 -18.47
CA VAL A 111 -3.41 16.83 -18.12
C VAL A 111 -3.11 18.34 -18.07
N THR A 112 -3.91 19.19 -18.72
CA THR A 112 -5.04 18.79 -19.58
C THR A 112 -4.56 18.49 -21.00
N THR A 113 -3.34 18.88 -21.31
CA THR A 113 -2.67 18.50 -22.55
C THR A 113 -1.24 18.16 -22.18
N ASP A 114 -0.42 17.75 -23.15
CA ASP A 114 0.97 17.40 -22.86
C ASP A 114 1.68 18.60 -22.25
N ASN A 115 2.28 18.39 -21.08
CA ASN A 115 3.00 19.43 -20.37
C ASN A 115 4.39 19.59 -21.00
N LYS A 116 4.42 20.18 -22.20
CA LYS A 116 5.63 20.33 -22.99
C LYS A 116 5.69 21.70 -23.65
N LEU A 117 6.91 22.14 -23.94
CA LEU A 117 7.14 23.45 -24.52
C LEU A 117 8.21 23.33 -25.60
N LEU A 118 7.93 23.90 -26.78
CA LEU A 118 8.90 23.89 -27.88
C LEU A 118 9.06 25.29 -28.44
N ARG A 119 10.28 25.80 -28.40
CA ARG A 119 10.59 27.13 -28.89
C ARG A 119 11.81 27.04 -29.80
N ILE A 120 11.71 27.63 -30.99
CA ILE A 120 12.84 27.64 -31.93
C ILE A 120 13.29 29.08 -32.21
N PHE A 121 14.59 29.24 -32.45
CA PHE A 121 15.18 30.56 -32.70
C PHE A 121 15.66 30.71 -34.14
N LYS A 122 15.85 31.95 -34.57
CA LYS A 122 16.31 32.26 -35.93
C LYS A 122 17.47 31.40 -36.41
N ASN A 123 18.49 31.26 -35.56
CA ASN A 123 19.71 30.54 -35.91
C ASN A 123 19.62 29.01 -35.78
N GLY A 124 18.44 28.49 -35.45
CA GLY A 124 18.23 27.05 -35.35
C GLY A 124 18.34 26.48 -33.93
N ASN A 125 18.53 27.36 -32.95
CA ASN A 125 18.54 26.91 -31.55
C ASN A 125 17.16 26.44 -31.15
N VAL A 126 17.13 25.40 -30.32
CA VAL A 126 15.89 24.82 -29.84
C VAL A 126 15.88 24.91 -28.32
N LEU A 127 14.73 25.29 -27.77
CA LEU A 127 14.46 25.17 -26.34
C LEU A 127 13.34 24.16 -26.18
N TYR A 128 13.57 23.14 -25.36
CA TYR A 128 12.63 22.07 -25.16
C TYR A 128 12.46 21.84 -23.67
N SER A 129 11.30 22.17 -23.14
CA SER A 129 11.01 21.99 -21.73
C SER A 129 9.90 20.97 -21.57
N ILE A 130 10.09 20.05 -20.62
CA ILE A 130 9.08 19.03 -20.34
C ILE A 130 8.96 18.83 -18.83
N ARG A 131 7.73 18.71 -18.36
CA ARG A 131 7.46 18.47 -16.96
C ARG A 131 7.52 16.97 -16.67
N LEU A 132 8.28 16.59 -15.65
CA LEU A 132 8.45 15.20 -15.27
C LEU A 132 8.30 15.03 -13.76
N THR A 133 7.72 13.91 -13.36
CA THR A 133 7.82 13.43 -11.99
C THR A 133 8.81 12.27 -12.00
N LEU A 134 9.77 12.31 -11.09
CA LEU A 134 10.81 11.29 -11.01
C LEU A 134 10.95 10.78 -9.58
N THR A 135 11.03 9.46 -9.43
CA THR A 135 11.45 8.85 -8.17
C THR A 135 12.88 8.40 -8.35
N LEU A 136 13.80 9.04 -7.63
CA LEU A 136 15.23 8.80 -7.80
C LEU A 136 15.81 8.10 -6.58
N SER A 137 16.72 7.16 -6.82
CA SER A 137 17.35 6.42 -5.73
C SER A 137 18.41 7.29 -5.05
N CYS A 138 18.43 7.25 -3.72
CA CYS A 138 19.37 8.02 -2.92
C CYS A 138 19.89 7.13 -1.81
N PRO A 139 20.99 6.40 -2.07
CA PRO A 139 21.67 5.62 -1.01
C PRO A 139 22.08 6.50 0.18
N MET A 140 21.69 6.09 1.38
CA MET A 140 21.87 6.91 2.57
C MET A 140 22.85 6.30 3.58
N ASP A 141 23.64 7.17 4.20
CA ASP A 141 24.51 6.80 5.30
C ASP A 141 23.88 7.30 6.59
N LEU A 142 23.40 6.38 7.41
CA LEU A 142 22.65 6.72 8.62
C LEU A 142 23.48 6.60 9.91
N LYS A 143 24.81 6.59 9.77
CA LYS A 143 25.70 6.51 10.95
C LYS A 143 25.39 7.56 12.01
N ASN A 144 25.13 8.79 11.57
CA ASN A 144 24.88 9.90 12.49
C ASN A 144 23.40 10.22 12.71
N PHE A 145 22.51 9.33 12.30
CA PHE A 145 21.06 9.53 12.46
C PHE A 145 20.71 9.62 13.94
N PRO A 146 19.89 10.60 14.36
CA PRO A 146 19.15 11.52 13.50
C PRO A 146 19.80 12.89 13.28
N MET A 147 21.12 12.98 13.46
CA MET A 147 21.86 14.22 13.17
C MET A 147 22.62 14.08 11.85
N ASP A 148 22.09 13.26 10.95
CA ASP A 148 22.75 12.91 9.69
C ASP A 148 22.50 13.95 8.62
N VAL A 149 23.39 13.99 7.63
CA VAL A 149 23.22 14.83 6.45
C VAL A 149 23.35 13.94 5.22
N GLN A 150 22.42 14.07 4.28
CA GLN A 150 22.32 13.15 3.14
C GLN A 150 22.60 13.85 1.82
N THR A 151 23.27 13.14 0.92
CA THR A 151 23.55 13.64 -0.41
C THR A 151 22.75 12.82 -1.42
N CYS A 152 21.72 13.44 -2.00
CA CYS A 152 20.89 12.80 -3.00
C CYS A 152 21.25 13.33 -4.38
N ILE A 153 21.51 12.43 -5.31
CA ILE A 153 21.99 12.81 -6.64
C ILE A 153 20.91 12.63 -7.70
N MET A 154 21.21 13.15 -8.89
CA MET A 154 20.32 13.07 -10.04
C MET A 154 21.20 13.08 -11.29
N GLN A 155 21.21 11.95 -11.99
CA GLN A 155 22.08 11.78 -13.16
C GLN A 155 21.31 11.87 -14.48
N LEU A 156 21.72 12.79 -15.35
CA LEU A 156 21.13 12.97 -16.67
C LEU A 156 22.08 12.36 -17.70
N GLU A 157 21.63 11.30 -18.39
CA GLU A 157 22.51 10.49 -19.23
C GLU A 157 21.89 10.26 -20.61
N SER A 158 22.75 9.97 -21.59
CA SER A 158 22.29 9.54 -22.92
C SER A 158 22.32 8.03 -22.99
N PHE A 159 21.23 7.43 -23.46
CA PHE A 159 21.15 5.97 -23.55
C PHE A 159 21.79 5.41 -24.82
N GLY A 160 21.59 6.10 -25.94
CA GLY A 160 21.96 5.56 -27.26
C GLY A 160 23.08 6.26 -28.01
N TYR A 161 23.36 7.51 -27.67
CA TYR A 161 24.40 8.29 -28.35
C TYR A 161 25.70 8.26 -27.56
N THR A 162 26.80 7.91 -28.22
CA THR A 162 28.12 7.97 -27.59
C THR A 162 28.65 9.40 -27.61
N MET A 163 29.77 9.62 -26.90
CA MET A 163 30.32 10.97 -26.69
C MET A 163 30.71 11.71 -27.98
N ASN A 164 31.03 10.96 -29.03
CA ASN A 164 31.33 11.57 -30.33
C ASN A 164 30.11 12.13 -31.06
N ASP A 165 28.91 11.69 -30.67
CA ASP A 165 27.66 12.17 -31.27
C ASP A 165 26.84 13.10 -30.37
N LEU A 166 26.93 12.94 -29.05
CA LEU A 166 26.10 13.70 -28.12
C LEU A 166 26.79 13.95 -26.77
N ILE A 167 26.81 15.21 -26.35
CA ILE A 167 27.42 15.63 -25.09
C ILE A 167 26.43 16.48 -24.29
N PHE A 168 26.29 16.18 -23.00
CA PHE A 168 25.46 16.98 -22.10
C PHE A 168 26.33 17.94 -21.28
N GLU A 169 25.72 19.04 -20.84
CA GLU A 169 26.42 20.11 -20.14
C GLU A 169 25.41 20.94 -19.37
N TRP A 170 25.73 21.30 -18.13
CA TRP A 170 24.87 22.20 -17.35
C TRP A 170 25.01 23.62 -17.88
N GLN A 171 23.94 24.41 -17.76
CA GLN A 171 24.01 25.85 -18.00
C GLN A 171 25.04 26.49 -17.08
N ASP A 172 25.66 27.58 -17.54
CA ASP A 172 26.61 28.32 -16.73
C ASP A 172 25.86 29.10 -15.64
N GLU A 173 24.81 29.82 -16.03
CA GLU A 173 24.03 30.61 -15.10
C GLU A 173 22.76 29.88 -14.64
N ALA A 174 22.69 29.62 -13.34
CA ALA A 174 21.49 29.06 -12.68
C ALA A 174 20.97 27.77 -13.34
N PRO A 175 21.78 26.70 -13.28
CA PRO A 175 21.35 25.42 -13.87
C PRO A 175 20.19 24.77 -13.12
N VAL A 176 20.22 24.85 -11.80
CA VAL A 176 19.16 24.30 -10.96
C VAL A 176 18.45 25.44 -10.24
N GLN A 177 17.14 25.56 -10.47
CA GLN A 177 16.33 26.58 -9.82
C GLN A 177 15.29 25.88 -8.96
N VAL A 178 14.93 26.50 -7.84
CA VAL A 178 13.96 25.92 -6.93
C VAL A 178 12.79 26.88 -6.79
N ALA A 179 11.58 26.35 -6.75
CA ALA A 179 10.38 27.16 -6.58
C ALA A 179 10.46 27.93 -5.27
N GLU A 180 10.00 29.19 -5.30
CA GLU A 180 10.05 30.05 -4.12
C GLU A 180 9.17 29.47 -3.01
N GLY A 181 9.68 29.50 -1.78
CA GLY A 181 8.94 29.01 -0.63
C GLY A 181 8.76 27.51 -0.57
N LEU A 182 9.61 26.76 -1.26
CA LEU A 182 9.56 25.30 -1.23
C LEU A 182 10.23 24.80 0.05
N THR A 183 9.45 24.15 0.91
CA THR A 183 9.96 23.64 2.18
C THR A 183 9.78 22.13 2.28
N LEU A 184 10.70 21.50 3.01
CA LEU A 184 10.64 20.07 3.31
C LEU A 184 10.41 19.94 4.81
N PRO A 185 9.44 19.10 5.23
CA PRO A 185 9.11 19.05 6.66
C PRO A 185 10.19 18.39 7.54
N GLN A 186 10.92 17.43 6.99
CA GLN A 186 11.96 16.70 7.74
C GLN A 186 13.37 17.22 7.51
N PHE A 187 13.60 17.92 6.39
CA PHE A 187 14.94 18.29 5.97
C PHE A 187 15.06 19.77 5.62
N LEU A 188 16.30 20.24 5.55
CA LEU A 188 16.62 21.53 4.97
C LEU A 188 17.40 21.27 3.69
N LEU A 189 16.89 21.77 2.57
CA LEU A 189 17.59 21.68 1.31
C LEU A 189 18.61 22.83 1.23
N LYS A 190 19.89 22.48 1.25
CA LYS A 190 20.95 23.47 1.25
C LYS A 190 20.98 24.21 -0.08
N GLU A 191 21.44 25.47 -0.05
CA GLU A 191 21.44 26.33 -1.21
C GLU A 191 22.46 25.86 -2.26
N GLU A 192 23.60 25.36 -1.80
CA GLU A 192 24.66 24.94 -2.70
C GLU A 192 24.40 23.53 -3.26
N LYS A 193 24.31 23.43 -4.58
CA LYS A 193 24.19 22.15 -5.27
C LYS A 193 25.48 21.88 -6.05
N ASP A 194 26.10 20.72 -5.83
CA ASP A 194 27.30 20.34 -6.58
C ASP A 194 26.92 19.88 -7.98
N LEU A 195 27.71 20.28 -8.96
CA LEU A 195 27.54 19.85 -10.34
C LEU A 195 28.80 19.12 -10.78
N ARG A 196 28.65 17.98 -11.45
CA ARG A 196 29.81 17.26 -11.97
C ARG A 196 29.45 16.30 -13.08
N TYR A 197 30.48 15.70 -13.69
CA TYR A 197 30.32 14.71 -14.74
C TYR A 197 30.31 13.29 -14.18
N CYS A 198 29.38 12.47 -14.68
CA CYS A 198 29.27 11.06 -14.30
C CYS A 198 29.55 10.16 -15.50
N THR A 199 30.36 10.63 -16.44
CA THR A 199 30.57 9.94 -17.73
C THR A 199 30.71 8.43 -17.58
N LYS A 200 29.86 7.69 -18.28
CA LYS A 200 29.77 6.25 -18.11
C LYS A 200 30.58 5.52 -19.18
N HIS A 201 31.20 4.42 -18.78
CA HIS A 201 31.89 3.52 -19.70
C HIS A 201 31.30 2.13 -19.55
N TYR A 202 30.46 1.73 -20.50
CA TYR A 202 29.90 0.38 -20.53
C TYR A 202 30.64 -0.40 -21.61
N ASN A 203 30.32 -1.69 -21.76
CA ASN A 203 30.87 -2.48 -22.87
C ASN A 203 30.30 -2.07 -24.24
N THR A 204 29.24 -1.25 -24.22
CA THR A 204 28.66 -0.70 -25.44
C THR A 204 29.27 0.65 -25.84
N GLY A 205 30.14 1.20 -24.98
CA GLY A 205 30.85 2.44 -25.30
C GLY A 205 30.81 3.47 -24.20
N LYS A 206 31.12 4.71 -24.59
CA LYS A 206 31.29 5.84 -23.67
C LYS A 206 30.13 6.82 -23.84
N PHE A 207 29.39 7.08 -22.76
CA PHE A 207 28.16 7.86 -22.83
C PHE A 207 28.18 9.08 -21.92
N THR A 208 27.72 10.21 -22.45
CA THR A 208 27.65 11.46 -21.70
C THR A 208 26.72 11.32 -20.51
N CYS A 209 27.10 11.93 -19.39
CA CYS A 209 26.33 11.88 -18.16
C CYS A 209 26.74 13.08 -17.30
N ILE A 210 25.76 13.90 -16.92
CA ILE A 210 26.00 15.00 -16.00
C ILE A 210 25.14 14.82 -14.76
N GLU A 211 25.62 15.36 -13.65
CA GLU A 211 25.10 15.03 -12.34
C GLU A 211 24.89 16.29 -11.50
N VAL A 212 23.82 16.28 -10.69
CA VAL A 212 23.62 17.31 -9.68
C VAL A 212 23.42 16.63 -8.33
N ARG A 213 24.07 17.17 -7.30
CA ARG A 213 23.99 16.62 -5.95
C ARG A 213 23.31 17.62 -5.02
N PHE A 214 22.22 17.19 -4.39
CA PHE A 214 21.52 17.99 -3.39
C PHE A 214 21.98 17.58 -2.00
N HIS A 215 22.16 18.55 -1.11
CA HIS A 215 22.54 18.27 0.26
C HIS A 215 21.36 18.50 1.20
N LEU A 216 20.95 17.43 1.86
CA LEU A 216 19.77 17.44 2.72
C LEU A 216 20.17 17.26 4.18
N GLU A 217 19.93 18.30 4.98
CA GLU A 217 20.27 18.28 6.40
C GLU A 217 19.01 17.99 7.20
N ARG A 218 19.01 16.90 7.96
CA ARG A 218 17.83 16.48 8.72
C ARG A 218 17.57 17.42 9.89
N GLN A 219 16.31 17.84 10.04
CA GLN A 219 15.91 18.74 11.11
C GLN A 219 15.84 17.98 12.44
N MET A 220 16.43 18.57 13.47
CA MET A 220 16.64 17.91 14.75
C MET A 220 15.44 17.99 15.69
N GLY A 221 14.67 19.07 15.58
CA GLY A 221 13.58 19.36 16.51
C GLY A 221 12.57 18.25 16.75
N TYR A 222 12.23 17.50 15.70
CA TYR A 222 11.29 16.38 15.83
C TYR A 222 11.79 15.32 16.80
N TYR A 223 13.10 15.05 16.75
CA TYR A 223 13.69 13.96 17.52
C TYR A 223 13.92 14.35 18.98
N LEU A 224 14.14 15.64 19.24
CA LEU A 224 14.16 16.13 20.62
C LEU A 224 12.83 15.88 21.29
N ILE A 225 11.74 16.22 20.60
CA ILE A 225 10.39 16.13 21.17
C ILE A 225 9.91 14.68 21.29
N GLN A 226 10.17 13.86 20.28
CA GLN A 226 9.57 12.51 20.24
C GLN A 226 10.53 11.38 20.62
N MET A 227 11.82 11.67 20.74
CA MET A 227 12.82 10.61 20.99
C MET A 227 13.74 10.89 22.18
N TYR A 228 14.39 12.05 22.19
CA TYR A 228 15.40 12.36 23.23
C TYR A 228 14.80 12.78 24.57
N ILE A 229 13.80 13.68 24.54
CA ILE A 229 13.13 14.09 25.78
C ILE A 229 12.39 12.93 26.47
N PRO A 230 11.61 12.13 25.72
CA PRO A 230 10.92 11.02 26.38
C PRO A 230 11.86 9.94 26.93
N SER A 231 13.07 9.84 26.39
CA SER A 231 14.08 8.94 26.96
C SER A 231 14.66 9.50 28.27
N LEU A 232 14.90 10.81 28.31
CA LEU A 232 15.26 11.50 29.55
C LEU A 232 14.24 11.25 30.66
N LEU A 233 12.96 11.34 30.29
CA LEU A 233 11.87 11.13 31.24
C LEU A 233 11.94 9.75 31.91
N ILE A 234 12.31 8.73 31.15
CA ILE A 234 12.39 7.36 31.68
C ILE A 234 13.63 7.18 32.56
N VAL A 235 14.73 7.82 32.16
CA VAL A 235 15.96 7.78 32.95
C VAL A 235 15.78 8.51 34.29
N ILE A 236 15.19 9.70 34.24
CA ILE A 236 14.87 10.46 35.44
C ILE A 236 13.88 9.70 36.34
N LEU A 237 12.94 8.98 35.73
CA LEU A 237 11.97 8.20 36.48
C LEU A 237 12.67 7.08 37.27
N SER A 238 13.70 6.46 36.68
CA SER A 238 14.43 5.38 37.35
C SER A 238 15.11 5.84 38.64
N TRP A 239 15.44 7.13 38.72
CA TRP A 239 16.14 7.69 39.89
C TRP A 239 15.26 7.89 41.11
N VAL A 240 13.94 7.97 40.92
CA VAL A 240 13.04 8.17 42.07
C VAL A 240 13.04 6.94 42.99
N SER A 241 13.44 5.80 42.45
CA SER A 241 13.69 4.59 43.25
C SER A 241 14.63 4.85 44.43
N PHE A 242 15.61 5.72 44.24
CA PHE A 242 16.62 5.99 45.28
C PHE A 242 16.11 6.80 46.47
N TRP A 243 14.95 7.43 46.31
CA TRP A 243 14.32 8.17 47.40
C TRP A 243 13.20 7.35 48.07
N ILE A 244 13.04 6.09 47.64
CA ILE A 244 12.03 5.19 48.17
C ILE A 244 12.65 4.28 49.23
N ASN A 245 11.84 3.92 50.22
CA ASN A 245 12.25 3.04 51.32
C ASN A 245 12.77 1.70 50.80
N MET A 246 13.88 1.24 51.37
CA MET A 246 14.50 -0.02 50.94
C MET A 246 13.67 -1.26 51.28
N ASP A 247 12.84 -1.17 52.31
CA ASP A 247 11.95 -2.26 52.69
C ASP A 247 10.87 -2.52 51.63
N ALA A 248 10.49 -1.49 50.88
CA ALA A 248 9.48 -1.62 49.83
C ALA A 248 10.06 -2.29 48.58
N ALA A 249 10.22 -3.61 48.64
CA ALA A 249 10.81 -4.39 47.56
C ALA A 249 9.97 -4.40 46.28
N PRO A 250 8.67 -4.72 46.38
CA PRO A 250 7.88 -4.75 45.14
C PRO A 250 7.82 -3.41 44.42
N ALA A 251 7.78 -2.31 45.17
CA ALA A 251 7.73 -0.97 44.58
C ALA A 251 9.01 -0.61 43.83
N ARG A 252 10.16 -0.81 44.47
CA ARG A 252 11.46 -0.49 43.87
C ARG A 252 11.80 -1.40 42.70
N VAL A 253 11.44 -2.69 42.79
CA VAL A 253 11.67 -3.64 41.70
C VAL A 253 10.75 -3.31 40.52
N ALA A 254 9.45 -3.20 40.78
CA ALA A 254 8.48 -2.86 39.74
C ALA A 254 8.85 -1.57 39.02
N LEU A 255 9.31 -0.57 39.78
CA LEU A 255 9.74 0.70 39.22
C LEU A 255 11.01 0.54 38.38
N GLY A 256 11.91 -0.33 38.83
CA GLY A 256 13.12 -0.65 38.09
C GLY A 256 12.87 -1.42 36.80
N ILE A 257 11.93 -2.36 36.84
CA ILE A 257 11.61 -3.18 35.67
C ILE A 257 10.92 -2.35 34.58
N THR A 258 9.84 -1.68 34.97
CA THR A 258 9.01 -0.94 34.00
C THR A 258 9.82 0.11 33.23
N THR A 259 10.79 0.74 33.89
CA THR A 259 11.69 1.68 33.22
C THR A 259 12.58 0.98 32.20
N VAL A 260 13.06 -0.22 32.53
CA VAL A 260 13.87 -1.01 31.60
C VAL A 260 13.05 -1.40 30.37
N LEU A 261 11.83 -1.90 30.59
CA LEU A 261 10.98 -2.38 29.49
C LEU A 261 10.44 -1.24 28.64
N THR A 262 10.06 -0.13 29.28
CA THR A 262 9.64 1.06 28.54
C THR A 262 10.78 1.58 27.67
N MET A 263 12.01 1.42 28.14
CA MET A 263 13.19 1.86 27.41
C MET A 263 13.51 0.98 26.20
N THR A 264 13.25 -0.33 26.31
CA THR A 264 13.45 -1.24 25.19
C THR A 264 12.44 -1.01 24.08
N THR A 265 11.17 -0.82 24.44
CA THR A 265 10.12 -0.55 23.46
C THR A 265 10.32 0.84 22.82
N GLN A 266 10.76 1.79 23.63
CA GLN A 266 11.17 3.11 23.13
C GLN A 266 12.27 2.98 22.08
N SER A 267 13.28 2.16 22.38
CA SER A 267 14.44 2.00 21.51
C SER A 267 14.09 1.27 20.21
N SER A 268 13.33 0.19 20.32
CA SER A 268 12.94 -0.60 19.15
C SER A 268 11.92 0.11 18.28
N GLY A 269 11.04 0.90 18.91
CA GLY A 269 10.04 1.69 18.18
C GLY A 269 10.63 2.79 17.32
N SER A 270 11.78 3.34 17.75
CA SER A 270 12.47 4.39 17.00
C SER A 270 13.16 3.87 15.73
N ARG A 271 13.46 2.57 15.71
CA ARG A 271 14.10 1.92 14.56
C ARG A 271 13.08 1.42 13.52
N ALA A 272 11.78 1.59 13.79
CA ALA A 272 10.73 1.05 12.93
C ALA A 272 10.65 1.73 11.57
N SER A 273 10.97 3.02 11.52
CA SER A 273 10.88 3.80 10.27
C SER A 273 12.19 3.85 9.49
N LEU A 274 13.09 2.88 9.73
CA LEU A 274 14.42 2.89 9.13
C LEU A 274 14.70 1.57 8.42
N PRO A 275 15.61 1.59 7.44
CA PRO A 275 16.01 0.35 6.78
C PRO A 275 16.88 -0.50 7.70
N LYS A 276 16.87 -1.79 7.48
CA LYS A 276 17.57 -2.73 8.36
C LYS A 276 19.07 -2.78 8.04
N VAL A 277 19.78 -1.72 8.41
CA VAL A 277 21.22 -1.62 8.18
C VAL A 277 22.01 -2.32 9.30
N SER A 278 23.22 -2.78 8.96
CA SER A 278 24.04 -3.56 9.87
C SER A 278 25.26 -2.77 10.39
N TYR A 279 25.07 -1.48 10.62
CA TYR A 279 26.09 -0.67 11.28
C TYR A 279 25.47 0.13 12.43
N VAL A 280 26.32 0.63 13.32
CA VAL A 280 25.87 1.32 14.52
C VAL A 280 25.51 2.77 14.19
N LYS A 281 24.29 3.17 14.58
CA LYS A 281 23.82 4.54 14.36
C LYS A 281 23.95 5.34 15.65
N ALA A 282 23.92 6.67 15.53
CA ALA A 282 24.07 7.55 16.69
C ALA A 282 22.92 7.42 17.69
N ILE A 283 21.72 7.10 17.18
CA ILE A 283 20.56 6.86 18.04
C ILE A 283 20.69 5.55 18.82
N ASP A 284 21.40 4.57 18.26
CA ASP A 284 21.66 3.30 18.94
C ASP A 284 22.59 3.49 20.15
N ILE A 285 23.54 4.40 20.03
CA ILE A 285 24.45 4.73 21.14
C ILE A 285 23.67 5.37 22.28
N TRP A 286 22.84 6.35 21.96
CA TRP A 286 22.02 7.05 22.95
C TRP A 286 21.11 6.09 23.71
N MET A 287 20.37 5.27 22.97
CA MET A 287 19.45 4.30 23.58
C MET A 287 20.19 3.25 24.40
N ALA A 288 21.35 2.82 23.91
CA ALA A 288 22.17 1.84 24.62
C ALA A 288 22.62 2.39 25.98
N VAL A 289 23.11 3.61 25.99
CA VAL A 289 23.60 4.24 27.22
C VAL A 289 22.44 4.56 28.17
N CYS A 290 21.35 5.09 27.63
CA CYS A 290 20.12 5.29 28.42
C CYS A 290 19.64 3.99 29.05
N LEU A 291 19.84 2.88 28.33
CA LEU A 291 19.46 1.56 28.84
C LEU A 291 20.40 1.10 29.96
N LEU A 292 21.68 1.44 29.87
CA LEU A 292 22.64 1.16 30.95
C LEU A 292 22.28 1.86 32.25
N PHE A 293 21.99 3.16 32.16
CA PHE A 293 21.65 3.97 33.34
C PHE A 293 20.36 3.50 34.02
N VAL A 294 19.40 3.04 33.22
CA VAL A 294 18.15 2.51 33.75
C VAL A 294 18.34 1.08 34.29
N PHE A 295 19.13 0.28 33.58
CA PHE A 295 19.45 -1.08 33.99
C PHE A 295 20.33 -1.10 35.25
N SER A 296 21.24 -0.14 35.38
CA SER A 296 22.09 -0.01 36.56
C SER A 296 21.30 0.38 37.80
N ALA A 297 20.26 1.21 37.61
CA ALA A 297 19.38 1.59 38.70
C ALA A 297 18.66 0.38 39.31
N LEU A 298 18.36 -0.63 38.49
CA LEU A 298 17.76 -1.87 38.98
C LEU A 298 18.81 -2.74 39.67
N LEU A 299 20.00 -2.84 39.08
CA LEU A 299 21.12 -3.55 39.72
C LEU A 299 21.55 -2.88 41.01
N GLU A 300 21.33 -1.57 41.12
CA GLU A 300 21.61 -0.83 42.34
C GLU A 300 20.77 -1.38 43.49
N TYR A 301 19.48 -1.64 43.22
CA TYR A 301 18.61 -2.19 44.26
C TYR A 301 18.90 -3.67 44.55
N ALA A 302 19.34 -4.42 43.55
CA ALA A 302 19.79 -5.80 43.78
C ALA A 302 20.88 -5.82 44.85
N ALA A 303 21.82 -4.87 44.76
CA ALA A 303 22.86 -4.72 45.76
C ALA A 303 22.29 -4.30 47.12
N VAL A 304 21.41 -3.31 47.12
CA VAL A 304 20.79 -2.80 48.36
C VAL A 304 19.98 -3.88 49.06
N ASN A 305 19.23 -4.67 48.29
CA ASN A 305 18.42 -5.75 48.84
C ASN A 305 19.27 -6.92 49.33
N PHE A 306 20.42 -7.13 48.71
CA PHE A 306 21.28 -8.28 49.03
C PHE A 306 22.17 -8.03 50.25
N VAL A 307 22.78 -6.85 50.34
CA VAL A 307 23.65 -6.55 51.48
C VAL A 307 22.86 -6.34 52.78
N SER A 308 21.58 -6.00 52.66
CA SER A 308 20.71 -5.76 53.80
C SER A 308 19.87 -6.98 54.22
N ARG A 309 20.30 -8.19 53.84
CA ARG A 309 19.55 -9.42 54.15
C ARG A 309 19.21 -9.53 55.63
N ALA A 310 20.23 -9.67 56.47
CA ALA A 310 20.04 -9.71 57.92
C ALA A 310 19.74 -8.30 58.42
N GLY A 311 18.73 -8.17 59.28
CA GLY A 311 18.26 -6.85 59.72
C GLY A 311 19.16 -6.11 60.70
N THR A 312 20.43 -6.49 60.78
CA THR A 312 21.39 -5.85 61.67
C THR A 312 21.68 -4.43 61.21
N LYS A 313 21.76 -3.49 62.16
CA LYS A 313 21.96 -2.07 61.87
C LYS A 313 23.18 -1.79 60.99
N VAL A 314 24.24 -2.55 61.17
CA VAL A 314 25.47 -2.39 60.40
C VAL A 314 25.25 -2.50 58.88
N PHE A 315 24.41 -3.44 58.46
CA PHE A 315 24.13 -3.65 57.03
C PHE A 315 23.03 -2.74 56.50
N ILE A 316 22.02 -2.47 57.33
CA ILE A 316 20.92 -1.58 56.95
C ILE A 316 21.45 -0.17 56.65
N ASP A 317 22.44 0.27 57.43
CA ASP A 317 23.11 1.54 57.19
C ASP A 317 24.06 1.45 55.99
N ARG A 318 24.75 0.32 55.87
CA ARG A 318 25.66 0.07 54.73
C ARG A 318 24.90 0.08 53.40
N ALA A 319 23.71 -0.52 53.39
CA ALA A 319 22.81 -0.48 52.24
C ALA A 319 22.28 0.94 52.02
N LYS A 320 21.97 1.64 53.11
CA LYS A 320 21.54 3.04 53.05
C LYS A 320 22.57 3.97 52.43
N LYS A 321 23.85 3.64 52.61
CA LYS A 321 24.95 4.44 52.03
C LYS A 321 24.97 4.39 50.51
N ILE A 322 24.58 3.25 49.94
CA ILE A 322 24.56 3.08 48.48
C ILE A 322 23.56 4.04 47.82
N ASP A 323 22.37 4.14 48.41
CA ASP A 323 21.32 5.04 47.89
C ASP A 323 21.73 6.51 47.91
N THR A 324 22.39 6.93 49.00
CA THR A 324 22.84 8.31 49.15
C THR A 324 23.92 8.68 48.14
N ILE A 325 24.79 7.73 47.81
CA ILE A 325 25.80 7.93 46.77
C ILE A 325 25.14 7.92 45.38
N SER A 326 24.26 6.95 45.16
CA SER A 326 23.57 6.80 43.87
C SER A 326 22.69 8.01 43.53
N ARG A 327 22.07 8.60 44.55
CA ARG A 327 21.23 9.80 44.37
C ARG A 327 21.98 10.98 43.72
N ALA A 328 23.28 11.08 43.97
CA ALA A 328 24.12 12.13 43.40
C ALA A 328 24.93 11.67 42.19
N CYS A 329 25.32 10.39 42.17
CA CYS A 329 26.26 9.89 41.16
C CYS A 329 25.64 9.64 39.77
N PHE A 330 24.43 9.09 39.72
CA PHE A 330 23.80 8.82 38.42
C PHE A 330 23.35 10.10 37.71
N PRO A 331 22.70 11.03 38.42
CA PRO A 331 22.43 12.34 37.80
C PRO A 331 23.70 13.04 37.32
N LEU A 332 24.79 12.90 38.07
CA LEU A 332 26.09 13.44 37.68
C LEU A 332 26.62 12.71 36.44
N ALA A 333 26.67 11.37 36.53
CA ALA A 333 27.20 10.54 35.44
C ALA A 333 26.41 10.69 34.14
N PHE A 334 25.09 10.86 34.27
CA PHE A 334 24.23 11.06 33.10
C PHE A 334 24.45 12.43 32.47
N LEU A 335 24.69 13.44 33.30
CA LEU A 335 25.01 14.78 32.82
C LEU A 335 26.36 14.79 32.11
N ILE A 336 27.33 14.06 32.67
CA ILE A 336 28.65 13.91 32.03
C ILE A 336 28.53 13.23 30.67
N PHE A 337 27.64 12.23 30.57
CA PHE A 337 27.41 11.53 29.31
C PHE A 337 26.84 12.46 28.22
N ASN A 338 25.86 13.26 28.59
CA ASN A 338 25.25 14.22 27.66
C ASN A 338 26.23 15.28 27.18
N ILE A 339 27.12 15.72 28.06
CA ILE A 339 28.19 16.63 27.67
C ILE A 339 29.00 16.00 26.54
N PHE A 340 29.48 14.78 26.76
CA PHE A 340 30.25 14.05 25.73
C PHE A 340 29.42 13.85 24.46
N TYR A 341 28.24 13.27 24.61
CA TYR A 341 27.39 12.89 23.47
C TYR A 341 27.09 14.07 22.54
N TRP A 342 26.50 15.13 23.08
CA TRP A 342 26.10 16.29 22.28
C TRP A 342 27.30 17.05 21.69
N VAL A 343 28.44 17.02 22.37
CA VAL A 343 29.66 17.66 21.85
C VAL A 343 30.23 16.89 20.67
N ILE A 344 30.19 15.55 20.73
CA ILE A 344 30.73 14.71 19.66
C ILE A 344 29.98 14.93 18.34
N TYR A 345 28.64 14.90 18.38
CA TYR A 345 27.82 15.06 17.17
C TYR A 345 27.47 16.51 16.87
N ALA B 6 29.89 10.94 -54.15
CA ALA B 6 29.29 11.29 -52.82
C ALA B 6 28.54 10.08 -52.22
N PRO B 7 28.65 9.90 -50.89
CA PRO B 7 27.96 8.79 -50.25
C PRO B 7 26.44 8.96 -50.21
N MET B 8 25.75 7.83 -50.06
CA MET B 8 24.29 7.77 -50.03
C MET B 8 23.71 8.46 -48.78
N SER B 9 22.61 9.18 -48.95
CA SER B 9 21.98 9.87 -47.82
C SER B 9 21.40 8.86 -46.84
N PRO B 10 21.45 9.15 -45.52
CA PRO B 10 20.93 8.21 -44.53
C PRO B 10 19.46 7.84 -44.74
N SER B 11 18.65 8.82 -45.14
CA SER B 11 17.23 8.58 -45.42
C SER B 11 17.05 7.52 -46.50
N ASP B 12 17.75 7.70 -47.63
CA ASP B 12 17.71 6.73 -48.74
C ASP B 12 18.26 5.37 -48.33
N PHE B 13 19.33 5.37 -47.53
CA PHE B 13 19.96 4.15 -47.08
C PHE B 13 19.02 3.30 -46.21
N LEU B 14 18.38 3.95 -45.24
CA LEU B 14 17.44 3.25 -44.36
C LEU B 14 16.24 2.73 -45.13
N ASP B 15 15.77 3.50 -46.10
CA ASP B 15 14.67 3.09 -46.96
C ASP B 15 15.00 1.81 -47.76
N LYS B 16 16.23 1.72 -48.26
CA LYS B 16 16.67 0.57 -49.05
C LYS B 16 17.05 -0.65 -48.19
N LEU B 17 17.47 -0.42 -46.94
CA LEU B 17 17.93 -1.50 -46.07
C LEU B 17 16.79 -2.19 -45.33
N MET B 18 15.87 -1.39 -44.80
CA MET B 18 14.75 -1.92 -44.00
C MET B 18 13.40 -1.22 -44.22
N GLY B 19 13.35 -0.22 -45.09
CA GLY B 19 12.14 0.58 -45.30
C GLY B 19 11.32 0.14 -46.51
N ARG B 20 10.57 1.07 -47.08
CA ARG B 20 9.63 0.79 -48.18
C ARG B 20 10.27 0.04 -49.34
N THR B 21 11.38 0.57 -49.86
CA THR B 21 12.03 0.00 -51.03
C THR B 21 12.89 -1.24 -50.75
N SER B 22 13.03 -1.62 -49.49
CA SER B 22 13.93 -2.70 -49.07
C SER B 22 13.41 -4.11 -49.38
N GLY B 23 12.10 -4.29 -49.28
CA GLY B 23 11.50 -5.62 -49.36
C GLY B 23 11.79 -6.46 -48.11
N TYR B 24 12.22 -5.79 -47.03
CA TYR B 24 12.53 -6.45 -45.78
C TYR B 24 11.23 -6.78 -45.06
N ASP B 25 11.15 -7.99 -44.52
CA ASP B 25 9.98 -8.44 -43.77
C ASP B 25 10.40 -8.84 -42.35
N ALA B 26 10.01 -8.05 -41.36
CA ALA B 26 10.36 -8.31 -39.98
C ALA B 26 9.67 -9.55 -39.40
N ARG B 27 8.66 -10.08 -40.10
CA ARG B 27 7.98 -11.30 -39.67
C ARG B 27 8.76 -12.56 -40.01
N ILE B 28 9.83 -12.42 -40.81
CA ILE B 28 10.69 -13.54 -41.16
C ILE B 28 12.02 -13.40 -40.41
N ARG B 29 12.46 -14.48 -39.78
CA ARG B 29 13.72 -14.46 -39.02
C ARG B 29 14.92 -14.56 -39.96
N PRO B 30 16.10 -14.11 -39.50
CA PRO B 30 17.34 -14.33 -40.24
C PRO B 30 17.63 -15.81 -40.45
N ASN B 31 18.15 -16.15 -41.63
CA ASN B 31 18.42 -17.55 -41.99
C ASN B 31 17.18 -18.43 -41.79
N PHE B 32 16.07 -17.96 -42.35
CA PHE B 32 14.75 -18.54 -42.07
C PHE B 32 14.59 -20.01 -42.48
N LYS B 33 15.19 -20.40 -43.60
CA LYS B 33 15.16 -21.81 -44.00
C LYS B 33 16.34 -22.61 -43.48
N GLY B 34 17.25 -21.96 -42.75
CA GLY B 34 18.49 -22.59 -42.31
C GLY B 34 18.51 -22.87 -40.81
N PRO B 35 19.71 -22.83 -40.21
CA PRO B 35 19.87 -23.14 -38.78
C PRO B 35 19.35 -22.03 -37.86
N PRO B 36 19.23 -22.32 -36.54
CA PRO B 36 18.62 -21.37 -35.62
C PRO B 36 19.41 -20.09 -35.48
N VAL B 37 18.74 -18.99 -35.14
CA VAL B 37 19.41 -17.74 -34.87
C VAL B 37 20.11 -17.86 -33.51
N ASN B 38 21.39 -17.50 -33.48
CA ASN B 38 22.18 -17.52 -32.25
C ASN B 38 22.21 -16.14 -31.62
N VAL B 39 21.44 -15.97 -30.54
CA VAL B 39 21.40 -14.70 -29.83
C VAL B 39 22.31 -14.76 -28.60
N THR B 40 23.29 -13.86 -28.56
CA THR B 40 24.23 -13.78 -27.45
C THR B 40 23.77 -12.69 -26.49
N CYS B 41 23.50 -13.06 -25.24
CA CYS B 41 22.97 -12.13 -24.25
C CYS B 41 24.01 -11.71 -23.21
N ASN B 42 23.89 -10.46 -22.75
CA ASN B 42 24.63 -9.98 -21.58
C ASN B 42 23.80 -8.90 -20.88
N ILE B 43 23.95 -8.79 -19.57
CA ILE B 43 23.18 -7.81 -18.80
C ILE B 43 24.08 -6.91 -17.97
N PHE B 44 23.71 -5.65 -17.85
CA PHE B 44 24.36 -4.71 -16.95
C PHE B 44 23.37 -4.38 -15.84
N ILE B 45 23.73 -4.69 -14.60
CA ILE B 45 22.85 -4.46 -13.47
C ILE B 45 23.06 -3.06 -12.93
N ASN B 46 22.11 -2.19 -13.24
CA ASN B 46 22.15 -0.79 -12.83
C ASN B 46 21.72 -0.61 -11.39
N SER B 47 20.82 -1.47 -10.95
CA SER B 47 20.24 -1.40 -9.61
C SER B 47 19.73 -2.78 -9.19
N PHE B 48 19.85 -3.08 -7.90
CA PHE B 48 19.51 -4.40 -7.36
C PHE B 48 19.00 -4.18 -5.94
N GLY B 49 17.74 -4.53 -5.67
CA GLY B 49 17.15 -4.28 -4.37
C GLY B 49 15.72 -4.75 -4.19
N SER B 50 15.01 -4.08 -3.30
CA SER B 50 13.66 -4.47 -2.88
C SER B 50 13.55 -5.98 -2.68
N ILE B 51 14.51 -6.55 -1.96
CA ILE B 51 14.54 -7.99 -1.72
C ILE B 51 13.58 -8.31 -0.57
N ALA B 52 12.40 -8.81 -0.91
CA ALA B 52 11.34 -9.03 0.05
C ALA B 52 11.18 -10.51 0.40
N GLU B 53 11.30 -10.84 1.68
CA GLU B 53 11.08 -12.21 2.15
C GLU B 53 9.59 -12.55 2.11
N THR B 54 8.75 -11.57 2.47
CA THR B 54 7.29 -11.78 2.56
C THR B 54 6.68 -12.18 1.23
N THR B 55 6.93 -11.38 0.21
CA THR B 55 6.41 -11.65 -1.14
C THR B 55 7.35 -12.56 -1.94
N MET B 56 8.55 -12.81 -1.41
CA MET B 56 9.45 -13.83 -1.94
C MET B 56 9.96 -13.46 -3.34
N ASP B 57 10.44 -12.23 -3.48
CA ASP B 57 10.88 -11.70 -4.76
C ASP B 57 11.92 -10.58 -4.59
N TYR B 58 12.46 -10.11 -5.70
CA TYR B 58 13.41 -8.99 -5.68
C TYR B 58 13.29 -8.16 -6.95
N ARG B 59 13.74 -6.92 -6.88
CA ARG B 59 13.63 -5.99 -7.99
C ARG B 59 15.00 -5.67 -8.56
N VAL B 60 15.06 -5.50 -9.87
CA VAL B 60 16.32 -5.21 -10.53
C VAL B 60 16.08 -4.23 -11.69
N ASN B 61 17.05 -3.33 -11.91
CA ASN B 61 17.05 -2.46 -13.08
C ASN B 61 18.27 -2.81 -13.91
N ILE B 62 18.04 -3.19 -15.17
CA ILE B 62 19.13 -3.69 -16.02
C ILE B 62 19.12 -3.08 -17.41
N PHE B 63 20.29 -3.12 -18.05
CA PHE B 63 20.36 -2.98 -19.50
C PHE B 63 20.53 -4.38 -20.04
N LEU B 64 19.53 -4.84 -20.80
CA LEU B 64 19.59 -6.14 -21.46
C LEU B 64 20.16 -5.96 -22.87
N ARG B 65 21.33 -6.54 -23.11
CA ARG B 65 21.96 -6.52 -24.44
C ARG B 65 21.70 -7.83 -25.17
N GLN B 66 21.30 -7.73 -26.43
CA GLN B 66 21.11 -8.90 -27.29
C GLN B 66 21.90 -8.71 -28.56
N LYS B 67 22.66 -9.74 -28.93
CA LYS B 67 23.45 -9.73 -30.16
C LYS B 67 23.09 -10.90 -31.06
N TRP B 68 22.92 -10.64 -32.36
CA TRP B 68 22.66 -11.68 -33.34
C TRP B 68 23.00 -11.17 -34.74
N ASN B 69 23.04 -12.09 -35.70
CA ASN B 69 23.34 -11.74 -37.08
C ASN B 69 22.11 -11.80 -37.97
N ASP B 70 21.85 -10.70 -38.68
CA ASP B 70 20.84 -10.65 -39.73
C ASP B 70 21.52 -10.29 -41.05
N PRO B 71 21.75 -11.29 -41.94
CA PRO B 71 22.42 -11.00 -43.21
C PRO B 71 21.72 -9.95 -44.08
N ARG B 72 20.40 -9.81 -43.93
CA ARG B 72 19.66 -8.77 -44.67
C ARG B 72 20.07 -7.34 -44.31
N LEU B 73 20.72 -7.15 -43.16
CA LEU B 73 21.14 -5.83 -42.69
C LEU B 73 22.63 -5.54 -42.93
N ALA B 74 23.33 -6.41 -43.66
CA ALA B 74 24.70 -6.14 -44.05
C ALA B 74 24.73 -4.98 -45.04
N TYR B 75 25.75 -4.13 -44.94
CA TYR B 75 25.86 -2.94 -45.77
C TYR B 75 27.29 -2.71 -46.27
N SER B 76 27.40 -2.04 -47.40
CA SER B 76 28.69 -1.66 -47.98
C SER B 76 28.77 -0.18 -48.35
N GLU B 77 27.73 0.60 -48.05
CA GLU B 77 27.63 1.96 -48.54
C GLU B 77 28.51 2.92 -47.77
N TYR B 78 28.84 2.55 -46.54
CA TYR B 78 29.71 3.37 -45.69
C TYR B 78 30.88 2.54 -45.18
N PRO B 79 32.05 3.18 -44.98
CA PRO B 79 33.24 2.49 -44.48
C PRO B 79 33.19 2.18 -42.97
N ASP B 80 32.21 2.75 -42.26
CA ASP B 80 32.13 2.62 -40.80
C ASP B 80 31.92 1.17 -40.39
N ASP B 81 32.65 0.72 -39.37
CA ASP B 81 32.52 -0.63 -38.85
C ASP B 81 31.09 -0.91 -38.38
N SER B 82 30.47 0.11 -37.78
CA SER B 82 29.08 0.01 -37.33
C SER B 82 28.35 1.34 -37.50
N LEU B 83 27.02 1.27 -37.40
CA LEU B 83 26.16 2.44 -37.47
C LEU B 83 25.22 2.46 -36.28
N ASP B 84 25.15 3.61 -35.62
CA ASP B 84 24.21 3.81 -34.52
C ASP B 84 22.90 4.36 -35.07
N LEU B 85 21.85 3.54 -35.01
CA LEU B 85 20.56 3.90 -35.61
C LEU B 85 19.58 4.44 -34.59
N ASP B 86 18.69 5.31 -35.05
CA ASP B 86 17.60 5.81 -34.22
C ASP B 86 16.73 4.62 -33.81
N PRO B 87 16.39 4.52 -32.51
CA PRO B 87 15.67 3.33 -32.02
C PRO B 87 14.28 3.13 -32.60
N SER B 88 13.71 4.14 -33.25
CA SER B 88 12.44 3.97 -33.94
C SER B 88 12.53 2.93 -35.06
N MET B 89 13.74 2.67 -35.55
CA MET B 89 13.96 1.64 -36.56
C MET B 89 13.87 0.21 -36.03
N LEU B 90 13.80 0.05 -34.70
CA LEU B 90 13.60 -1.28 -34.11
C LEU B 90 12.27 -1.90 -34.51
N ASP B 91 11.26 -1.07 -34.76
CA ASP B 91 9.96 -1.56 -35.20
C ASP B 91 10.02 -2.14 -36.61
N SER B 92 11.01 -1.73 -37.40
CA SER B 92 11.16 -2.18 -38.78
C SER B 92 11.98 -3.46 -38.97
N ILE B 93 12.72 -3.89 -37.95
CA ILE B 93 13.57 -5.08 -38.07
C ILE B 93 13.05 -6.24 -37.24
N TRP B 94 13.45 -7.45 -37.60
CA TRP B 94 13.18 -8.64 -36.80
C TRP B 94 14.05 -8.58 -35.55
N LYS B 95 13.52 -9.09 -34.44
CA LYS B 95 14.30 -9.23 -33.22
C LYS B 95 13.73 -10.35 -32.36
N PRO B 96 14.57 -10.91 -31.46
CA PRO B 96 14.12 -12.04 -30.65
C PRO B 96 12.97 -11.70 -29.71
N ASP B 97 12.18 -12.70 -29.35
CA ASP B 97 11.04 -12.51 -28.44
C ASP B 97 11.41 -12.93 -27.01
N LEU B 98 12.48 -12.35 -26.49
CA LEU B 98 12.99 -12.70 -25.17
C LEU B 98 12.03 -12.22 -24.09
N PHE B 99 11.66 -13.13 -23.20
CA PHE B 99 10.89 -12.78 -22.01
C PHE B 99 11.56 -13.41 -20.78
N PHE B 100 11.21 -12.91 -19.60
CA PHE B 100 11.78 -13.40 -18.36
C PHE B 100 10.80 -14.33 -17.68
N ALA B 101 11.17 -15.61 -17.60
CA ALA B 101 10.23 -16.66 -17.19
C ALA B 101 9.73 -16.50 -15.76
N ASN B 102 10.59 -16.01 -14.87
CA ASN B 102 10.24 -15.83 -13.46
C ASN B 102 9.92 -14.38 -13.11
N GLU B 103 9.46 -13.63 -14.10
CA GLU B 103 9.11 -12.22 -13.92
C GLU B 103 7.67 -12.09 -13.39
N LYS B 104 7.52 -11.37 -12.29
CA LYS B 104 6.22 -11.05 -11.71
C LYS B 104 5.73 -9.69 -12.19
N GLY B 105 6.66 -8.78 -12.44
CA GLY B 105 6.35 -7.48 -13.03
C GLY B 105 7.53 -7.01 -13.87
N ALA B 106 7.25 -6.25 -14.92
CA ALA B 106 8.30 -5.77 -15.81
C ALA B 106 7.80 -4.57 -16.59
N ASN B 107 8.67 -3.58 -16.79
CA ASN B 107 8.31 -2.44 -17.62
C ASN B 107 9.50 -1.84 -18.35
N PHE B 108 9.19 -1.19 -19.47
CA PHE B 108 10.16 -0.43 -20.24
C PHE B 108 10.32 0.94 -19.60
N HIS B 109 11.20 1.76 -20.16
CA HIS B 109 11.46 3.10 -19.68
C HIS B 109 11.39 4.07 -20.84
N GLU B 110 10.44 4.99 -20.77
CA GLU B 110 10.12 5.86 -21.90
C GLU B 110 10.43 7.33 -21.66
N VAL B 111 11.07 7.66 -20.54
CA VAL B 111 11.44 9.03 -20.22
C VAL B 111 12.95 9.23 -20.43
N THR B 112 13.38 10.29 -21.13
CA THR B 112 12.51 11.24 -21.83
C THR B 112 12.13 10.73 -23.22
N THR B 113 12.83 9.70 -23.68
CA THR B 113 12.47 8.98 -24.90
C THR B 113 12.66 7.50 -24.60
N ASP B 114 12.36 6.63 -25.55
CA ASP B 114 12.52 5.19 -25.33
C ASP B 114 13.97 4.89 -24.97
N ASN B 115 14.17 4.23 -23.83
CA ASN B 115 15.50 3.87 -23.35
C ASN B 115 15.97 2.62 -24.12
N LYS B 116 16.33 2.82 -25.38
CA LYS B 116 16.71 1.74 -26.29
C LYS B 116 17.90 2.14 -27.15
N LEU B 117 18.64 1.13 -27.60
CA LEU B 117 19.85 1.35 -28.39
C LEU B 117 19.89 0.34 -29.53
N LEU B 118 20.11 0.80 -30.75
CA LEU B 118 20.23 -0.08 -31.92
C LEU B 118 21.48 0.24 -32.71
N ARG B 119 22.35 -0.76 -32.83
CA ARG B 119 23.60 -0.61 -33.55
C ARG B 119 23.74 -1.76 -34.53
N ILE B 120 24.06 -1.46 -35.79
CA ILE B 120 24.26 -2.49 -36.81
C ILE B 120 25.69 -2.45 -37.36
N PHE B 121 26.21 -3.62 -37.72
CA PHE B 121 27.58 -3.75 -38.21
C PHE B 121 27.61 -4.11 -39.69
N LYS B 122 28.76 -3.88 -40.33
CA LYS B 122 28.96 -4.17 -41.77
C LYS B 122 28.43 -5.54 -42.19
N ASN B 123 28.77 -6.57 -41.42
CA ASN B 123 28.42 -7.94 -41.74
C ASN B 123 26.99 -8.36 -41.37
N GLY B 124 26.19 -7.41 -40.87
CA GLY B 124 24.79 -7.68 -40.52
C GLY B 124 24.55 -8.01 -39.05
N ASN B 125 25.60 -7.94 -38.22
CA ASN B 125 25.43 -8.13 -36.79
C ASN B 125 24.62 -6.98 -36.20
N VAL B 126 23.79 -7.31 -35.22
CA VAL B 126 22.95 -6.34 -34.56
C VAL B 126 23.28 -6.34 -33.08
N LEU B 127 23.38 -5.15 -32.50
CA LEU B 127 23.43 -4.98 -31.05
C LEU B 127 22.17 -4.24 -30.64
N TYR B 128 21.44 -4.81 -29.70
CA TYR B 128 20.17 -4.26 -29.26
C TYR B 128 20.17 -4.22 -27.74
N SER B 129 20.21 -3.02 -27.18
CA SER B 129 20.18 -2.85 -25.74
C SER B 129 18.90 -2.13 -25.32
N ILE B 130 18.28 -2.62 -24.27
CA ILE B 130 17.05 -2.01 -23.75
C ILE B 130 17.08 -1.99 -22.22
N ARG B 131 16.65 -0.88 -21.64
CA ARG B 131 16.60 -0.73 -20.20
C ARG B 131 15.27 -1.27 -19.69
N LEU B 132 15.35 -2.14 -18.68
CA LEU B 132 14.16 -2.76 -18.10
C LEU B 132 14.22 -2.73 -16.58
N THR B 133 13.07 -2.53 -15.96
CA THR B 133 12.90 -2.82 -14.55
C THR B 133 12.13 -4.12 -14.45
N LEU B 134 12.61 -5.04 -13.63
CA LEU B 134 12.00 -6.36 -13.47
C LEU B 134 11.82 -6.67 -12.00
N THR B 135 10.65 -7.19 -11.64
CA THR B 135 10.42 -7.81 -10.35
C THR B 135 10.41 -9.31 -10.56
N LEU B 136 11.42 -9.99 -10.04
CA LEU B 136 11.62 -11.41 -10.28
C LEU B 136 11.35 -12.21 -9.02
N SER B 137 10.73 -13.38 -9.17
CA SER B 137 10.42 -14.24 -8.04
C SER B 137 11.68 -14.98 -7.59
N CYS B 138 11.88 -15.04 -6.28
CA CYS B 138 13.05 -15.69 -5.68
C CYS B 138 12.56 -16.51 -4.48
N PRO B 139 12.20 -17.78 -4.70
CA PRO B 139 11.84 -18.68 -3.60
C PRO B 139 12.98 -18.81 -2.60
N MET B 140 12.68 -18.60 -1.32
CA MET B 140 13.71 -18.54 -0.28
C MET B 140 13.63 -19.68 0.72
N ASP B 141 14.78 -20.16 1.14
CA ASP B 141 14.89 -21.13 2.22
C ASP B 141 15.38 -20.37 3.47
N LEU B 142 14.50 -20.24 4.45
CA LEU B 142 14.79 -19.45 5.64
C LEU B 142 15.16 -20.30 6.87
N LYS B 143 15.54 -21.56 6.65
CA LYS B 143 15.93 -22.45 7.75
C LYS B 143 17.00 -21.84 8.66
N ASN B 144 17.99 -21.19 8.06
CA ASN B 144 19.11 -20.61 8.81
C ASN B 144 18.99 -19.12 9.09
N PHE B 145 17.79 -18.54 8.88
CA PHE B 145 17.56 -17.12 9.12
C PHE B 145 17.78 -16.78 10.60
N PRO B 146 18.51 -15.69 10.92
CA PRO B 146 18.99 -14.69 9.98
C PRO B 146 20.44 -14.86 9.51
N MET B 147 20.97 -16.08 9.57
CA MET B 147 22.30 -16.38 9.05
C MET B 147 22.19 -17.12 7.72
N ASP B 148 21.10 -16.86 6.99
CA ASP B 148 20.79 -17.57 5.75
C ASP B 148 21.50 -16.97 4.55
N VAL B 149 21.65 -17.78 3.51
CA VAL B 149 22.19 -17.33 2.22
C VAL B 149 21.18 -17.72 1.13
N GLN B 150 20.86 -16.78 0.26
CA GLN B 150 19.79 -16.97 -0.72
C GLN B 150 20.31 -16.98 -2.15
N THR B 151 19.69 -17.81 -2.99
CA THR B 151 20.02 -17.89 -4.41
C THR B 151 18.83 -17.38 -5.21
N CYS B 152 18.99 -16.19 -5.79
CA CYS B 152 17.95 -15.59 -6.63
C CYS B 152 18.33 -15.72 -8.09
N ILE B 153 17.41 -16.23 -8.89
CA ILE B 153 17.69 -16.53 -10.30
C ILE B 153 17.00 -15.55 -11.24
N MET B 154 17.37 -15.63 -12.50
CA MET B 154 16.82 -14.79 -13.56
C MET B 154 16.88 -15.58 -14.85
N GLN B 155 15.72 -15.95 -15.38
CA GLN B 155 15.62 -16.80 -16.57
C GLN B 155 15.24 -16.00 -17.81
N LEU B 156 16.09 -16.06 -18.85
CA LEU B 156 15.83 -15.43 -20.14
C LEU B 156 15.37 -16.49 -21.13
N GLU B 157 14.14 -16.40 -21.60
CA GLU B 157 13.50 -17.46 -22.38
C GLU B 157 12.84 -16.93 -23.66
N SER B 158 12.68 -17.80 -24.65
CA SER B 158 11.90 -17.48 -25.85
C SER B 158 10.48 -18.00 -25.69
N PHE B 159 9.50 -17.14 -25.97
CA PHE B 159 8.10 -17.53 -25.81
C PHE B 159 7.56 -18.28 -27.03
N GLY B 160 7.93 -17.85 -28.23
CA GLY B 160 7.32 -18.33 -29.46
C GLY B 160 8.19 -19.14 -30.40
N TYR B 161 9.52 -19.02 -30.29
CA TYR B 161 10.44 -19.74 -31.17
C TYR B 161 10.96 -21.00 -30.49
N THR B 162 10.86 -22.14 -31.17
CA THR B 162 11.43 -23.39 -30.67
C THR B 162 12.93 -23.44 -30.96
N MET B 163 13.61 -24.43 -30.38
CA MET B 163 15.08 -24.52 -30.42
C MET B 163 15.67 -24.63 -31.83
N ASN B 164 14.88 -25.14 -32.78
CA ASN B 164 15.31 -25.20 -34.18
C ASN B 164 15.33 -23.84 -34.89
N ASP B 165 14.62 -22.87 -34.34
CA ASP B 165 14.57 -21.51 -34.91
C ASP B 165 15.33 -20.46 -34.11
N LEU B 166 15.46 -20.64 -32.79
CA LEU B 166 16.06 -19.62 -31.92
C LEU B 166 16.74 -20.23 -30.69
N ILE B 167 18.00 -19.85 -30.48
CA ILE B 167 18.80 -20.32 -29.35
C ILE B 167 19.43 -19.13 -28.62
N PHE B 168 19.33 -19.11 -27.29
CA PHE B 168 19.99 -18.10 -26.46
C PHE B 168 21.29 -18.64 -25.88
N GLU B 169 22.19 -17.72 -25.57
CA GLU B 169 23.54 -18.06 -25.10
C GLU B 169 24.14 -16.85 -24.39
N TRP B 170 24.79 -17.07 -23.24
CA TRP B 170 25.48 -15.99 -22.56
C TRP B 170 26.78 -15.65 -23.32
N GLN B 171 27.19 -14.39 -23.24
CA GLN B 171 28.52 -13.99 -23.71
C GLN B 171 29.61 -14.79 -22.99
N ASP B 172 30.73 -15.00 -23.67
CA ASP B 172 31.87 -15.67 -23.05
C ASP B 172 32.56 -14.75 -22.05
N GLU B 173 32.83 -13.51 -22.47
CA GLU B 173 33.49 -12.52 -21.62
C GLU B 173 32.48 -11.58 -20.95
N ALA B 174 32.45 -11.62 -19.61
CA ALA B 174 31.67 -10.68 -18.79
C ALA B 174 30.19 -10.59 -19.19
N PRO B 175 29.45 -11.71 -19.03
CA PRO B 175 28.02 -11.71 -19.37
C PRO B 175 27.18 -10.82 -18.43
N VAL B 176 27.50 -10.86 -17.14
CA VAL B 176 26.80 -10.06 -16.14
C VAL B 176 27.76 -9.04 -15.55
N GLN B 177 27.42 -7.76 -15.67
CA GLN B 177 28.22 -6.67 -15.13
C GLN B 177 27.40 -5.93 -14.11
N VAL B 178 28.05 -5.42 -13.08
CA VAL B 178 27.37 -4.71 -12.00
C VAL B 178 27.92 -3.30 -11.92
N ALA B 179 27.04 -2.33 -11.69
CA ALA B 179 27.45 -0.93 -11.56
C ALA B 179 28.43 -0.78 -10.40
N GLU B 180 29.45 0.05 -10.60
CA GLU B 180 30.47 0.26 -9.56
C GLU B 180 29.85 0.88 -8.32
N GLY B 181 30.24 0.38 -7.16
CA GLY B 181 29.75 0.89 -5.88
C GLY B 181 28.29 0.57 -5.58
N LEU B 182 27.76 -0.46 -6.21
CA LEU B 182 26.38 -0.88 -5.95
C LEU B 182 26.35 -1.70 -4.66
N THR B 183 25.64 -1.19 -3.65
CA THR B 183 25.54 -1.87 -2.37
C THR B 183 24.09 -2.18 -2.01
N LEU B 184 23.91 -3.27 -1.27
CA LEU B 184 22.62 -3.67 -0.75
C LEU B 184 22.68 -3.53 0.77
N PRO B 185 21.66 -2.89 1.38
CA PRO B 185 21.75 -2.63 2.83
C PRO B 185 21.62 -3.88 3.71
N GLN B 186 20.85 -4.87 3.27
CA GLN B 186 20.63 -6.10 4.04
C GLN B 186 21.52 -7.27 3.63
N PHE B 187 22.05 -7.24 2.40
CA PHE B 187 22.76 -8.39 1.83
C PHE B 187 24.11 -8.01 1.24
N LEU B 188 24.93 -9.03 1.01
CA LEU B 188 26.13 -8.91 0.21
C LEU B 188 25.92 -9.71 -1.06
N LEU B 189 26.04 -9.03 -2.21
CA LEU B 189 25.96 -9.71 -3.50
C LEU B 189 27.33 -10.30 -3.82
N LYS B 190 27.40 -11.62 -3.86
CA LYS B 190 28.67 -12.31 -4.09
C LYS B 190 29.14 -12.07 -5.52
N GLU B 191 30.47 -12.09 -5.71
CA GLU B 191 31.08 -11.79 -7.00
C GLU B 191 30.78 -12.88 -8.04
N GLU B 192 30.74 -14.13 -7.60
CA GLU B 192 30.51 -15.26 -8.50
C GLU B 192 29.03 -15.43 -8.81
N LYS B 193 28.68 -15.35 -10.10
CA LYS B 193 27.33 -15.64 -10.58
C LYS B 193 27.34 -16.93 -11.41
N ASP B 194 26.50 -17.89 -11.06
CA ASP B 194 26.40 -19.13 -11.83
C ASP B 194 25.61 -18.88 -13.10
N LEU B 195 26.06 -19.48 -14.20
CA LEU B 195 25.36 -19.44 -15.48
C LEU B 195 24.99 -20.85 -15.88
N ARG B 196 23.76 -21.05 -16.35
CA ARG B 196 23.33 -22.37 -16.80
C ARG B 196 22.15 -22.31 -17.77
N TYR B 197 21.81 -23.46 -18.34
CA TYR B 197 20.66 -23.61 -19.23
C TYR B 197 19.42 -24.07 -18.46
N CYS B 198 18.29 -23.44 -18.75
CA CYS B 198 17.00 -23.80 -18.15
C CYS B 198 16.03 -24.32 -19.22
N THR B 199 16.57 -24.91 -20.28
CA THR B 199 15.77 -25.30 -21.44
C THR B 199 14.43 -25.92 -21.06
N LYS B 200 13.35 -25.33 -21.56
CA LYS B 200 11.99 -25.73 -21.18
C LYS B 200 11.38 -26.69 -22.18
N HIS B 201 10.61 -27.64 -21.67
CA HIS B 201 9.83 -28.56 -22.49
C HIS B 201 8.37 -28.45 -22.07
N TYR B 202 7.56 -27.76 -22.88
CA TYR B 202 6.13 -27.67 -22.66
C TYR B 202 5.43 -28.59 -23.66
N ASN B 203 4.11 -28.68 -23.58
CA ASN B 203 3.34 -29.42 -24.60
C ASN B 203 3.31 -28.71 -25.95
N THR B 204 3.75 -27.45 -25.99
CA THR B 204 3.88 -26.69 -27.22
C THR B 204 5.25 -26.84 -27.87
N GLY B 205 6.19 -27.49 -27.19
CA GLY B 205 7.50 -27.77 -27.74
C GLY B 205 8.67 -27.43 -26.82
N LYS B 206 9.85 -27.33 -27.43
CA LYS B 206 11.11 -27.15 -26.71
C LYS B 206 11.63 -25.74 -26.94
N PHE B 207 11.84 -24.99 -25.86
CA PHE B 207 12.18 -23.57 -25.96
C PHE B 207 13.49 -23.23 -25.26
N THR B 208 14.31 -22.42 -25.93
CA THR B 208 15.59 -21.96 -25.38
C THR B 208 15.37 -21.15 -24.11
N CYS B 209 16.26 -21.34 -23.13
CA CYS B 209 16.19 -20.66 -21.86
C CYS B 209 17.58 -20.68 -21.22
N ILE B 210 18.10 -19.50 -20.89
CA ILE B 210 19.37 -19.39 -20.18
C ILE B 210 19.15 -18.67 -18.87
N GLU B 211 20.00 -18.96 -17.89
CA GLU B 211 19.75 -18.61 -16.50
C GLU B 211 21.00 -18.02 -15.87
N VAL B 212 20.80 -17.05 -14.99
CA VAL B 212 21.87 -16.54 -14.13
C VAL B 212 21.41 -16.62 -12.68
N ARG B 213 22.30 -17.07 -11.80
CA ARG B 213 22.00 -17.20 -10.37
C ARG B 213 22.87 -16.27 -9.56
N PHE B 214 22.23 -15.38 -8.79
CA PHE B 214 22.94 -14.50 -7.87
C PHE B 214 22.93 -15.09 -6.46
N HIS B 215 24.04 -14.97 -5.76
CA HIS B 215 24.13 -15.46 -4.39
C HIS B 215 24.14 -14.28 -3.41
N LEU B 216 23.11 -14.25 -2.55
CA LEU B 216 22.91 -13.15 -1.61
C LEU B 216 23.12 -13.63 -0.18
N GLU B 217 24.15 -13.09 0.47
CA GLU B 217 24.48 -13.43 1.85
C GLU B 217 23.95 -12.35 2.79
N ARG B 218 23.06 -12.72 3.70
CA ARG B 218 22.43 -11.75 4.60
C ARG B 218 23.42 -11.22 5.63
N GLN B 219 23.44 -9.90 5.80
CA GLN B 219 24.33 -9.26 6.77
C GLN B 219 23.82 -9.45 8.20
N MET B 220 24.74 -9.85 9.09
CA MET B 220 24.39 -10.29 10.43
C MET B 220 24.24 -9.14 11.43
N GLY B 221 24.99 -8.06 11.21
CA GLY B 221 25.08 -6.95 12.17
C GLY B 221 23.77 -6.36 12.65
N TYR B 222 22.79 -6.26 11.76
CA TYR B 222 21.48 -5.73 12.13
C TYR B 222 20.80 -6.57 13.21
N TYR B 223 20.94 -7.89 13.10
CA TYR B 223 20.24 -8.82 13.98
C TYR B 223 20.92 -8.94 15.35
N LEU B 224 22.23 -8.73 15.40
CA LEU B 224 22.93 -8.63 16.67
C LEU B 224 22.39 -7.46 17.48
N ILE B 225 22.27 -6.30 16.83
CA ILE B 225 21.84 -5.08 17.50
C ILE B 225 20.35 -5.08 17.88
N GLN B 226 19.50 -5.56 16.98
CA GLN B 226 18.05 -5.44 17.18
C GLN B 226 17.35 -6.72 17.66
N MET B 227 18.05 -7.85 17.65
CA MET B 227 17.41 -9.14 17.98
C MET B 227 18.15 -9.95 19.04
N TYR B 228 19.45 -10.19 18.84
CA TYR B 228 20.22 -11.06 19.72
C TYR B 228 20.66 -10.38 21.03
N ILE B 229 21.17 -9.17 20.94
CA ILE B 229 21.56 -8.41 22.15
C ILE B 229 20.37 -8.10 23.07
N PRO B 230 19.26 -7.59 22.51
CA PRO B 230 18.10 -7.32 23.38
C PRO B 230 17.48 -8.57 24.02
N SER B 231 17.68 -9.74 23.42
CA SER B 231 17.25 -11.00 24.04
C SER B 231 18.16 -11.39 25.20
N LEU B 232 19.47 -11.20 25.01
CA LEU B 232 20.44 -11.35 26.12
C LEU B 232 20.06 -10.49 27.31
N LEU B 233 19.69 -9.24 27.04
CA LEU B 233 19.31 -8.29 28.08
C LEU B 233 18.16 -8.82 28.96
N ILE B 234 17.20 -9.48 28.33
CA ILE B 234 16.04 -10.02 29.06
C ILE B 234 16.40 -11.26 29.86
N VAL B 235 17.27 -12.10 29.29
CA VAL B 235 17.75 -13.31 29.99
C VAL B 235 18.60 -12.92 31.20
N ILE B 236 19.51 -11.97 31.01
CA ILE B 236 20.33 -11.46 32.11
C ILE B 236 19.47 -10.79 33.18
N LEU B 237 18.40 -10.11 32.77
CA LEU B 237 17.48 -9.47 33.70
C LEU B 237 16.79 -10.50 34.59
N SER B 238 16.44 -11.66 34.03
CA SER B 238 15.78 -12.71 34.80
C SER B 238 16.63 -13.25 35.95
N TRP B 239 17.95 -13.15 35.81
CA TRP B 239 18.89 -13.66 36.82
C TRP B 239 19.01 -12.79 38.06
N VAL B 240 18.63 -11.51 37.98
CA VAL B 240 18.74 -10.62 39.13
C VAL B 240 17.75 -11.04 40.23
N SER B 241 16.71 -11.78 39.84
CA SER B 241 15.80 -12.42 40.78
C SER B 241 16.53 -13.25 41.85
N PHE B 242 17.63 -13.91 41.46
CA PHE B 242 18.36 -14.81 42.36
C PHE B 242 19.16 -14.09 43.45
N TRP B 243 19.37 -12.78 43.29
CA TRP B 243 20.04 -11.97 44.30
C TRP B 243 19.04 -11.19 45.15
N ILE B 244 17.74 -11.43 44.93
CA ILE B 244 16.67 -10.78 45.68
C ILE B 244 16.20 -11.68 46.81
N ASN B 245 15.77 -11.06 47.91
CA ASN B 245 15.26 -11.76 49.09
C ASN B 245 14.08 -12.67 48.75
N MET B 246 14.09 -13.88 49.30
CA MET B 246 13.04 -14.88 49.02
C MET B 246 11.67 -14.48 49.60
N ASP B 247 11.68 -13.70 50.67
CA ASP B 247 10.44 -13.20 51.27
C ASP B 247 9.67 -12.24 50.35
N ALA B 248 10.40 -11.52 49.49
CA ALA B 248 9.78 -10.59 48.54
C ALA B 248 9.13 -11.33 47.36
N ALA B 249 7.96 -11.90 47.62
CA ALA B 249 7.23 -12.67 46.62
C ALA B 249 6.74 -11.85 45.43
N PRO B 250 6.05 -10.72 45.67
CA PRO B 250 5.57 -9.95 44.53
C PRO B 250 6.69 -9.44 43.61
N ALA B 251 7.83 -9.08 44.19
CA ALA B 251 8.97 -8.59 43.42
C ALA B 251 9.58 -9.66 42.52
N ARG B 252 9.85 -10.83 43.09
CA ARG B 252 10.45 -11.95 42.35
C ARG B 252 9.51 -12.55 41.30
N VAL B 253 8.23 -12.61 41.62
CA VAL B 253 7.21 -13.09 40.67
C VAL B 253 7.03 -12.10 39.52
N ALA B 254 6.78 -10.84 39.86
CA ALA B 254 6.62 -9.78 38.87
C ALA B 254 7.82 -9.69 37.92
N LEU B 255 9.02 -9.84 38.49
CA LEU B 255 10.25 -9.82 37.71
C LEU B 255 10.36 -11.06 36.81
N GLY B 256 9.90 -12.20 37.33
CA GLY B 256 9.85 -13.43 36.55
C GLY B 256 8.84 -13.40 35.42
N ILE B 257 7.67 -12.82 35.66
CA ILE B 257 6.61 -12.74 34.65
C ILE B 257 6.99 -11.79 33.52
N THR B 258 7.35 -10.56 33.88
CA THR B 258 7.62 -9.53 32.88
C THR B 258 8.72 -9.94 31.89
N THR B 259 9.71 -10.67 32.37
CA THR B 259 10.76 -11.20 31.50
C THR B 259 10.22 -12.25 30.53
N VAL B 260 9.31 -13.10 31.00
CA VAL B 260 8.65 -14.09 30.14
C VAL B 260 7.82 -13.41 29.05
N LEU B 261 7.02 -12.42 29.44
CA LEU B 261 6.13 -11.75 28.50
C LEU B 261 6.87 -10.85 27.52
N THR B 262 7.89 -10.15 28.01
CA THR B 262 8.76 -9.36 27.14
C THR B 262 9.45 -10.25 26.11
N MET B 263 9.77 -11.47 26.52
CA MET B 263 10.43 -12.43 25.63
C MET B 263 9.49 -12.99 24.55
N THR B 264 8.21 -13.15 24.88
CA THR B 264 7.23 -13.62 23.89
C THR B 264 6.94 -12.57 22.83
N THR B 265 6.79 -11.31 23.26
CA THR B 265 6.55 -10.21 22.32
C THR B 265 7.80 -9.94 21.47
N GLN B 266 8.96 -10.08 22.08
CA GLN B 266 10.24 -10.03 21.37
C GLN B 266 10.30 -11.09 20.27
N SER B 267 9.90 -12.31 20.62
CA SER B 267 9.95 -13.44 19.70
C SER B 267 8.95 -13.32 18.56
N SER B 268 7.71 -12.94 18.89
CA SER B 268 6.65 -12.81 17.88
C SER B 268 6.86 -11.59 16.98
N GLY B 269 7.43 -10.52 17.53
CA GLY B 269 7.73 -9.31 16.77
C GLY B 269 8.80 -9.51 15.71
N SER B 270 9.74 -10.42 15.97
CA SER B 270 10.82 -10.73 15.02
C SER B 270 10.33 -11.53 13.80
N ARG B 271 9.21 -12.23 13.97
CA ARG B 271 8.61 -13.01 12.88
C ARG B 271 7.65 -12.19 12.00
N ALA B 272 7.45 -10.93 12.34
CA ALA B 272 6.48 -10.08 11.64
C ALA B 272 6.86 -9.75 10.20
N SER B 273 8.16 -9.64 9.93
CA SER B 273 8.65 -9.28 8.59
C SER B 273 8.98 -10.50 7.71
N LEU B 274 8.39 -11.66 8.03
CA LEU B 274 8.71 -12.90 7.35
C LEU B 274 7.45 -13.57 6.83
N PRO B 275 7.60 -14.41 5.80
CA PRO B 275 6.45 -15.17 5.30
C PRO B 275 6.09 -16.28 6.28
N LYS B 276 4.82 -16.70 6.26
CA LYS B 276 4.32 -17.67 7.22
C LYS B 276 4.69 -19.10 6.80
N VAL B 277 5.97 -19.44 6.95
CA VAL B 277 6.47 -20.76 6.60
C VAL B 277 6.25 -21.76 7.74
N SER B 278 6.13 -23.04 7.39
CA SER B 278 5.82 -24.10 8.36
C SER B 278 7.01 -24.99 8.67
N TYR B 279 8.21 -24.42 8.71
CA TYR B 279 9.40 -25.13 9.17
C TYR B 279 10.14 -24.30 10.21
N VAL B 280 11.03 -24.97 10.94
CA VAL B 280 11.73 -24.34 12.06
C VAL B 280 12.92 -23.53 11.53
N LYS B 281 12.98 -22.26 11.93
CA LYS B 281 14.08 -21.37 11.55
C LYS B 281 15.08 -21.27 12.70
N ALA B 282 16.29 -20.82 12.38
CA ALA B 282 17.36 -20.69 13.38
C ALA B 282 17.03 -19.65 14.47
N ILE B 283 16.27 -18.62 14.10
CA ILE B 283 15.84 -17.61 15.08
C ILE B 283 14.78 -18.17 16.03
N ASP B 284 14.00 -19.14 15.57
CA ASP B 284 13.01 -19.82 16.42
C ASP B 284 13.67 -20.65 17.52
N ILE B 285 14.81 -21.26 17.19
CA ILE B 285 15.58 -22.05 18.16
C ILE B 285 16.11 -21.12 19.25
N TRP B 286 16.72 -20.01 18.83
CA TRP B 286 17.28 -19.04 19.77
C TRP B 286 16.23 -18.50 20.73
N MET B 287 15.10 -18.04 20.18
CA MET B 287 14.02 -17.49 21.00
C MET B 287 13.41 -18.54 21.92
N ALA B 288 13.28 -19.77 21.41
CA ALA B 288 12.74 -20.88 22.20
C ALA B 288 13.61 -21.17 23.42
N VAL B 289 14.93 -21.24 23.21
CA VAL B 289 15.87 -21.52 24.29
C VAL B 289 15.95 -20.35 25.27
N CYS B 290 16.03 -19.12 24.74
CA CYS B 290 15.96 -17.91 25.58
C CYS B 290 14.70 -17.90 26.43
N LEU B 291 13.60 -18.42 25.88
CA LEU B 291 12.34 -18.50 26.60
C LEU B 291 12.38 -19.56 27.71
N LEU B 292 13.09 -20.67 27.46
CA LEU B 292 13.30 -21.69 28.51
C LEU B 292 14.08 -21.14 29.70
N PHE B 293 15.18 -20.45 29.44
CA PHE B 293 16.03 -19.91 30.51
C PHE B 293 15.30 -18.85 31.35
N VAL B 294 14.44 -18.07 30.71
CA VAL B 294 13.64 -17.07 31.40
C VAL B 294 12.47 -17.72 32.13
N PHE B 295 11.85 -18.72 31.50
CA PHE B 295 10.73 -19.46 32.09
C PHE B 295 11.19 -20.33 33.27
N SER B 296 12.40 -20.88 33.17
CA SER B 296 12.99 -21.68 34.24
C SER B 296 13.31 -20.83 35.47
N ALA B 297 13.72 -19.59 35.25
CA ALA B 297 13.99 -18.65 36.33
C ALA B 297 12.75 -18.37 37.17
N LEU B 298 11.58 -18.39 36.53
CA LEU B 298 10.31 -18.23 37.26
C LEU B 298 9.92 -19.52 37.98
N LEU B 299 10.11 -20.67 37.33
CA LEU B 299 9.90 -21.98 37.97
C LEU B 299 10.89 -22.20 39.11
N GLU B 300 12.05 -21.58 39.03
CA GLU B 300 13.04 -21.63 40.11
C GLU B 300 12.45 -21.04 41.38
N TYR B 301 11.76 -19.91 41.27
CA TYR B 301 11.15 -19.28 42.44
C TYR B 301 9.91 -20.03 42.93
N ALA B 302 9.18 -20.67 42.03
CA ALA B 302 8.07 -21.53 42.42
C ALA B 302 8.57 -22.60 43.40
N ALA B 303 9.73 -23.18 43.09
CA ALA B 303 10.36 -24.15 43.98
C ALA B 303 10.81 -23.51 45.29
N VAL B 304 11.47 -22.37 45.21
CA VAL B 304 11.96 -21.65 46.39
C VAL B 304 10.81 -21.24 47.32
N ASN B 305 9.72 -20.76 46.73
CA ASN B 305 8.54 -20.35 47.50
C ASN B 305 7.79 -21.55 48.11
N PHE B 306 7.85 -22.68 47.43
CA PHE B 306 7.10 -23.88 47.85
C PHE B 306 7.81 -24.69 48.94
N VAL B 307 9.12 -24.88 48.81
CA VAL B 307 9.87 -25.65 49.81
C VAL B 307 10.04 -24.86 51.12
N SER B 308 9.93 -23.54 51.05
CA SER B 308 10.09 -22.67 52.22
C SER B 308 8.75 -22.27 52.88
N ARG B 309 7.69 -23.06 52.65
CA ARG B 309 6.36 -22.75 53.21
C ARG B 309 6.39 -22.50 54.72
N ALA B 310 6.73 -23.54 55.48
CA ALA B 310 6.88 -23.41 56.93
C ALA B 310 8.19 -22.70 57.23
N GLY B 311 8.15 -21.73 58.14
CA GLY B 311 9.30 -20.88 58.41
C GLY B 311 10.45 -21.52 59.19
N THR B 312 10.50 -22.85 59.22
CA THR B 312 11.55 -23.58 59.93
C THR B 312 12.89 -23.39 59.23
N LYS B 313 13.95 -23.20 60.02
CA LYS B 313 15.29 -22.92 59.52
C LYS B 313 15.79 -23.95 58.49
N VAL B 314 15.43 -25.21 58.71
CA VAL B 314 15.82 -26.30 57.81
C VAL B 314 15.40 -26.08 56.35
N PHE B 315 14.19 -25.58 56.15
CA PHE B 315 13.66 -25.34 54.80
C PHE B 315 14.09 -23.98 54.23
N ILE B 316 14.16 -22.97 55.09
CA ILE B 316 14.59 -21.62 54.67
C ILE B 316 16.02 -21.66 54.12
N ASP B 317 16.87 -22.48 54.74
CA ASP B 317 18.24 -22.71 54.25
C ASP B 317 18.24 -23.60 53.01
N ARG B 318 17.38 -24.62 53.00
CA ARG B 318 17.23 -25.52 51.86
C ARG B 318 16.78 -24.75 50.61
N ALA B 319 15.84 -23.82 50.78
CA ALA B 319 15.42 -22.93 49.71
C ALA B 319 16.54 -21.96 49.32
N LYS B 320 17.28 -21.47 50.31
CA LYS B 320 18.44 -20.61 50.08
C LYS B 320 19.53 -21.28 49.24
N LYS B 321 19.65 -22.60 49.37
CA LYS B 321 20.64 -23.37 48.59
C LYS B 321 20.34 -23.36 47.09
N ILE B 322 19.06 -23.34 46.73
CA ILE B 322 18.65 -23.34 45.32
C ILE B 322 19.12 -22.06 44.61
N ASP B 323 18.95 -20.91 45.27
CA ASP B 323 19.37 -19.62 44.71
C ASP B 323 20.89 -19.54 44.48
N THR B 324 21.66 -20.06 45.43
CA THR B 324 23.12 -20.04 45.33
C THR B 324 23.64 -20.91 44.19
N ILE B 325 22.96 -22.04 43.95
CA ILE B 325 23.28 -22.91 42.81
C ILE B 325 22.84 -22.25 41.51
N SER B 326 21.62 -21.72 41.50
CA SER B 326 21.05 -21.08 40.30
C SER B 326 21.84 -19.85 39.85
N ARG B 327 22.37 -19.10 40.81
CA ARG B 327 23.21 -17.93 40.52
C ARG B 327 24.43 -18.24 39.65
N ALA B 328 24.97 -19.44 39.78
CA ALA B 328 26.12 -19.87 39.00
C ALA B 328 25.73 -20.75 37.80
N CYS B 329 24.66 -21.53 37.95
CA CYS B 329 24.33 -22.56 36.95
C CYS B 329 23.66 -22.02 35.68
N PHE B 330 22.75 -21.05 35.81
CA PHE B 330 22.09 -20.51 34.62
C PHE B 330 23.02 -19.66 33.75
N PRO B 331 23.81 -18.75 34.36
CA PRO B 331 24.84 -18.08 33.58
C PRO B 331 25.83 -19.04 32.90
N LEU B 332 26.16 -20.12 33.58
CA LEU B 332 26.99 -21.18 33.01
C LEU B 332 26.27 -21.89 31.87
N ALA B 333 25.05 -22.37 32.14
CA ALA B 333 24.27 -23.11 31.16
C ALA B 333 23.93 -22.27 29.92
N PHE B 334 23.70 -20.98 30.12
CA PHE B 334 23.43 -20.07 29.01
C PHE B 334 24.67 -19.82 28.16
N LEU B 335 25.84 -19.74 28.81
CA LEU B 335 27.10 -19.61 28.10
C LEU B 335 27.41 -20.87 27.30
N ILE B 336 27.13 -22.03 27.88
CA ILE B 336 27.30 -23.31 27.18
C ILE B 336 26.39 -23.39 25.95
N PHE B 337 25.17 -22.87 26.07
CA PHE B 337 24.23 -22.85 24.95
C PHE B 337 24.74 -21.98 23.79
N ASN B 338 25.25 -20.79 24.11
CA ASN B 338 25.79 -19.89 23.09
C ASN B 338 27.01 -20.47 22.38
N ILE B 339 27.85 -21.19 23.11
CA ILE B 339 28.97 -21.91 22.51
C ILE B 339 28.44 -22.85 21.42
N PHE B 340 27.48 -23.70 21.79
CA PHE B 340 26.87 -24.64 20.84
C PHE B 340 26.22 -23.89 19.67
N TYR B 341 25.33 -22.96 20.00
CA TYR B 341 24.52 -22.25 19.00
C TYR B 341 25.37 -21.56 17.93
N TRP B 342 26.28 -20.68 18.35
CA TRP B 342 27.10 -19.91 17.41
C TRP B 342 28.08 -20.77 16.62
N VAL B 343 28.53 -21.89 17.22
CA VAL B 343 29.42 -22.83 16.52
C VAL B 343 28.67 -23.60 15.42
N ILE B 344 27.43 -23.99 15.69
CA ILE B 344 26.63 -24.74 14.72
C ILE B 344 26.38 -23.90 13.45
N TYR B 345 25.95 -22.64 13.63
CA TYR B 345 25.64 -21.75 12.50
C TYR B 345 26.83 -20.92 12.00
N LYS B 346 28.00 -21.08 12.62
CA LYS B 346 29.26 -20.51 12.09
C LYS B 346 30.07 -21.58 11.35
N ILE B 347 30.11 -22.80 11.90
CA ILE B 347 30.73 -23.93 11.23
C ILE B 347 29.90 -24.39 10.03
N LEU B 348 28.61 -24.65 10.26
CA LEU B 348 27.68 -25.03 9.19
C LEU B 348 26.96 -23.79 8.64
N MET C 8 6.64 -20.69 -52.58
CA MET C 8 6.02 -19.34 -52.40
C MET C 8 6.68 -18.59 -51.24
N SER C 9 6.98 -17.31 -51.43
CA SER C 9 7.64 -16.51 -50.40
C SER C 9 6.67 -16.31 -49.22
N PRO C 10 7.21 -16.28 -47.98
CA PRO C 10 6.35 -16.12 -46.81
C PRO C 10 5.50 -14.85 -46.86
N SER C 11 6.08 -13.76 -47.34
CA SER C 11 5.36 -12.49 -47.47
C SER C 11 4.13 -12.64 -48.34
N ASP C 12 4.31 -13.22 -49.54
CA ASP C 12 3.20 -13.46 -50.46
C ASP C 12 2.18 -14.44 -49.88
N PHE C 13 2.66 -15.46 -49.18
CA PHE C 13 1.79 -16.47 -48.57
C PHE C 13 0.87 -15.87 -47.52
N LEU C 14 1.44 -15.08 -46.62
CA LEU C 14 0.67 -14.43 -45.56
C LEU C 14 -0.35 -13.45 -46.14
N ASP C 15 0.05 -12.73 -47.20
CA ASP C 15 -0.84 -11.80 -47.89
C ASP C 15 -2.06 -12.52 -48.49
N LYS C 16 -1.84 -13.70 -49.06
CA LYS C 16 -2.93 -14.47 -49.67
C LYS C 16 -3.78 -15.24 -48.67
N LEU C 17 -3.21 -15.58 -47.51
CA LEU C 17 -3.92 -16.39 -46.51
C LEU C 17 -4.78 -15.55 -45.59
N MET C 18 -4.24 -14.42 -45.12
CA MET C 18 -4.94 -13.56 -44.17
C MET C 18 -4.75 -12.05 -44.39
N GLY C 19 -3.98 -11.66 -45.41
CA GLY C 19 -3.66 -10.25 -45.65
C GLY C 19 -4.55 -9.60 -46.70
N ARG C 20 -4.02 -8.57 -47.36
CA ARG C 20 -4.77 -7.76 -48.32
C ARG C 20 -5.48 -8.58 -49.39
N THR C 21 -4.73 -9.44 -50.07
CA THR C 21 -5.27 -10.23 -51.19
C THR C 21 -6.11 -11.45 -50.77
N SER C 22 -6.18 -11.72 -49.46
CA SER C 22 -6.84 -12.93 -48.95
C SER C 22 -8.37 -12.88 -48.98
N GLY C 23 -8.93 -11.70 -48.75
CA GLY C 23 -10.38 -11.57 -48.57
C GLY C 23 -10.83 -12.11 -47.21
N TYR C 24 -9.88 -12.33 -46.31
CA TYR C 24 -10.17 -12.87 -44.98
C TYR C 24 -10.75 -11.75 -44.12
N ASP C 25 -11.80 -12.07 -43.38
CA ASP C 25 -12.44 -11.13 -42.48
C ASP C 25 -12.45 -11.68 -41.06
N ALA C 26 -11.64 -11.07 -40.18
CA ALA C 26 -11.53 -11.53 -38.79
C ALA C 26 -12.80 -11.30 -37.97
N ARG C 27 -13.73 -10.49 -38.49
CA ARG C 27 -15.00 -10.24 -37.82
C ARG C 27 -16.00 -11.38 -38.01
N ILE C 28 -15.68 -12.33 -38.90
CA ILE C 28 -16.52 -13.50 -39.14
C ILE C 28 -15.84 -14.72 -38.55
N ARG C 29 -16.59 -15.51 -37.77
CA ARG C 29 -16.05 -16.71 -37.14
C ARG C 29 -15.93 -17.85 -38.13
N PRO C 30 -15.07 -18.85 -37.83
CA PRO C 30 -15.00 -20.07 -38.64
C PRO C 30 -16.33 -20.83 -38.63
N ASN C 31 -16.72 -21.39 -39.77
CA ASN C 31 -18.00 -22.10 -39.92
C ASN C 31 -19.16 -21.21 -39.50
N PHE C 32 -19.17 -19.99 -40.03
CA PHE C 32 -20.06 -18.93 -39.55
C PHE C 32 -21.56 -19.25 -39.71
N LYS C 33 -21.94 -19.93 -40.79
CA LYS C 33 -23.34 -20.34 -40.97
C LYS C 33 -23.62 -21.73 -40.42
N GLY C 34 -22.61 -22.39 -39.87
CA GLY C 34 -22.72 -23.77 -39.43
C GLY C 34 -22.71 -23.92 -37.92
N PRO C 35 -22.19 -25.05 -37.42
CA PRO C 35 -22.18 -25.34 -35.98
C PRO C 35 -21.16 -24.50 -35.21
N PRO C 36 -21.23 -24.51 -33.86
CA PRO C 36 -20.37 -23.64 -33.06
C PRO C 36 -18.89 -24.00 -33.18
N VAL C 37 -18.02 -23.01 -32.97
CA VAL C 37 -16.58 -23.23 -32.96
C VAL C 37 -16.23 -23.95 -31.66
N ASN C 38 -15.50 -25.05 -31.79
CA ASN C 38 -15.07 -25.84 -30.64
C ASN C 38 -13.66 -25.43 -30.25
N VAL C 39 -13.54 -24.67 -29.16
CA VAL C 39 -12.24 -24.24 -28.65
C VAL C 39 -11.80 -25.15 -27.51
N THR C 40 -10.65 -25.79 -27.70
CA THR C 40 -10.08 -26.68 -26.70
C THR C 40 -9.03 -25.92 -25.89
N CYS C 41 -9.25 -25.82 -24.58
CA CYS C 41 -8.37 -25.03 -23.71
C CYS C 41 -7.47 -25.90 -22.85
N ASN C 42 -6.27 -25.40 -22.57
CA ASN C 42 -5.38 -25.97 -21.55
C ASN C 42 -4.51 -24.86 -20.97
N ILE C 43 -4.13 -24.99 -19.71
CA ILE C 43 -3.32 -23.96 -19.05
C ILE C 43 -2.05 -24.55 -18.45
N PHE C 44 -0.96 -23.78 -18.51
CA PHE C 44 0.27 -24.13 -17.81
C PHE C 44 0.46 -23.11 -16.71
N ILE C 45 0.50 -23.58 -15.46
CA ILE C 45 0.63 -22.70 -14.32
C ILE C 45 2.11 -22.46 -14.03
N ASN C 46 2.58 -21.27 -14.39
CA ASN C 46 3.97 -20.87 -14.23
C ASN C 46 4.25 -20.45 -12.79
N SER C 47 3.23 -19.88 -12.15
CA SER C 47 3.35 -19.33 -10.80
C SER C 47 1.98 -19.29 -10.13
N PHE C 48 1.96 -19.52 -8.82
CA PHE C 48 0.72 -19.63 -8.05
C PHE C 48 1.01 -19.12 -6.65
N GLY C 49 0.34 -18.05 -6.24
CA GLY C 49 0.62 -17.44 -4.94
C GLY C 49 -0.24 -16.24 -4.58
N SER C 50 0.32 -15.36 -3.75
CA SER C 50 -0.40 -14.22 -3.18
C SER C 50 -1.81 -14.60 -2.73
N ILE C 51 -1.92 -15.72 -2.02
CA ILE C 51 -3.22 -16.20 -1.55
C ILE C 51 -3.60 -15.42 -0.30
N ALA C 52 -4.50 -14.46 -0.46
CA ALA C 52 -4.88 -13.54 0.61
C ALA C 52 -6.25 -13.87 1.18
N GLU C 53 -6.30 -14.12 2.49
CA GLU C 53 -7.57 -14.36 3.18
C GLU C 53 -8.36 -13.06 3.30
N THR C 54 -7.64 -11.96 3.57
CA THR C 54 -8.28 -10.66 3.82
C THR C 54 -9.06 -10.17 2.60
N THR C 55 -8.41 -10.11 1.46
CA THR C 55 -9.05 -9.68 0.22
C THR C 55 -9.74 -10.85 -0.50
N MET C 56 -9.52 -12.07 -0.04
CA MET C 56 -10.29 -13.24 -0.47
C MET C 56 -10.03 -13.57 -1.94
N ASP C 57 -8.74 -13.64 -2.30
CA ASP C 57 -8.33 -13.86 -3.69
C ASP C 57 -6.94 -14.49 -3.77
N TYR C 58 -6.52 -14.82 -4.99
CA TYR C 58 -5.18 -15.37 -5.21
C TYR C 58 -4.66 -14.94 -6.59
N ARG C 59 -3.33 -14.97 -6.74
CA ARG C 59 -2.70 -14.54 -7.99
C ARG C 59 -2.06 -15.73 -8.70
N VAL C 60 -2.13 -15.72 -10.01
CA VAL C 60 -1.58 -16.80 -10.81
C VAL C 60 -0.93 -16.25 -12.08
N ASN C 61 0.16 -16.86 -12.51
CA ASN C 61 0.76 -16.57 -13.81
C ASN C 61 0.67 -17.82 -14.66
N ILE C 62 0.03 -17.70 -15.83
CA ILE C 62 -0.25 -18.87 -16.66
C ILE C 62 0.09 -18.64 -18.12
N PHE C 63 0.29 -19.73 -18.85
CA PHE C 63 0.20 -19.73 -20.29
C PHE C 63 -1.17 -20.33 -20.64
N LEU C 64 -2.03 -19.51 -21.23
CA LEU C 64 -3.34 -19.96 -21.67
C LEU C 64 -3.24 -20.42 -23.12
N ARG C 65 -3.46 -21.71 -23.36
CA ARG C 65 -3.48 -22.26 -24.72
C ARG C 65 -4.91 -22.42 -25.20
N GLN C 66 -5.16 -21.99 -26.43
CA GLN C 66 -6.46 -22.17 -27.07
C GLN C 66 -6.27 -22.83 -28.42
N LYS C 67 -7.06 -23.88 -28.68
CA LYS C 67 -7.01 -24.59 -29.95
C LYS C 67 -8.38 -24.59 -30.62
N TRP C 68 -8.41 -24.30 -31.91
CA TRP C 68 -9.65 -24.39 -32.69
C TRP C 68 -9.32 -24.54 -34.18
N ASN C 69 -10.33 -24.86 -34.97
CA ASN C 69 -10.15 -25.00 -36.42
C ASN C 69 -10.76 -23.82 -37.18
N ASP C 70 -9.93 -23.20 -38.03
CA ASP C 70 -10.40 -22.21 -38.99
C ASP C 70 -10.09 -22.71 -40.41
N PRO C 71 -11.11 -23.24 -41.13
CA PRO C 71 -10.86 -23.75 -42.49
C PRO C 71 -10.25 -22.73 -43.46
N ARG C 72 -10.50 -21.44 -43.23
CA ARG C 72 -9.91 -20.38 -44.06
C ARG C 72 -8.38 -20.32 -43.98
N LEU C 73 -7.79 -20.91 -42.93
CA LEU C 73 -6.34 -20.89 -42.73
C LEU C 73 -5.65 -22.19 -43.12
N ALA C 74 -6.39 -23.12 -43.75
CA ALA C 74 -5.77 -24.33 -44.28
C ALA C 74 -4.85 -23.96 -45.45
N TYR C 75 -3.73 -24.67 -45.57
CA TYR C 75 -2.73 -24.37 -46.59
C TYR C 75 -2.17 -25.64 -47.22
N SER C 76 -1.71 -25.50 -48.47
CA SER C 76 -1.07 -26.60 -49.19
C SER C 76 0.26 -26.18 -49.82
N GLU C 77 0.72 -24.96 -49.58
CA GLU C 77 1.87 -24.42 -50.28
C GLU C 77 3.19 -24.98 -49.74
N TYR C 78 3.18 -25.42 -48.48
CA TYR C 78 4.36 -25.99 -47.86
C TYR C 78 4.05 -27.38 -47.32
N PRO C 79 5.06 -28.28 -47.32
CA PRO C 79 4.90 -29.63 -46.78
C PRO C 79 4.87 -29.72 -45.25
N ASP C 80 5.21 -28.62 -44.57
CA ASP C 80 5.32 -28.60 -43.10
C ASP C 80 3.98 -28.89 -42.44
N ASP C 81 3.99 -29.73 -41.43
CA ASP C 81 2.77 -30.06 -40.68
C ASP C 81 2.15 -28.81 -40.07
N SER C 82 3.00 -27.91 -39.60
CA SER C 82 2.56 -26.64 -39.03
C SER C 82 3.54 -25.52 -39.36
N LEU C 83 3.07 -24.29 -39.14
CA LEU C 83 3.88 -23.09 -39.34
C LEU C 83 3.82 -22.21 -38.09
N ASP C 84 4.98 -21.78 -37.63
CA ASP C 84 5.07 -20.86 -36.50
C ASP C 84 5.08 -19.44 -37.03
N LEU C 85 4.00 -18.70 -36.76
CA LEU C 85 3.82 -17.36 -37.30
C LEU C 85 4.20 -16.27 -36.30
N ASP C 86 4.65 -15.13 -36.83
CA ASP C 86 4.92 -13.97 -36.00
C ASP C 86 3.62 -13.52 -35.34
N PRO C 87 3.65 -13.26 -34.02
CA PRO C 87 2.41 -12.99 -33.29
C PRO C 87 1.67 -11.71 -33.71
N SER C 88 2.32 -10.83 -34.48
CA SER C 88 1.64 -9.67 -35.04
C SER C 88 0.51 -10.07 -35.98
N MET C 89 0.55 -11.29 -36.51
CA MET C 89 -0.51 -11.83 -37.35
C MET C 89 -1.78 -12.21 -36.59
N LEU C 90 -1.72 -12.24 -35.26
CA LEU C 90 -2.92 -12.47 -34.44
C LEU C 90 -3.98 -11.40 -34.63
N ASP C 91 -3.57 -10.18 -34.94
CA ASP C 91 -4.52 -9.09 -35.20
C ASP C 91 -5.30 -9.32 -36.49
N SER C 92 -4.74 -10.09 -37.41
CA SER C 92 -5.35 -10.34 -38.71
C SER C 92 -6.32 -11.53 -38.74
N ILE C 93 -6.30 -12.38 -37.72
CA ILE C 93 -7.17 -13.57 -37.72
C ILE C 93 -8.27 -13.47 -36.67
N TRP C 94 -9.34 -14.24 -36.86
CA TRP C 94 -10.38 -14.37 -35.85
C TRP C 94 -9.83 -15.19 -34.69
N LYS C 95 -10.27 -14.87 -33.49
CA LYS C 95 -9.94 -15.69 -32.32
C LYS C 95 -11.01 -15.53 -31.24
N PRO C 96 -11.12 -16.50 -30.32
CA PRO C 96 -12.18 -16.48 -29.34
C PRO C 96 -12.05 -15.30 -28.37
N ASP C 97 -13.18 -14.88 -27.80
CA ASP C 97 -13.20 -13.76 -26.85
C ASP C 97 -13.22 -14.28 -25.42
N LEU C 98 -12.25 -15.12 -25.08
CA LEU C 98 -12.18 -15.74 -23.76
C LEU C 98 -11.85 -14.70 -22.70
N PHE C 99 -12.66 -14.66 -21.65
CA PHE C 99 -12.37 -13.85 -20.48
C PHE C 99 -12.54 -14.70 -19.21
N PHE C 100 -11.96 -14.24 -18.12
CA PHE C 100 -12.01 -14.96 -16.86
C PHE C 100 -13.08 -14.35 -15.95
N ALA C 101 -14.15 -15.10 -15.72
CA ALA C 101 -15.35 -14.58 -15.06
C ALA C 101 -15.09 -14.08 -13.65
N ASN C 102 -14.21 -14.76 -12.92
CA ASN C 102 -13.91 -14.40 -11.53
C ASN C 102 -12.60 -13.63 -11.39
N GLU C 103 -12.21 -12.92 -12.45
CA GLU C 103 -10.98 -12.14 -12.47
C GLU C 103 -11.20 -10.76 -11.87
N LYS C 104 -10.38 -10.42 -10.89
CA LYS C 104 -10.39 -9.09 -10.28
C LYS C 104 -9.36 -8.17 -10.93
N GLY C 105 -8.26 -8.76 -11.40
CA GLY C 105 -7.25 -8.04 -12.17
C GLY C 105 -6.58 -8.99 -13.14
N ALA C 106 -6.15 -8.46 -14.29
CA ALA C 106 -5.52 -9.28 -15.32
C ALA C 106 -4.70 -8.41 -16.25
N ASN C 107 -3.54 -8.92 -16.67
CA ASN C 107 -2.73 -8.20 -17.63
C ASN C 107 -1.93 -9.13 -18.53
N PHE C 108 -1.61 -8.60 -19.71
CA PHE C 108 -0.75 -9.25 -20.66
C PHE C 108 0.70 -8.98 -20.26
N HIS C 109 1.64 -9.54 -21.01
CA HIS C 109 3.06 -9.36 -20.76
C HIS C 109 3.74 -8.95 -22.05
N GLU C 110 4.31 -7.75 -22.06
CA GLU C 110 4.82 -7.14 -23.28
C GLU C 110 6.33 -6.97 -23.32
N VAL C 111 7.04 -7.51 -22.32
CA VAL C 111 8.50 -7.43 -22.26
C VAL C 111 9.12 -8.78 -22.62
N THR C 112 10.11 -8.83 -23.52
CA THR C 112 10.61 -7.69 -24.30
C THR C 112 9.75 -7.44 -25.54
N THR C 113 8.93 -8.44 -25.89
CA THR C 113 7.93 -8.30 -26.93
C THR C 113 6.67 -8.97 -26.40
N ASP C 114 5.59 -8.94 -27.17
CA ASP C 114 4.34 -9.57 -26.73
C ASP C 114 4.57 -11.05 -26.46
N ASN C 115 4.20 -11.47 -25.25
CA ASN C 115 4.39 -12.86 -24.82
C ASN C 115 3.25 -13.69 -25.41
N LYS C 116 3.32 -13.93 -26.73
CA LYS C 116 2.25 -14.62 -27.47
C LYS C 116 2.84 -15.58 -28.48
N LEU C 117 2.07 -16.60 -28.82
CA LEU C 117 2.51 -17.65 -29.73
C LEU C 117 1.37 -17.99 -30.69
N LEU C 118 1.67 -18.03 -31.98
CA LEU C 118 0.67 -18.39 -32.99
C LEU C 118 1.22 -19.47 -33.92
N ARG C 119 0.53 -20.60 -33.95
CA ARG C 119 0.94 -21.73 -34.78
C ARG C 119 -0.27 -22.21 -35.56
N ILE C 120 -0.11 -22.38 -36.88
CA ILE C 120 -1.20 -22.89 -37.73
C ILE C 120 -0.80 -24.21 -38.38
N PHE C 121 -1.80 -25.08 -38.60
CA PHE C 121 -1.58 -26.41 -39.16
C PHE C 121 -2.18 -26.53 -40.56
N LYS C 122 -1.72 -27.52 -41.32
CA LYS C 122 -2.18 -27.77 -42.69
C LYS C 122 -3.70 -27.71 -42.85
N ASN C 123 -4.41 -28.38 -41.94
CA ASN C 123 -5.87 -28.48 -42.01
C ASN C 123 -6.63 -27.27 -41.46
N GLY C 124 -5.92 -26.22 -41.06
CA GLY C 124 -6.55 -24.99 -40.57
C GLY C 124 -6.66 -24.90 -39.06
N ASN C 125 -6.12 -25.89 -38.34
CA ASN C 125 -6.08 -25.81 -36.88
C ASN C 125 -5.17 -24.69 -36.44
N VAL C 126 -5.55 -24.02 -35.35
CA VAL C 126 -4.80 -22.93 -34.78
C VAL C 126 -4.42 -23.29 -33.36
N LEU C 127 -3.17 -23.00 -32.99
CA LEU C 127 -2.74 -23.02 -31.60
C LEU C 127 -2.38 -21.59 -31.23
N TYR C 128 -2.98 -21.10 -30.14
CA TYR C 128 -2.78 -19.73 -29.70
C TYR C 128 -2.47 -19.76 -28.21
N SER C 129 -1.23 -19.43 -27.85
CA SER C 129 -0.82 -19.38 -26.45
C SER C 129 -0.48 -17.95 -26.06
N ILE C 130 -0.95 -17.53 -24.89
CA ILE C 130 -0.69 -16.20 -24.39
C ILE C 130 -0.40 -16.26 -22.89
N ARG C 131 0.63 -15.51 -22.46
CA ARG C 131 0.99 -15.44 -21.06
C ARG C 131 0.17 -14.37 -20.36
N LEU C 132 -0.44 -14.74 -19.25
CA LEU C 132 -1.29 -13.84 -18.49
C LEU C 132 -0.97 -13.90 -17.00
N THR C 133 -1.05 -12.76 -16.33
CA THR C 133 -1.12 -12.71 -14.88
C THR C 133 -2.56 -12.41 -14.52
N LEU C 134 -3.13 -13.19 -13.60
CA LEU C 134 -4.51 -13.02 -13.20
C LEU C 134 -4.61 -12.99 -11.68
N THR C 135 -5.39 -12.05 -11.16
CA THR C 135 -5.81 -12.06 -9.78
C THR C 135 -7.26 -12.52 -9.74
N LEU C 136 -7.49 -13.71 -9.18
CA LEU C 136 -8.79 -14.36 -9.22
C LEU C 136 -9.41 -14.37 -7.83
N SER C 137 -10.71 -14.15 -7.76
CA SER C 137 -11.41 -14.16 -6.48
C SER C 137 -11.63 -15.60 -6.01
N CYS C 138 -11.40 -15.84 -4.73
CA CYS C 138 -11.56 -17.16 -4.14
C CYS C 138 -12.26 -16.99 -2.79
N PRO C 139 -13.60 -17.04 -2.79
CA PRO C 139 -14.37 -17.02 -1.55
C PRO C 139 -13.97 -18.17 -0.63
N MET C 140 -13.65 -17.85 0.63
CA MET C 140 -13.08 -18.83 1.55
C MET C 140 -14.01 -19.13 2.71
N ASP C 141 -14.03 -20.39 3.11
CA ASP C 141 -14.72 -20.83 4.31
C ASP C 141 -13.66 -21.09 5.38
N LEU C 142 -13.63 -20.23 6.40
CA LEU C 142 -12.60 -20.29 7.44
C LEU C 142 -13.08 -20.94 8.74
N LYS C 143 -14.17 -21.71 8.69
CA LYS C 143 -14.69 -22.39 9.87
C LYS C 143 -13.64 -23.23 10.59
N ASN C 144 -12.82 -23.95 9.83
CA ASN C 144 -11.80 -24.84 10.40
C ASN C 144 -10.39 -24.25 10.45
N PHE C 145 -10.26 -22.94 10.25
CA PHE C 145 -8.96 -22.26 10.27
C PHE C 145 -8.33 -22.40 11.67
N PRO C 146 -7.04 -22.75 11.75
CA PRO C 146 -6.11 -22.86 10.64
C PRO C 146 -5.89 -24.28 10.09
N MET C 147 -6.86 -25.17 10.29
CA MET C 147 -6.81 -26.51 9.72
C MET C 147 -7.75 -26.61 8.52
N ASP C 148 -7.98 -25.48 7.86
CA ASP C 148 -8.95 -25.38 6.78
C ASP C 148 -8.37 -25.83 5.45
N VAL C 149 -9.27 -26.21 4.54
CA VAL C 149 -8.90 -26.54 3.17
C VAL C 149 -9.76 -25.69 2.24
N GLN C 150 -9.12 -25.07 1.26
CA GLN C 150 -9.80 -24.09 0.41
C GLN C 150 -9.89 -24.56 -1.02
N THR C 151 -11.01 -24.24 -1.66
CA THR C 151 -11.21 -24.53 -3.07
C THR C 151 -11.25 -23.22 -3.85
N CYS C 152 -10.19 -22.97 -4.61
CA CYS C 152 -10.10 -21.77 -5.44
C CYS C 152 -10.34 -22.14 -6.90
N ILE C 153 -11.26 -21.41 -7.54
CA ILE C 153 -11.69 -21.74 -8.89
C ILE C 153 -11.14 -20.75 -9.91
N MET C 154 -11.34 -21.11 -11.18
CA MET C 154 -10.90 -20.29 -12.30
C MET C 154 -11.85 -20.58 -13.46
N GLN C 155 -12.65 -19.57 -13.82
CA GLN C 155 -13.67 -19.73 -14.85
C GLN C 155 -13.27 -19.09 -16.17
N LEU C 156 -13.26 -19.89 -17.24
CA LEU C 156 -12.97 -19.41 -18.59
C LEU C 156 -14.28 -19.31 -19.35
N GLU C 157 -14.66 -18.09 -19.74
CA GLU C 157 -15.99 -17.82 -20.28
C GLU C 157 -15.91 -17.00 -21.57
N SER C 158 -16.96 -17.09 -22.39
CA SER C 158 -17.11 -16.23 -23.57
C SER C 158 -18.01 -15.06 -23.21
N PHE C 159 -17.57 -13.85 -23.56
CA PHE C 159 -18.34 -12.65 -23.24
C PHE C 159 -19.43 -12.35 -24.26
N GLY C 160 -19.11 -12.54 -25.55
CA GLY C 160 -19.97 -12.09 -26.64
C GLY C 160 -20.63 -13.16 -27.49
N TYR C 161 -20.08 -14.37 -27.50
CA TYR C 161 -20.62 -15.46 -28.32
C TYR C 161 -21.51 -16.38 -27.49
N THR C 162 -22.72 -16.63 -27.96
CA THR C 162 -23.61 -17.59 -27.31
C THR C 162 -23.23 -19.02 -27.70
N MET C 163 -23.86 -20.00 -27.04
CA MET C 163 -23.49 -21.42 -27.18
C MET C 163 -23.66 -21.97 -28.59
N ASN C 164 -24.55 -21.38 -29.38
CA ASN C 164 -24.72 -21.78 -30.78
C ASN C 164 -23.56 -21.35 -31.68
N ASP C 165 -22.78 -20.36 -31.25
CA ASP C 165 -21.64 -19.86 -32.03
C ASP C 165 -20.26 -20.26 -31.47
N LEU C 166 -20.16 -20.46 -30.15
CA LEU C 166 -18.87 -20.74 -29.51
C LEU C 166 -19.01 -21.60 -28.25
N ILE C 167 -18.22 -22.68 -28.20
CA ILE C 167 -18.22 -23.61 -27.08
C ILE C 167 -16.78 -23.83 -26.61
N PHE C 168 -16.57 -23.75 -25.29
CA PHE C 168 -15.28 -24.08 -24.69
C PHE C 168 -15.25 -25.49 -24.13
N GLU C 169 -14.06 -26.07 -24.04
CA GLU C 169 -13.88 -27.45 -23.65
C GLU C 169 -12.44 -27.65 -23.18
N TRP C 170 -12.24 -28.36 -22.08
CA TRP C 170 -10.89 -28.70 -21.64
C TRP C 170 -10.30 -29.78 -22.53
N GLN C 171 -8.98 -29.78 -22.69
CA GLN C 171 -8.27 -30.90 -23.31
C GLN C 171 -8.55 -32.20 -22.57
N ASP C 172 -8.52 -33.32 -23.29
CA ASP C 172 -8.67 -34.63 -22.66
C ASP C 172 -7.41 -34.99 -21.88
N GLU C 173 -6.25 -34.84 -22.51
CA GLU C 173 -4.97 -35.17 -21.88
C GLU C 173 -4.30 -33.94 -21.29
N ALA C 174 -4.11 -33.95 -19.97
CA ALA C 174 -3.35 -32.92 -19.25
C ALA C 174 -3.80 -31.48 -19.54
N PRO C 175 -5.04 -31.13 -19.15
CA PRO C 175 -5.54 -29.78 -19.37
C PRO C 175 -4.82 -28.73 -18.52
N VAL C 176 -4.52 -29.06 -17.26
CA VAL C 176 -3.82 -28.16 -16.36
C VAL C 176 -2.47 -28.76 -16.02
N GLN C 177 -1.40 -28.03 -16.32
CA GLN C 177 -0.03 -28.46 -16.03
C GLN C 177 0.57 -27.45 -15.06
N VAL C 178 1.44 -27.94 -14.17
CA VAL C 178 2.07 -27.09 -13.17
C VAL C 178 3.58 -27.16 -13.35
N ALA C 179 4.25 -26.02 -13.22
CA ALA C 179 5.70 -25.97 -13.35
C ALA C 179 6.35 -26.87 -12.30
N GLU C 180 7.41 -27.57 -12.70
CA GLU C 180 8.11 -28.48 -11.81
C GLU C 180 8.72 -27.73 -10.62
N GLY C 181 8.56 -28.28 -9.43
CA GLY C 181 9.11 -27.68 -8.21
C GLY C 181 8.42 -26.41 -7.76
N LEU C 182 7.17 -26.21 -8.18
CA LEU C 182 6.39 -25.06 -7.74
C LEU C 182 5.84 -25.31 -6.35
N THR C 183 6.28 -24.51 -5.39
CA THR C 183 5.83 -24.65 -4.00
C THR C 183 5.14 -23.40 -3.49
N LEU C 184 4.20 -23.59 -2.58
CA LEU C 184 3.50 -22.50 -1.90
C LEU C 184 3.92 -22.54 -0.44
N PRO C 185 4.30 -21.39 0.15
CA PRO C 185 4.82 -21.43 1.52
C PRO C 185 3.76 -21.74 2.59
N GLN C 186 2.52 -21.32 2.37
CA GLN C 186 1.44 -21.51 3.34
C GLN C 186 0.54 -22.71 3.05
N PHE C 187 0.53 -23.17 1.80
CA PHE C 187 -0.42 -24.19 1.36
C PHE C 187 0.26 -25.35 0.63
N LEU C 188 -0.48 -26.44 0.49
CA LEU C 188 -0.13 -27.54 -0.40
C LEU C 188 -1.15 -27.55 -1.52
N LEU C 189 -0.68 -27.43 -2.75
CA LEU C 189 -1.56 -27.54 -3.92
C LEU C 189 -1.74 -29.02 -4.25
N LYS C 190 -2.96 -29.52 -4.08
CA LYS C 190 -3.24 -30.93 -4.30
C LYS C 190 -3.12 -31.28 -5.78
N GLU C 191 -2.76 -32.52 -6.06
CA GLU C 191 -2.52 -32.98 -7.42
C GLU C 191 -3.80 -33.03 -8.26
N GLU C 192 -4.91 -33.40 -7.62
CA GLU C 192 -6.19 -33.53 -8.32
C GLU C 192 -6.88 -32.18 -8.48
N LYS C 193 -7.14 -31.80 -9.73
CA LYS C 193 -7.90 -30.59 -10.04
C LYS C 193 -9.24 -31.00 -10.65
N ASP C 194 -10.35 -30.51 -10.09
CA ASP C 194 -11.67 -30.80 -10.65
C ASP C 194 -11.90 -29.94 -11.89
N LEU C 195 -12.51 -30.54 -12.90
CA LEU C 195 -12.91 -29.83 -14.11
C LEU C 195 -14.41 -29.93 -14.25
N ARG C 196 -15.07 -28.82 -14.59
CA ARG C 196 -16.52 -28.83 -14.78
C ARG C 196 -17.00 -27.67 -15.64
N TYR C 197 -18.28 -27.70 -15.99
CA TYR C 197 -18.93 -26.64 -16.76
C TYR C 197 -19.61 -25.64 -15.82
N CYS C 198 -19.43 -24.35 -16.13
CA CYS C 198 -20.06 -23.26 -15.38
C CYS C 198 -21.04 -22.49 -16.27
N THR C 199 -21.61 -23.17 -17.25
CA THR C 199 -22.43 -22.51 -18.29
C THR C 199 -23.36 -21.45 -17.69
N LYS C 200 -23.23 -20.22 -18.20
CA LYS C 200 -23.97 -19.08 -17.66
C LYS C 200 -25.24 -18.79 -18.44
N HIS C 201 -26.28 -18.38 -17.71
CA HIS C 201 -27.52 -17.92 -18.32
C HIS C 201 -27.82 -16.51 -17.82
N TYR C 202 -27.56 -15.52 -18.66
CA TYR C 202 -27.89 -14.14 -18.35
C TYR C 202 -29.14 -13.76 -19.13
N ASN C 203 -29.64 -12.53 -18.94
CA ASN C 203 -30.75 -12.03 -19.76
C ASN C 203 -30.34 -11.74 -21.22
N THR C 204 -29.02 -11.74 -21.48
CA THR C 204 -28.49 -11.59 -22.83
C THR C 204 -28.30 -12.93 -23.54
N GLY C 205 -28.49 -14.04 -22.83
CA GLY C 205 -28.44 -15.37 -23.44
C GLY C 205 -27.60 -16.37 -22.68
N LYS C 206 -27.23 -17.45 -23.38
CA LYS C 206 -26.55 -18.60 -22.81
C LYS C 206 -25.10 -18.63 -23.30
N PHE C 207 -24.15 -18.61 -22.37
CA PHE C 207 -22.73 -18.46 -22.72
C PHE C 207 -21.88 -19.60 -22.18
N THR C 208 -20.98 -20.11 -23.04
CA THR C 208 -20.06 -21.17 -22.67
C THR C 208 -19.15 -20.73 -21.53
N CYS C 209 -18.88 -21.66 -20.62
CA CYS C 209 -18.03 -21.41 -19.46
C CYS C 209 -17.51 -22.74 -18.95
N ILE C 210 -16.19 -22.87 -18.86
CA ILE C 210 -15.56 -24.04 -18.28
C ILE C 210 -14.73 -23.64 -17.08
N GLU C 211 -14.58 -24.56 -16.14
CA GLU C 211 -14.08 -24.24 -14.80
C GLU C 211 -13.03 -25.25 -14.38
N VAL C 212 -12.03 -24.76 -13.65
CA VAL C 212 -11.07 -25.64 -12.97
C VAL C 212 -11.03 -25.25 -11.49
N ARG C 213 -11.02 -26.25 -10.63
CA ARG C 213 -10.99 -26.05 -9.19
C ARG C 213 -9.70 -26.59 -8.59
N PHE C 214 -8.95 -25.71 -7.93
CA PHE C 214 -7.73 -26.12 -7.23
C PHE C 214 -8.05 -26.34 -5.76
N HIS C 215 -7.46 -27.37 -5.17
CA HIS C 215 -7.65 -27.65 -3.75
C HIS C 215 -6.39 -27.30 -2.96
N LEU C 216 -6.53 -26.33 -2.05
CA LEU C 216 -5.41 -25.80 -1.28
C LEU C 216 -5.54 -26.19 0.18
N GLU C 217 -4.60 -26.99 0.66
CA GLU C 217 -4.59 -27.46 2.04
C GLU C 217 -3.58 -26.62 2.82
N ARG C 218 -4.06 -25.91 3.85
CA ARG C 218 -3.19 -25.03 4.64
C ARG C 218 -2.22 -25.82 5.50
N GLN C 219 -0.95 -25.43 5.46
CA GLN C 219 0.10 -26.09 6.23
C GLN C 219 0.00 -25.70 7.71
N MET C 220 0.07 -26.72 8.57
CA MET C 220 -0.22 -26.56 9.99
C MET C 220 0.99 -26.08 10.81
N GLY C 221 2.19 -26.44 10.37
CA GLY C 221 3.42 -26.17 11.12
C GLY C 221 3.64 -24.75 11.60
N TYR C 222 3.28 -23.77 10.78
CA TYR C 222 3.42 -22.37 11.16
C TYR C 222 2.60 -22.03 12.41
N TYR C 223 1.39 -22.59 12.49
CA TYR C 223 0.45 -22.24 13.57
C TYR C 223 0.79 -22.96 14.88
N LEU C 224 1.41 -24.13 14.79
CA LEU C 224 1.94 -24.80 15.96
C LEU C 224 3.00 -23.93 16.63
N ILE C 225 3.92 -23.41 15.82
CA ILE C 225 5.05 -22.63 16.33
C ILE C 225 4.65 -21.23 16.81
N GLN C 226 3.78 -20.56 16.08
CA GLN C 226 3.47 -19.16 16.37
C GLN C 226 2.14 -18.92 17.09
N MET C 227 1.29 -19.94 17.20
CA MET C 227 -0.04 -19.77 17.77
C MET C 227 -0.39 -20.77 18.89
N TYR C 228 -0.25 -22.07 18.61
CA TYR C 228 -0.66 -23.10 19.56
C TYR C 228 0.33 -23.33 20.71
N ILE C 229 1.62 -23.41 20.40
CA ILE C 229 2.65 -23.56 21.44
C ILE C 229 2.72 -22.36 22.39
N PRO C 230 2.75 -21.13 21.84
CA PRO C 230 2.77 -19.98 22.75
C PRO C 230 1.53 -19.81 23.62
N SER C 231 0.39 -20.36 23.19
CA SER C 231 -0.81 -20.38 24.02
C SER C 231 -0.69 -21.41 25.15
N LEU C 232 -0.13 -22.58 24.84
CA LEU C 232 0.23 -23.58 25.86
C LEU C 232 1.12 -22.97 26.94
N LEU C 233 2.12 -22.20 26.51
CA LEU C 233 3.06 -21.56 27.42
C LEU C 233 2.35 -20.68 28.45
N ILE C 234 1.33 -19.95 28.03
CA ILE C 234 0.59 -19.05 28.91
C ILE C 234 -0.32 -19.83 29.86
N VAL C 235 -0.92 -20.92 29.36
CA VAL C 235 -1.77 -21.78 30.19
C VAL C 235 -0.93 -22.48 31.25
N ILE C 236 0.20 -23.04 30.84
CA ILE C 236 1.14 -23.67 31.79
C ILE C 236 1.66 -22.67 32.81
N LEU C 237 1.89 -21.43 32.37
CA LEU C 237 2.36 -20.37 33.27
C LEU C 237 1.33 -20.07 34.37
N SER C 238 0.04 -20.10 34.02
CA SER C 238 -1.02 -19.85 34.98
C SER C 238 -1.04 -20.87 36.13
N TRP C 239 -0.57 -22.08 35.87
CA TRP C 239 -0.57 -23.16 36.86
C TRP C 239 0.50 -23.02 37.94
N VAL C 240 1.56 -22.24 37.69
CA VAL C 240 2.63 -22.08 38.68
C VAL C 240 2.12 -21.32 39.91
N SER C 241 1.03 -20.57 39.73
CA SER C 241 0.29 -19.95 40.83
C SER C 241 -0.06 -20.94 41.95
N PHE C 242 -0.39 -22.17 41.57
CA PHE C 242 -0.83 -23.19 42.53
C PHE C 242 0.28 -23.74 43.43
N TRP C 243 1.54 -23.51 43.06
CA TRP C 243 2.69 -23.90 43.86
C TRP C 243 3.23 -22.72 44.67
N ILE C 244 2.56 -21.57 44.60
CA ILE C 244 2.96 -20.36 45.32
C ILE C 244 2.15 -20.24 46.62
N ASN C 245 2.79 -19.66 47.64
CA ASN C 245 2.19 -19.45 48.95
C ASN C 245 0.91 -18.63 48.85
N MET C 246 -0.13 -19.05 49.58
CA MET C 246 -1.43 -18.37 49.53
C MET C 246 -1.41 -16.98 50.16
N ASP C 247 -0.48 -16.75 51.09
CA ASP C 247 -0.31 -15.43 51.73
C ASP C 247 0.17 -14.37 50.73
N ALA C 248 0.92 -14.79 49.71
CA ALA C 248 1.44 -13.88 48.68
C ALA C 248 0.34 -13.47 47.70
N ALA C 249 -0.53 -12.56 48.14
CA ALA C 249 -1.66 -12.10 47.33
C ALA C 249 -1.25 -11.33 46.07
N PRO C 250 -0.37 -10.32 46.19
CA PRO C 250 -0.01 -9.58 44.99
C PRO C 250 0.66 -10.43 43.91
N ALA C 251 1.46 -11.41 44.32
CA ALA C 251 2.15 -12.31 43.38
C ALA C 251 1.18 -13.21 42.63
N ARG C 252 0.28 -13.87 43.35
CA ARG C 252 -0.69 -14.78 42.74
C ARG C 252 -1.72 -14.05 41.88
N VAL C 253 -2.15 -12.87 42.31
CA VAL C 253 -3.09 -12.05 41.53
C VAL C 253 -2.41 -11.52 40.27
N ALA C 254 -1.26 -10.88 40.43
CA ALA C 254 -0.50 -10.36 39.30
C ALA C 254 -0.20 -11.43 38.26
N LEU C 255 0.15 -12.63 38.73
CA LEU C 255 0.42 -13.76 37.86
C LEU C 255 -0.86 -14.24 37.17
N GLY C 256 -1.97 -14.19 37.89
CA GLY C 256 -3.27 -14.53 37.32
C GLY C 256 -3.76 -13.54 36.27
N ILE C 257 -3.56 -12.26 36.53
CA ILE C 257 -3.99 -11.20 35.62
C ILE C 257 -3.18 -11.21 34.31
N THR C 258 -1.87 -11.16 34.45
CA THR C 258 -0.98 -11.04 33.28
C THR C 258 -1.18 -12.18 32.29
N THR C 259 -1.47 -13.39 32.80
CA THR C 259 -1.78 -14.52 31.93
C THR C 259 -3.09 -14.33 31.18
N VAL C 260 -4.09 -13.75 31.85
CA VAL C 260 -5.38 -13.44 31.20
C VAL C 260 -5.20 -12.40 30.10
N LEU C 261 -4.46 -11.33 30.39
CA LEU C 261 -4.28 -10.24 29.44
C LEU C 261 -3.36 -10.62 28.28
N THR C 262 -2.31 -11.37 28.57
CA THR C 262 -1.44 -11.90 27.52
C THR C 262 -2.22 -12.83 26.59
N MET C 263 -3.20 -13.53 27.14
CA MET C 263 -4.04 -14.44 26.36
C MET C 263 -5.03 -13.71 25.47
N THR C 264 -5.54 -12.56 25.92
CA THR C 264 -6.46 -11.76 25.10
C THR C 264 -5.74 -11.11 23.92
N THR C 265 -4.56 -10.57 24.16
CA THR C 265 -3.76 -9.97 23.09
C THR C 265 -3.26 -11.03 22.12
N GLN C 266 -2.90 -12.20 22.64
CA GLN C 266 -2.57 -13.37 21.83
C GLN C 266 -3.74 -13.74 20.91
N SER C 267 -4.95 -13.77 21.46
CA SER C 267 -6.14 -14.16 20.73
C SER C 267 -6.54 -13.14 19.65
N SER C 268 -6.52 -11.86 20.03
CA SER C 268 -6.89 -10.79 19.10
C SER C 268 -5.84 -10.56 18.01
N GLY C 269 -4.57 -10.77 18.36
CA GLY C 269 -3.47 -10.65 17.40
C GLY C 269 -3.47 -11.69 16.30
N SER C 270 -4.00 -12.88 16.62
CA SER C 270 -4.10 -13.98 15.64
C SER C 270 -5.21 -13.73 14.61
N ARG C 271 -6.19 -12.92 14.96
CA ARG C 271 -7.29 -12.57 14.06
C ARG C 271 -6.98 -11.38 13.15
N ALA C 272 -5.80 -10.78 13.30
CA ALA C 272 -5.42 -9.56 12.57
C ALA C 272 -5.23 -9.79 11.06
N SER C 273 -4.77 -10.97 10.68
CA SER C 273 -4.50 -11.29 9.27
C SER C 273 -5.69 -11.98 8.56
N LEU C 274 -6.90 -11.81 9.10
CA LEU C 274 -8.08 -12.49 8.59
C LEU C 274 -9.18 -11.48 8.28
N PRO C 275 -10.11 -11.86 7.37
CA PRO C 275 -11.24 -11.00 7.10
C PRO C 275 -12.24 -11.04 8.25
N LYS C 276 -13.02 -9.98 8.41
CA LYS C 276 -13.93 -9.84 9.55
C LYS C 276 -15.22 -10.63 9.32
N VAL C 277 -15.12 -11.95 9.42
CA VAL C 277 -16.26 -12.85 9.24
C VAL C 277 -17.06 -12.99 10.53
N SER C 278 -18.35 -13.27 10.39
CA SER C 278 -19.27 -13.34 11.54
C SER C 278 -19.69 -14.78 11.88
N TYR C 279 -18.77 -15.73 11.73
CA TYR C 279 -18.99 -17.10 12.20
C TYR C 279 -17.82 -17.57 13.04
N VAL C 280 -18.03 -18.63 13.80
CA VAL C 280 -17.04 -19.15 14.74
C VAL C 280 -16.00 -19.99 14.00
N LYS C 281 -14.73 -19.66 14.20
CA LYS C 281 -13.62 -20.40 13.59
C LYS C 281 -13.01 -21.35 14.62
N ALA C 282 -12.26 -22.35 14.14
CA ALA C 282 -11.64 -23.33 15.02
C ALA C 282 -10.60 -22.72 15.96
N ILE C 283 -9.93 -21.66 15.50
CA ILE C 283 -8.96 -20.95 16.34
C ILE C 283 -9.65 -20.15 17.46
N ASP C 284 -10.88 -19.72 17.22
CA ASP C 284 -11.68 -19.02 18.23
C ASP C 284 -12.06 -19.96 19.39
N ILE C 285 -12.33 -21.23 19.06
CA ILE C 285 -12.65 -22.23 20.07
C ILE C 285 -11.44 -22.46 20.96
N TRP C 286 -10.28 -22.68 20.33
CA TRP C 286 -9.04 -22.91 21.06
C TRP C 286 -8.69 -21.77 22.01
N MET C 287 -8.72 -20.55 21.49
CA MET C 287 -8.41 -19.36 22.30
C MET C 287 -9.43 -19.15 23.42
N ALA C 288 -10.70 -19.42 23.11
CA ALA C 288 -11.78 -19.30 24.11
C ALA C 288 -11.54 -20.25 25.29
N VAL C 289 -11.24 -21.51 24.98
CA VAL C 289 -11.02 -22.52 26.01
C VAL C 289 -9.72 -22.24 26.78
N CYS C 290 -8.66 -21.89 26.06
CA CYS C 290 -7.41 -21.47 26.70
C CYS C 290 -7.64 -20.29 27.64
N LEU C 291 -8.58 -19.42 27.28
CA LEU C 291 -8.92 -18.27 28.10
C LEU C 291 -9.71 -18.68 29.35
N LEU C 292 -10.56 -19.71 29.23
CA LEU C 292 -11.26 -20.27 30.39
C LEU C 292 -10.30 -20.86 31.42
N PHE C 293 -9.35 -21.67 30.96
CA PHE C 293 -8.39 -22.32 31.86
C PHE C 293 -7.49 -21.32 32.59
N VAL C 294 -7.15 -20.23 31.90
CA VAL C 294 -6.35 -19.16 32.50
C VAL C 294 -7.20 -18.29 33.41
N PHE C 295 -8.44 -18.00 32.99
CA PHE C 295 -9.38 -17.22 33.79
C PHE C 295 -9.84 -17.97 35.04
N SER C 296 -9.99 -19.29 34.93
CA SER C 296 -10.36 -20.14 36.06
C SER C 296 -9.26 -20.20 37.11
N ALA C 297 -8.00 -20.18 36.66
CA ALA C 297 -6.85 -20.15 37.56
C ALA C 297 -6.85 -18.91 38.45
N LEU C 298 -7.35 -17.79 37.92
CA LEU C 298 -7.48 -16.56 38.72
C LEU C 298 -8.67 -16.65 39.66
N LEU C 299 -9.80 -17.17 39.18
CA LEU C 299 -10.97 -17.42 40.03
C LEU C 299 -10.67 -18.46 41.11
N GLU C 300 -9.73 -19.36 40.83
CA GLU C 300 -9.28 -20.34 41.83
C GLU C 300 -8.69 -19.63 43.03
N TYR C 301 -7.88 -18.60 42.80
CA TYR C 301 -7.28 -17.85 43.91
C TYR C 301 -8.30 -16.94 44.62
N ALA C 302 -9.28 -16.43 43.88
CA ALA C 302 -10.37 -15.68 44.50
C ALA C 302 -11.04 -16.53 45.58
N ALA C 303 -11.26 -17.81 45.28
CA ALA C 303 -11.80 -18.75 46.24
C ALA C 303 -10.84 -19.01 47.41
N VAL C 304 -9.56 -19.24 47.09
CA VAL C 304 -8.54 -19.50 48.10
C VAL C 304 -8.36 -18.32 49.05
N ASN C 305 -8.37 -17.10 48.48
CA ASN C 305 -8.24 -15.88 49.28
C ASN C 305 -9.47 -15.58 50.12
N PHE C 306 -10.64 -16.00 49.64
CA PHE C 306 -11.91 -15.69 50.29
C PHE C 306 -12.25 -16.65 51.43
N VAL C 307 -12.03 -17.95 51.22
CA VAL C 307 -12.33 -18.95 52.27
C VAL C 307 -11.32 -18.87 53.42
N SER C 308 -10.13 -18.34 53.15
CA SER C 308 -9.06 -18.23 54.15
C SER C 308 -9.01 -16.86 54.85
N ARG C 309 -10.11 -16.11 54.84
CA ARG C 309 -10.16 -14.78 55.45
C ARG C 309 -9.65 -14.77 56.89
N ALA C 310 -10.37 -15.44 57.77
CA ALA C 310 -9.95 -15.58 59.16
C ALA C 310 -8.81 -16.59 59.24
N GLY C 311 -7.75 -16.25 59.98
CA GLY C 311 -6.55 -17.08 60.03
C GLY C 311 -6.64 -18.38 60.80
N THR C 312 -7.86 -18.87 61.04
CA THR C 312 -8.07 -20.13 61.76
C THR C 312 -7.60 -21.31 60.93
N LYS C 313 -6.93 -22.27 61.59
CA LYS C 313 -6.33 -23.42 60.93
C LYS C 313 -7.31 -24.20 60.05
N VAL C 314 -8.56 -24.29 60.49
CA VAL C 314 -9.61 -25.01 59.75
C VAL C 314 -9.80 -24.49 58.33
N PHE C 315 -9.75 -23.17 58.13
CA PHE C 315 -9.94 -22.56 56.82
C PHE C 315 -8.64 -22.50 56.01
N ILE C 316 -7.52 -22.26 56.69
CA ILE C 316 -6.21 -22.20 56.03
C ILE C 316 -5.90 -23.55 55.37
N ASP C 317 -6.27 -24.65 56.03
CA ASP C 317 -6.14 -25.99 55.47
C ASP C 317 -7.18 -26.26 54.39
N ARG C 318 -8.40 -25.78 54.62
CA ARG C 318 -9.49 -25.90 53.64
C ARG C 318 -9.15 -25.19 52.33
N ALA C 319 -8.55 -24.02 52.44
CA ALA C 319 -8.04 -23.28 51.28
C ALA C 319 -6.86 -24.02 50.64
N LYS C 320 -5.99 -24.58 51.49
CA LYS C 320 -4.85 -25.38 51.03
C LYS C 320 -5.28 -26.60 50.22
N LYS C 321 -6.45 -27.16 50.54
CA LYS C 321 -6.99 -28.32 49.81
C LYS C 321 -7.33 -28.00 48.36
N ILE C 322 -7.79 -26.77 48.11
CA ILE C 322 -8.17 -26.35 46.76
C ILE C 322 -6.95 -26.35 45.81
N ASP C 323 -5.83 -25.83 46.30
CA ASP C 323 -4.59 -25.78 45.50
C ASP C 323 -4.07 -27.19 45.14
N THR C 324 -4.14 -28.11 46.10
CA THR C 324 -3.68 -29.49 45.87
C THR C 324 -4.53 -30.23 44.84
N ILE C 325 -5.83 -29.95 44.83
CA ILE C 325 -6.73 -30.50 43.83
C ILE C 325 -6.50 -29.83 42.48
N SER C 326 -6.39 -28.51 42.48
CA SER C 326 -6.19 -27.73 41.26
C SER C 326 -4.87 -28.05 40.56
N ARG C 327 -3.82 -28.34 41.34
CA ARG C 327 -2.52 -28.74 40.80
C ARG C 327 -2.57 -29.96 39.89
N ALA C 328 -3.50 -30.88 40.17
CA ALA C 328 -3.67 -32.09 39.37
C ALA C 328 -4.83 -31.98 38.36
N CYS C 329 -5.88 -31.23 38.71
CA CYS C 329 -7.11 -31.21 37.93
C CYS C 329 -7.04 -30.37 36.65
N PHE C 330 -6.40 -29.21 36.69
CA PHE C 330 -6.32 -28.36 35.49
C PHE C 330 -5.38 -28.94 34.43
N PRO C 331 -4.18 -29.41 34.82
CA PRO C 331 -3.35 -30.14 33.86
C PRO C 331 -4.05 -31.36 33.26
N LEU C 332 -4.85 -32.05 34.07
CA LEU C 332 -5.67 -33.17 33.61
C LEU C 332 -6.75 -32.68 32.65
N ALA C 333 -7.53 -31.70 33.10
CA ALA C 333 -8.65 -31.17 32.31
C ALA C 333 -8.19 -30.55 30.99
N PHE C 334 -7.02 -29.91 31.00
CA PHE C 334 -6.46 -29.32 29.79
C PHE C 334 -5.98 -30.40 28.82
N LEU C 335 -5.43 -31.49 29.35
CA LEU C 335 -5.02 -32.63 28.53
C LEU C 335 -6.23 -33.31 27.91
N ILE C 336 -7.31 -33.43 28.68
CA ILE C 336 -8.57 -33.99 28.18
C ILE C 336 -9.15 -33.13 27.06
N PHE C 337 -9.03 -31.81 27.19
CA PHE C 337 -9.50 -30.88 26.16
C PHE C 337 -8.73 -31.04 24.85
N ASN C 338 -7.40 -31.15 24.93
CA ASN C 338 -6.56 -31.34 23.75
C ASN C 338 -6.85 -32.65 23.04
N ILE C 339 -7.12 -33.71 23.81
CA ILE C 339 -7.54 -34.98 23.23
C ILE C 339 -8.77 -34.76 22.36
N PHE C 340 -9.81 -34.15 22.92
CA PHE C 340 -11.03 -33.84 22.18
C PHE C 340 -10.75 -32.94 20.97
N TYR C 341 -10.11 -31.80 21.22
CA TYR C 341 -9.87 -30.79 20.20
C TYR C 341 -9.16 -31.34 18.96
N TRP C 342 -7.97 -31.91 19.17
CA TRP C 342 -7.16 -32.42 18.06
C TRP C 342 -7.79 -33.61 17.33
N VAL C 343 -8.57 -34.40 18.04
CA VAL C 343 -9.29 -35.54 17.42
C VAL C 343 -10.44 -35.05 16.53
N ILE C 344 -11.14 -34.00 16.95
CA ILE C 344 -12.27 -33.47 16.17
C ILE C 344 -11.81 -32.93 14.82
N TYR C 345 -10.76 -32.12 14.81
CA TYR C 345 -10.27 -31.51 13.57
C TYR C 345 -9.21 -32.36 12.86
N SER D 3 -36.20 -19.10 -57.83
CA SER D 3 -34.91 -18.34 -57.89
C SER D 3 -34.57 -17.73 -56.53
N ARG D 4 -33.72 -18.42 -55.79
CA ARG D 4 -33.29 -17.98 -54.46
C ARG D 4 -31.78 -17.72 -54.51
N SER D 5 -31.39 -16.46 -54.58
CA SER D 5 -29.98 -16.08 -54.68
C SER D 5 -29.33 -16.14 -53.31
N ALA D 6 -28.01 -16.08 -53.31
CA ALA D 6 -27.25 -16.18 -52.06
C ALA D 6 -27.35 -14.86 -51.29
N PRO D 7 -27.47 -14.96 -49.95
CA PRO D 7 -27.54 -13.75 -49.13
C PRO D 7 -26.24 -12.97 -49.13
N MET D 8 -26.35 -11.68 -48.82
CA MET D 8 -25.24 -10.75 -48.88
C MET D 8 -24.14 -11.18 -47.90
N SER D 9 -22.88 -11.04 -48.32
CA SER D 9 -21.76 -11.41 -47.46
C SER D 9 -21.67 -10.45 -46.27
N PRO D 10 -21.27 -10.97 -45.09
CA PRO D 10 -21.19 -10.12 -43.90
C PRO D 10 -20.28 -8.91 -44.08
N SER D 11 -19.15 -9.10 -44.77
CA SER D 11 -18.22 -8.01 -45.04
C SER D 11 -18.90 -6.87 -45.81
N ASP D 12 -19.59 -7.22 -46.89
CA ASP D 12 -20.32 -6.24 -47.70
C ASP D 12 -21.46 -5.59 -46.90
N PHE D 13 -22.14 -6.39 -46.07
CA PHE D 13 -23.26 -5.90 -45.28
C PHE D 13 -22.81 -4.85 -44.26
N LEU D 14 -21.73 -5.14 -43.55
CA LEU D 14 -21.20 -4.22 -42.55
C LEU D 14 -20.69 -2.93 -43.20
N ASP D 15 -20.08 -3.06 -44.38
CA ASP D 15 -19.61 -1.91 -45.15
C ASP D 15 -20.77 -0.98 -45.54
N LYS D 16 -21.90 -1.55 -45.94
CA LYS D 16 -23.07 -0.77 -46.35
C LYS D 16 -23.88 -0.22 -45.17
N LEU D 17 -23.82 -0.89 -44.02
CA LEU D 17 -24.64 -0.50 -42.85
C LEU D 17 -23.96 0.59 -42.01
N MET D 18 -22.66 0.42 -41.77
CA MET D 18 -21.90 1.34 -40.92
C MET D 18 -20.48 1.66 -41.37
N GLY D 19 -20.05 1.07 -42.50
CA GLY D 19 -18.67 1.22 -42.98
C GLY D 19 -18.52 2.29 -44.06
N ARG D 20 -17.51 2.12 -44.91
CA ARG D 20 -17.15 3.12 -45.93
C ARG D 20 -18.33 3.54 -46.79
N THR D 21 -19.01 2.56 -47.39
CA THR D 21 -20.11 2.85 -48.33
C THR D 21 -21.44 3.23 -47.66
N SER D 22 -21.50 3.20 -46.34
CA SER D 22 -22.74 3.42 -45.59
C SER D 22 -23.19 4.88 -45.53
N GLY D 23 -22.22 5.80 -45.44
CA GLY D 23 -22.53 7.21 -45.18
C GLY D 23 -22.95 7.44 -43.72
N TYR D 24 -22.69 6.45 -42.87
CA TYR D 24 -23.06 6.54 -41.46
C TYR D 24 -22.06 7.43 -40.74
N ASP D 25 -22.57 8.30 -39.88
CA ASP D 25 -21.72 9.21 -39.10
C ASP D 25 -22.01 9.00 -37.61
N ALA D 26 -21.05 8.43 -36.90
CA ALA D 26 -21.19 8.15 -35.47
C ALA D 26 -21.22 9.41 -34.60
N ARG D 27 -20.86 10.56 -35.18
CA ARG D 27 -20.90 11.83 -34.46
C ARG D 27 -22.32 12.41 -34.41
N ILE D 28 -23.26 11.82 -35.15
CA ILE D 28 -24.65 12.24 -35.14
C ILE D 28 -25.49 11.19 -34.41
N ARG D 29 -26.32 11.64 -33.48
CA ARG D 29 -27.16 10.72 -32.70
C ARG D 29 -28.36 10.26 -33.50
N PRO D 30 -28.96 9.12 -33.12
CA PRO D 30 -30.23 8.68 -33.72
C PRO D 30 -31.35 9.70 -33.49
N ASN D 31 -32.19 9.90 -34.51
CA ASN D 31 -33.27 10.88 -34.44
C ASN D 31 -32.74 12.26 -34.08
N PHE D 32 -31.70 12.68 -34.80
CA PHE D 32 -30.91 13.85 -34.43
C PHE D 32 -31.70 15.17 -34.41
N LYS D 33 -32.63 15.34 -35.35
CA LYS D 33 -33.48 16.54 -35.35
C LYS D 33 -34.78 16.35 -34.57
N GLY D 34 -34.99 15.16 -34.00
CA GLY D 34 -36.24 14.81 -33.34
C GLY D 34 -36.11 14.72 -31.84
N PRO D 35 -36.93 13.85 -31.20
CA PRO D 35 -36.95 13.72 -29.75
C PRO D 35 -35.70 13.01 -29.19
N PRO D 36 -35.50 13.05 -27.86
CA PRO D 36 -34.29 12.49 -27.28
C PRO D 36 -34.17 10.98 -27.44
N VAL D 37 -32.95 10.48 -27.46
CA VAL D 37 -32.70 9.04 -27.52
C VAL D 37 -33.04 8.45 -26.15
N ASN D 38 -33.86 7.40 -26.16
CA ASN D 38 -34.25 6.71 -24.93
C ASN D 38 -33.36 5.50 -24.71
N VAL D 39 -32.43 5.62 -23.76
CA VAL D 39 -31.53 4.52 -23.43
C VAL D 39 -32.05 3.79 -22.19
N THR D 40 -32.31 2.50 -22.35
CA THR D 40 -32.79 1.65 -21.27
C THR D 40 -31.61 0.88 -20.66
N CYS D 41 -31.35 1.09 -19.38
CA CYS D 41 -30.19 0.51 -18.71
C CYS D 41 -30.56 -0.65 -17.79
N ASN D 42 -29.68 -1.63 -17.71
CA ASN D 42 -29.75 -2.66 -16.67
C ASN D 42 -28.33 -3.14 -16.33
N ILE D 43 -28.11 -3.56 -15.09
CA ILE D 43 -26.78 -4.01 -14.67
C ILE D 43 -26.82 -5.41 -14.08
N PHE D 44 -25.78 -6.20 -14.34
CA PHE D 44 -25.59 -7.49 -13.69
C PHE D 44 -24.39 -7.36 -12.78
N ILE D 45 -24.60 -7.57 -11.48
CA ILE D 45 -23.53 -7.43 -10.50
C ILE D 45 -22.79 -8.75 -10.36
N ASN D 46 -21.60 -8.80 -10.95
CA ASN D 46 -20.78 -10.00 -10.95
C ASN D 46 -20.04 -10.16 -9.62
N SER D 47 -19.71 -9.02 -9.01
CA SER D 47 -18.93 -8.99 -7.78
C SER D 47 -19.21 -7.70 -7.02
N PHE D 48 -19.20 -7.78 -5.69
CA PHE D 48 -19.56 -6.65 -4.82
C PHE D 48 -18.75 -6.78 -3.55
N GLY D 49 -17.89 -5.81 -3.27
CA GLY D 49 -17.02 -5.90 -2.10
C GLY D 49 -16.10 -4.72 -1.88
N SER D 50 -14.96 -4.97 -1.24
CA SER D 50 -14.02 -3.92 -0.81
C SER D 50 -14.74 -2.73 -0.19
N ILE D 51 -15.70 -3.00 0.69
CA ILE D 51 -16.48 -1.95 1.32
C ILE D 51 -15.66 -1.35 2.46
N ALA D 52 -15.08 -0.18 2.22
CA ALA D 52 -14.15 0.45 3.16
C ALA D 52 -14.80 1.63 3.89
N GLU D 53 -14.82 1.56 5.21
CA GLU D 53 -15.32 2.66 6.03
C GLU D 53 -14.33 3.83 6.02
N THR D 54 -13.04 3.52 6.06
CA THR D 54 -11.98 4.53 6.13
C THR D 54 -11.99 5.46 4.92
N THR D 55 -11.93 4.89 3.72
CA THR D 55 -11.95 5.65 2.49
C THR D 55 -13.38 5.95 2.01
N MET D 56 -14.37 5.33 2.65
CA MET D 56 -15.77 5.68 2.48
C MET D 56 -16.26 5.36 1.05
N ASP D 57 -15.98 4.14 0.60
CA ASP D 57 -16.29 3.71 -0.75
C ASP D 57 -16.45 2.18 -0.84
N TYR D 58 -16.84 1.70 -2.02
CA TYR D 58 -16.96 0.26 -2.26
C TYR D 58 -16.65 -0.07 -3.72
N ARG D 59 -16.28 -1.32 -3.97
CA ARG D 59 -15.91 -1.75 -5.31
C ARG D 59 -16.93 -2.73 -5.87
N VAL D 60 -17.16 -2.65 -7.17
CA VAL D 60 -18.13 -3.50 -7.81
C VAL D 60 -17.64 -3.91 -9.20
N ASN D 61 -17.93 -5.14 -9.61
CA ASN D 61 -17.69 -5.58 -10.98
C ASN D 61 -19.03 -5.89 -11.62
N ILE D 62 -19.32 -5.22 -12.74
CA ILE D 62 -20.65 -5.31 -13.34
C ILE D 62 -20.58 -5.54 -14.85
N PHE D 63 -21.66 -6.06 -15.40
CA PHE D 63 -21.94 -5.94 -16.83
C PHE D 63 -22.98 -4.84 -16.96
N LEU D 64 -22.60 -3.74 -17.61
CA LEU D 64 -23.51 -2.64 -17.88
C LEU D 64 -24.16 -2.85 -19.24
N ARG D 65 -25.48 -3.05 -19.26
CA ARG D 65 -26.23 -3.20 -20.50
C ARG D 65 -26.93 -1.89 -20.85
N GLN D 66 -26.81 -1.49 -22.11
CA GLN D 66 -27.50 -0.30 -22.61
C GLN D 66 -28.29 -0.67 -23.86
N LYS D 67 -29.55 -0.26 -23.89
CA LYS D 67 -30.42 -0.51 -25.04
C LYS D 67 -30.97 0.80 -25.58
N TRP D 68 -30.94 0.94 -26.91
CA TRP D 68 -31.54 2.10 -27.57
C TRP D 68 -31.83 1.77 -29.03
N ASN D 69 -32.58 2.64 -29.70
CA ASN D 69 -32.91 2.46 -31.11
C ASN D 69 -32.13 3.42 -32.01
N ASP D 70 -31.45 2.86 -33.01
CA ASP D 70 -30.82 3.64 -34.08
C ASP D 70 -31.44 3.20 -35.41
N PRO D 71 -32.37 4.01 -35.97
CA PRO D 71 -33.00 3.63 -37.24
C PRO D 71 -32.03 3.40 -38.40
N ARG D 72 -30.86 4.04 -38.36
CA ARG D 72 -29.83 3.85 -39.38
C ARG D 72 -29.27 2.42 -39.42
N LEU D 73 -29.46 1.65 -38.34
CA LEU D 73 -28.95 0.28 -38.26
C LEU D 73 -30.02 -0.79 -38.48
N ALA D 74 -31.22 -0.38 -38.90
CA ALA D 74 -32.25 -1.34 -39.29
C ALA D 74 -31.80 -2.09 -40.55
N TYR D 75 -32.14 -3.37 -40.64
CA TYR D 75 -31.71 -4.21 -41.76
C TYR D 75 -32.83 -5.14 -42.23
N SER D 76 -32.76 -5.51 -43.50
CA SER D 76 -33.69 -6.46 -44.10
C SER D 76 -32.99 -7.57 -44.89
N GLU D 77 -31.67 -7.61 -44.85
CA GLU D 77 -30.91 -8.52 -45.70
C GLU D 77 -30.91 -9.95 -45.17
N TYR D 78 -31.12 -10.11 -43.87
CA TYR D 78 -31.17 -11.43 -43.23
C TYR D 78 -32.47 -11.60 -42.46
N PRO D 79 -33.00 -12.84 -42.39
CA PRO D 79 -34.24 -13.12 -41.66
C PRO D 79 -34.07 -13.15 -40.13
N ASP D 80 -32.82 -13.13 -39.66
CA ASP D 80 -32.53 -13.26 -38.23
C ASP D 80 -33.11 -12.08 -37.45
N ASP D 81 -33.73 -12.38 -36.30
CA ASP D 81 -34.29 -11.34 -35.43
C ASP D 81 -33.21 -10.36 -34.98
N SER D 82 -32.02 -10.89 -34.72
CA SER D 82 -30.87 -10.07 -34.33
C SER D 82 -29.57 -10.61 -34.90
N LEU D 83 -28.53 -9.79 -34.85
CA LEU D 83 -27.20 -10.17 -35.29
C LEU D 83 -26.19 -9.85 -34.20
N ASP D 84 -25.34 -10.81 -33.87
CA ASP D 84 -24.25 -10.61 -32.93
C ASP D 84 -23.01 -10.15 -33.68
N LEU D 85 -22.62 -8.89 -33.45
CA LEU D 85 -21.51 -8.29 -34.19
C LEU D 85 -20.22 -8.30 -33.41
N ASP D 86 -19.11 -8.35 -34.13
CA ASP D 86 -17.79 -8.25 -33.53
C ASP D 86 -17.67 -6.89 -32.85
N PRO D 87 -17.19 -6.86 -31.60
CA PRO D 87 -17.20 -5.61 -30.83
C PRO D 87 -16.32 -4.50 -31.40
N SER D 88 -15.43 -4.82 -32.34
CA SER D 88 -14.65 -3.78 -33.01
C SER D 88 -15.54 -2.82 -33.79
N MET D 89 -16.76 -3.24 -34.13
CA MET D 89 -17.73 -2.39 -34.80
C MET D 89 -18.36 -1.33 -33.90
N LEU D 90 -18.13 -1.42 -32.58
CA LEU D 90 -18.59 -0.38 -31.65
C LEU D 90 -17.97 0.99 -31.93
N ASP D 91 -16.75 0.99 -32.45
CA ASP D 91 -16.07 2.24 -32.81
C ASP D 91 -16.75 2.93 -34.00
N SER D 92 -17.46 2.16 -34.82
CA SER D 92 -18.11 2.68 -36.01
C SER D 92 -19.53 3.23 -35.79
N ILE D 93 -20.16 2.91 -34.65
CA ILE D 93 -21.53 3.35 -34.40
C ILE D 93 -21.61 4.40 -33.29
N TRP D 94 -22.70 5.17 -33.29
CA TRP D 94 -22.98 6.09 -32.21
C TRP D 94 -23.37 5.28 -30.98
N LYS D 95 -23.00 5.78 -29.80
CA LYS D 95 -23.46 5.18 -28.55
C LYS D 95 -23.46 6.24 -27.44
N PRO D 96 -24.27 5.99 -26.38
CA PRO D 96 -24.39 6.99 -25.32
C PRO D 96 -23.08 7.24 -24.57
N ASP D 97 -22.95 8.42 -23.99
CA ASP D 97 -21.75 8.79 -23.23
C ASP D 97 -21.98 8.61 -21.72
N LEU D 98 -22.40 7.42 -21.33
CA LEU D 98 -22.73 7.13 -19.94
C LEU D 98 -21.48 7.14 -19.08
N PHE D 99 -21.53 7.90 -17.99
CA PHE D 99 -20.47 7.85 -16.99
C PHE D 99 -21.10 7.71 -15.61
N PHE D 100 -20.29 7.29 -14.64
CA PHE D 100 -20.76 7.09 -13.28
C PHE D 100 -20.37 8.29 -12.42
N ALA D 101 -21.38 9.04 -11.98
CA ALA D 101 -21.15 10.33 -11.33
C ALA D 101 -20.37 10.23 -10.02
N ASN D 102 -20.59 9.16 -9.27
CA ASN D 102 -19.92 8.97 -7.98
C ASN D 102 -18.77 7.96 -8.07
N GLU D 103 -18.17 7.84 -9.25
CA GLU D 103 -17.06 6.93 -9.48
C GLU D 103 -15.74 7.59 -9.08
N LYS D 104 -14.98 6.91 -8.22
CA LYS D 104 -13.63 7.33 -7.84
C LYS D 104 -12.58 6.67 -8.70
N GLY D 105 -12.85 5.44 -9.17
CA GLY D 105 -12.00 4.73 -10.10
C GLY D 105 -12.83 3.82 -10.97
N ALA D 106 -12.39 3.60 -12.20
CA ALA D 106 -13.14 2.77 -13.13
C ALA D 106 -12.23 2.28 -14.26
N ASN D 107 -12.41 1.04 -14.67
CA ASN D 107 -11.65 0.52 -15.80
C ASN D 107 -12.41 -0.52 -16.60
N PHE D 108 -12.02 -0.63 -17.87
CA PHE D 108 -12.52 -1.65 -18.76
C PHE D 108 -11.73 -2.94 -18.52
N HIS D 109 -12.10 -4.00 -19.24
CA HIS D 109 -11.44 -5.29 -19.13
C HIS D 109 -11.07 -5.78 -20.53
N GLU D 110 -9.78 -5.93 -20.77
CA GLU D 110 -9.26 -6.19 -22.11
C GLU D 110 -8.63 -7.57 -22.28
N VAL D 111 -8.73 -8.43 -21.26
CA VAL D 111 -8.19 -9.78 -21.33
C VAL D 111 -9.32 -10.81 -21.52
N THR D 112 -9.21 -11.74 -22.46
CA THR D 112 -8.13 -11.83 -23.44
C THR D 112 -8.39 -10.92 -24.64
N THR D 113 -9.62 -10.45 -24.76
CA THR D 113 -10.00 -9.45 -25.74
C THR D 113 -10.92 -8.48 -25.03
N ASP D 114 -11.37 -7.42 -25.71
CA ASP D 114 -12.27 -6.45 -25.08
C ASP D 114 -13.52 -7.16 -24.58
N ASN D 115 -13.83 -6.98 -23.30
CA ASN D 115 -14.99 -7.60 -22.67
C ASN D 115 -16.23 -6.77 -23.03
N LYS D 116 -16.66 -6.89 -24.30
CA LYS D 116 -17.77 -6.10 -24.84
C LYS D 116 -18.65 -6.96 -25.73
N LEU D 117 -19.91 -6.54 -25.84
CA LEU D 117 -20.91 -7.28 -26.60
C LEU D 117 -21.75 -6.30 -27.40
N LEU D 118 -21.92 -6.56 -28.69
CA LEU D 118 -22.74 -5.71 -29.56
C LEU D 118 -23.73 -6.57 -30.33
N ARG D 119 -25.02 -6.28 -30.14
CA ARG D 119 -26.07 -7.02 -30.80
C ARG D 119 -27.05 -6.01 -31.42
N ILE D 120 -27.39 -6.20 -32.70
CA ILE D 120 -28.34 -5.32 -33.38
C ILE D 120 -29.56 -6.11 -33.83
N PHE D 121 -30.72 -5.44 -33.84
CA PHE D 121 -31.99 -6.08 -34.21
C PHE D 121 -32.51 -5.52 -35.53
N LYS D 122 -33.43 -6.26 -36.15
CA LYS D 122 -34.05 -5.88 -37.42
C LYS D 122 -34.50 -4.42 -37.49
N ASN D 123 -35.19 -3.98 -36.44
CA ASN D 123 -35.76 -2.63 -36.39
C ASN D 123 -34.77 -1.52 -35.98
N GLY D 124 -33.51 -1.87 -35.81
CA GLY D 124 -32.47 -0.90 -35.46
C GLY D 124 -32.16 -0.78 -33.97
N ASN D 125 -32.79 -1.63 -33.15
CA ASN D 125 -32.47 -1.66 -31.73
C ASN D 125 -31.05 -2.16 -31.53
N VAL D 126 -30.37 -1.60 -30.54
CA VAL D 126 -29.01 -1.97 -30.21
C VAL D 126 -28.98 -2.47 -28.77
N LEU D 127 -28.26 -3.57 -28.55
CA LEU D 127 -27.90 -4.01 -27.21
C LEU D 127 -26.39 -3.90 -27.09
N TYR D 128 -25.93 -3.20 -26.06
CA TYR D 128 -24.52 -2.94 -25.85
C TYR D 128 -24.19 -3.27 -24.40
N SER D 129 -23.43 -4.34 -24.19
CA SER D 129 -23.01 -4.74 -22.86
C SER D 129 -21.50 -4.61 -22.72
N ILE D 130 -21.06 -4.05 -21.61
CA ILE D 130 -19.63 -3.88 -21.34
C ILE D 130 -19.34 -4.22 -19.88
N ARG D 131 -18.25 -4.94 -19.65
CA ARG D 131 -17.82 -5.29 -18.31
C ARG D 131 -16.96 -4.17 -17.74
N LEU D 132 -17.31 -3.73 -16.53
CA LEU D 132 -16.60 -2.65 -15.86
C LEU D 132 -16.31 -3.00 -14.41
N THR D 133 -15.15 -2.58 -13.93
CA THR D 133 -14.88 -2.52 -12.50
C THR D 133 -14.99 -1.07 -12.09
N LEU D 134 -15.74 -0.81 -11.02
CA LEU D 134 -15.95 0.55 -10.54
C LEU D 134 -15.69 0.62 -9.05
N THR D 135 -14.96 1.66 -8.63
CA THR D 135 -14.87 2.02 -7.22
C THR D 135 -15.76 3.25 -7.01
N LEU D 136 -16.83 3.06 -6.26
CA LEU D 136 -17.86 4.08 -6.09
C LEU D 136 -17.84 4.63 -4.67
N SER D 137 -18.02 5.94 -4.53
CA SER D 137 -18.04 6.58 -3.22
C SER D 137 -19.37 6.31 -2.52
N CYS D 138 -19.29 5.99 -1.24
CA CYS D 138 -20.47 5.68 -0.43
C CYS D 138 -20.30 6.38 0.92
N PRO D 139 -20.78 7.63 1.04
CA PRO D 139 -20.78 8.34 2.33
C PRO D 139 -21.56 7.56 3.38
N MET D 140 -20.95 7.34 4.54
CA MET D 140 -21.51 6.47 5.56
C MET D 140 -21.88 7.22 6.83
N ASP D 141 -23.00 6.81 7.44
CA ASP D 141 -23.41 7.30 8.74
C ASP D 141 -23.12 6.18 9.75
N LEU D 142 -22.15 6.41 10.61
CA LEU D 142 -21.70 5.39 11.55
C LEU D 142 -22.22 5.60 12.98
N LYS D 143 -23.29 6.38 13.13
CA LYS D 143 -23.89 6.63 14.46
C LYS D 143 -24.21 5.34 15.21
N ASN D 144 -24.76 4.35 14.50
CA ASN D 144 -25.16 3.09 15.12
C ASN D 144 -24.15 1.95 14.97
N PHE D 145 -22.93 2.27 14.56
CA PHE D 145 -21.88 1.25 14.38
C PHE D 145 -21.57 0.56 15.72
N PRO D 146 -21.46 -0.76 15.76
CA PRO D 146 -21.46 -1.66 14.60
C PRO D 146 -22.83 -2.31 14.26
N MET D 147 -23.92 -1.69 14.68
CA MET D 147 -25.26 -2.16 14.33
C MET D 147 -25.87 -1.26 13.24
N ASP D 148 -25.00 -0.67 12.42
CA ASP D 148 -25.39 0.31 11.42
C ASP D 148 -25.86 -0.35 10.14
N VAL D 149 -26.66 0.39 9.37
CA VAL D 149 -27.09 -0.04 8.05
C VAL D 149 -26.73 1.07 7.06
N GLN D 150 -26.13 0.71 5.95
CA GLN D 150 -25.57 1.68 5.01
C GLN D 150 -26.28 1.64 3.68
N THR D 151 -26.45 2.82 3.07
CA THR D 151 -27.03 2.95 1.75
C THR D 151 -25.96 3.42 0.78
N CYS D 152 -25.52 2.52 -0.09
CA CYS D 152 -24.53 2.84 -1.10
C CYS D 152 -25.21 2.98 -2.46
N ILE D 153 -24.93 4.10 -3.14
CA ILE D 153 -25.61 4.43 -4.39
C ILE D 153 -24.70 4.26 -5.60
N MET D 154 -25.30 4.34 -6.76
CA MET D 154 -24.60 4.22 -8.03
C MET D 154 -25.36 5.06 -9.06
N GLN D 155 -24.75 6.14 -9.51
CA GLN D 155 -25.40 7.08 -10.43
C GLN D 155 -24.90 6.93 -11.87
N LEU D 156 -25.83 6.69 -12.79
CA LEU D 156 -25.52 6.58 -14.21
C LEU D 156 -25.97 7.88 -14.88
N GLU D 157 -25.02 8.64 -15.44
CA GLU D 157 -25.28 9.99 -15.91
C GLU D 157 -24.71 10.21 -17.32
N SER D 158 -25.27 11.18 -18.03
CA SER D 158 -24.72 11.62 -19.31
C SER D 158 -23.85 12.85 -19.08
N PHE D 159 -22.63 12.83 -19.65
CA PHE D 159 -21.71 13.94 -19.46
C PHE D 159 -21.95 15.09 -20.44
N GLY D 160 -22.25 14.75 -21.70
CA GLY D 160 -22.29 15.73 -22.77
C GLY D 160 -23.65 16.03 -23.40
N TYR D 161 -24.60 15.12 -23.26
CA TYR D 161 -25.93 15.29 -23.85
C TYR D 161 -26.91 15.81 -22.82
N THR D 162 -27.63 16.88 -23.17
CA THR D 162 -28.68 17.41 -22.31
C THR D 162 -29.97 16.59 -22.49
N MET D 163 -30.95 16.85 -21.63
CA MET D 163 -32.19 16.06 -21.58
C MET D 163 -33.01 16.06 -22.88
N ASN D 164 -32.87 17.11 -23.68
CA ASN D 164 -33.54 17.17 -24.98
C ASN D 164 -32.92 16.23 -26.04
N ASP D 165 -31.68 15.80 -25.82
CA ASP D 165 -30.99 14.89 -26.75
C ASP D 165 -30.84 13.46 -26.24
N LEU D 166 -30.76 13.28 -24.92
CA LEU D 166 -30.50 11.95 -24.34
C LEU D 166 -31.14 11.78 -22.96
N ILE D 167 -31.89 10.69 -22.80
CA ILE D 167 -32.56 10.35 -21.53
C ILE D 167 -32.24 8.91 -21.14
N PHE D 168 -31.88 8.71 -19.88
CA PHE D 168 -31.66 7.37 -19.33
C PHE D 168 -32.88 6.88 -18.56
N GLU D 169 -33.01 5.57 -18.47
CA GLU D 169 -34.18 4.94 -17.86
C GLU D 169 -33.83 3.51 -17.48
N TRP D 170 -34.24 3.06 -16.30
CA TRP D 170 -34.05 1.67 -15.90
C TRP D 170 -35.03 0.77 -16.65
N GLN D 171 -34.64 -0.47 -16.90
CA GLN D 171 -35.55 -1.49 -17.40
C GLN D 171 -36.73 -1.67 -16.44
N ASP D 172 -37.89 -2.04 -16.98
CA ASP D 172 -39.05 -2.33 -16.13
C ASP D 172 -38.87 -3.65 -15.39
N GLU D 173 -38.47 -4.69 -16.13
CA GLU D 173 -38.27 -6.02 -15.55
C GLU D 173 -36.79 -6.28 -15.22
N ALA D 174 -36.51 -6.49 -13.93
CA ALA D 174 -35.18 -6.88 -13.44
C ALA D 174 -34.04 -5.99 -13.92
N PRO D 175 -34.03 -4.72 -13.50
CA PRO D 175 -32.97 -3.79 -13.90
C PRO D 175 -31.62 -4.15 -13.29
N VAL D 176 -31.62 -4.56 -12.02
CA VAL D 176 -30.40 -4.95 -11.32
C VAL D 176 -30.47 -6.43 -10.99
N GLN D 177 -29.50 -7.20 -11.48
CA GLN D 177 -29.42 -8.63 -11.22
C GLN D 177 -28.12 -8.90 -10.48
N VAL D 178 -28.15 -9.89 -9.59
CA VAL D 178 -26.98 -10.24 -8.80
C VAL D 178 -26.61 -11.69 -9.08
N ALA D 179 -25.31 -11.95 -9.17
CA ALA D 179 -24.82 -13.31 -9.41
C ALA D 179 -25.27 -14.23 -8.30
N GLU D 180 -25.65 -15.46 -8.66
CA GLU D 180 -26.13 -16.44 -7.69
C GLU D 180 -25.03 -16.77 -6.68
N GLY D 181 -25.40 -16.85 -5.40
CA GLY D 181 -24.47 -17.20 -4.34
C GLY D 181 -23.42 -16.14 -4.03
N LEU D 182 -23.70 -14.89 -4.39
CA LEU D 182 -22.79 -13.79 -4.09
C LEU D 182 -22.96 -13.37 -2.63
N THR D 183 -21.91 -13.54 -1.84
CA THR D 183 -21.94 -13.19 -0.42
C THR D 183 -20.89 -12.16 -0.07
N LEU D 184 -21.21 -11.34 0.93
CA LEU D 184 -20.29 -10.34 1.46
C LEU D 184 -19.94 -10.78 2.88
N PRO D 185 -18.64 -10.77 3.25
CA PRO D 185 -18.27 -11.31 4.56
C PRO D 185 -18.70 -10.43 5.75
N GLN D 186 -18.73 -9.12 5.55
CA GLN D 186 -19.09 -8.18 6.62
C GLN D 186 -20.55 -7.72 6.59
N PHE D 187 -21.20 -7.82 5.44
CA PHE D 187 -22.53 -7.25 5.24
C PHE D 187 -23.53 -8.24 4.64
N LEU D 188 -24.81 -7.89 4.75
CA LEU D 188 -25.87 -8.57 4.01
C LEU D 188 -26.41 -7.58 2.99
N LEU D 189 -26.36 -7.96 1.72
CA LEU D 189 -26.95 -7.14 0.66
C LEU D 189 -28.43 -7.45 0.59
N LYS D 190 -29.26 -6.46 0.92
CA LYS D 190 -30.71 -6.64 0.94
C LYS D 190 -31.24 -6.84 -0.46
N GLU D 191 -32.35 -7.57 -0.57
CA GLU D 191 -32.94 -7.93 -1.85
C GLU D 191 -33.52 -6.71 -2.57
N GLU D 192 -34.11 -5.79 -1.80
CA GLU D 192 -34.75 -4.61 -2.38
C GLU D 192 -33.73 -3.52 -2.69
N LYS D 193 -33.68 -3.13 -3.96
CA LYS D 193 -32.86 -2.00 -4.41
C LYS D 193 -33.77 -0.86 -4.84
N ASP D 194 -33.57 0.33 -4.29
CA ASP D 194 -34.35 1.50 -4.69
C ASP D 194 -33.84 2.03 -6.03
N LEU D 195 -34.77 2.43 -6.89
CA LEU D 195 -34.43 3.06 -8.17
C LEU D 195 -35.04 4.45 -8.19
N ARG D 196 -34.28 5.44 -8.65
CA ARG D 196 -34.81 6.80 -8.76
C ARG D 196 -33.99 7.66 -9.72
N TYR D 197 -34.49 8.87 -9.97
CA TYR D 197 -33.84 9.84 -10.83
C TYR D 197 -32.95 10.79 -10.03
N CYS D 198 -31.75 11.05 -10.53
CA CYS D 198 -30.79 11.98 -9.91
C CYS D 198 -30.54 13.18 -10.84
N THR D 199 -31.53 13.52 -11.67
CA THR D 199 -31.34 14.53 -12.73
C THR D 199 -30.55 15.74 -12.25
N LYS D 200 -29.45 16.03 -12.95
CA LYS D 200 -28.52 17.07 -12.54
C LYS D 200 -28.78 18.39 -13.26
N HIS D 201 -28.60 19.49 -12.54
CA HIS D 201 -28.68 20.83 -13.12
C HIS D 201 -27.36 21.54 -12.81
N TYR D 202 -26.50 21.64 -13.82
CA TYR D 202 -25.26 22.40 -13.71
C TYR D 202 -25.44 23.73 -14.45
N ASN D 203 -24.43 24.58 -14.41
CA ASN D 203 -24.46 25.81 -15.22
C ASN D 203 -24.29 25.54 -16.73
N THR D 204 -23.92 24.31 -17.08
CA THR D 204 -23.84 23.88 -18.46
C THR D 204 -25.15 23.28 -18.98
N GLY D 205 -26.13 23.09 -18.10
CA GLY D 205 -27.45 22.62 -18.49
C GLY D 205 -28.00 21.49 -17.64
N LYS D 206 -29.01 20.81 -18.19
CA LYS D 206 -29.76 19.78 -17.49
C LYS D 206 -29.43 18.41 -18.08
N PHE D 207 -28.94 17.50 -17.24
CA PHE D 207 -28.42 16.22 -17.71
C PHE D 207 -29.13 15.02 -17.07
N THR D 208 -29.46 14.03 -17.90
CA THR D 208 -30.11 12.81 -17.44
C THR D 208 -29.21 12.06 -16.45
N CYS D 209 -29.84 11.48 -15.43
CA CYS D 209 -29.13 10.75 -14.38
C CYS D 209 -30.12 9.81 -13.70
N ILE D 210 -29.79 8.52 -13.69
CA ILE D 210 -30.61 7.53 -12.98
C ILE D 210 -29.74 6.86 -11.93
N GLU D 211 -30.40 6.39 -10.88
CA GLU D 211 -29.72 5.99 -9.65
C GLU D 211 -30.24 4.67 -9.15
N VAL D 212 -29.36 3.86 -8.58
CA VAL D 212 -29.75 2.65 -7.85
C VAL D 212 -29.12 2.71 -6.46
N ARG D 213 -29.91 2.36 -5.44
CA ARG D 213 -29.44 2.38 -4.05
C ARG D 213 -29.44 0.97 -3.48
N PHE D 214 -28.28 0.52 -3.01
CA PHE D 214 -28.15 -0.77 -2.35
C PHE D 214 -28.20 -0.57 -0.85
N HIS D 215 -28.86 -1.47 -0.14
CA HIS D 215 -28.93 -1.41 1.31
C HIS D 215 -28.07 -2.51 1.92
N LEU D 216 -27.05 -2.09 2.68
CA LEU D 216 -26.08 -3.00 3.27
C LEU D 216 -26.22 -3.02 4.78
N GLU D 217 -26.60 -4.18 5.31
CA GLU D 217 -26.78 -4.38 6.74
C GLU D 217 -25.55 -5.07 7.31
N ARG D 218 -24.86 -4.42 8.24
CA ARG D 218 -23.62 -4.98 8.81
C ARG D 218 -23.91 -6.17 9.71
N GLN D 219 -23.14 -7.24 9.50
CA GLN D 219 -23.29 -8.46 10.29
C GLN D 219 -22.71 -8.27 11.69
N MET D 220 -23.48 -8.68 12.69
CA MET D 220 -23.17 -8.39 14.09
C MET D 220 -22.19 -9.40 14.72
N GLY D 221 -22.22 -10.64 14.24
CA GLY D 221 -21.46 -11.74 14.84
C GLY D 221 -19.99 -11.50 15.08
N TYR D 222 -19.33 -10.82 14.15
CA TYR D 222 -17.90 -10.50 14.29
C TYR D 222 -17.62 -9.65 15.53
N TYR D 223 -18.51 -8.69 15.80
CA TYR D 223 -18.30 -7.73 16.88
C TYR D 223 -18.64 -8.31 18.25
N LEU D 224 -19.55 -9.27 18.30
CA LEU D 224 -19.81 -10.03 19.52
C LEU D 224 -18.54 -10.76 19.94
N ILE D 225 -17.91 -11.44 19.00
CA ILE D 225 -16.74 -12.27 19.29
C ILE D 225 -15.49 -11.45 19.58
N GLN D 226 -15.26 -10.38 18.82
CA GLN D 226 -13.99 -9.65 18.91
C GLN D 226 -14.07 -8.33 19.69
N MET D 227 -15.27 -7.87 20.03
CA MET D 227 -15.43 -6.56 20.67
C MET D 227 -16.28 -6.59 21.96
N TYR D 228 -17.50 -7.13 21.87
CA TYR D 228 -18.43 -7.10 23.00
C TYR D 228 -18.13 -8.14 24.08
N ILE D 229 -17.85 -9.38 23.69
CA ILE D 229 -17.48 -10.43 24.65
C ILE D 229 -16.18 -10.13 25.39
N PRO D 230 -15.12 -9.75 24.67
CA PRO D 230 -13.87 -9.42 25.38
C PRO D 230 -13.97 -8.21 26.31
N SER D 231 -14.91 -7.30 26.07
CA SER D 231 -15.16 -6.19 26.99
C SER D 231 -15.89 -6.68 28.24
N LEU D 232 -16.86 -7.57 28.07
CA LEU D 232 -17.50 -8.26 29.21
C LEU D 232 -16.47 -8.93 30.10
N LEU D 233 -15.51 -9.62 29.49
CA LEU D 233 -14.46 -10.32 30.22
C LEU D 233 -13.67 -9.40 31.14
N ILE D 234 -13.41 -8.17 30.69
CA ILE D 234 -12.64 -7.21 31.49
C ILE D 234 -13.49 -6.62 32.61
N VAL D 235 -14.77 -6.40 32.33
CA VAL D 235 -15.70 -5.89 33.35
C VAL D 235 -15.92 -6.94 34.45
N ILE D 236 -16.14 -8.18 34.04
CA ILE D 236 -16.28 -9.30 34.99
C ILE D 236 -15.00 -9.49 35.80
N LEU D 237 -13.84 -9.29 35.16
CA LEU D 237 -12.56 -9.42 35.84
C LEU D 237 -12.42 -8.38 36.95
N SER D 238 -12.90 -7.16 36.71
CA SER D 238 -12.84 -6.09 37.71
C SER D 238 -13.60 -6.43 39.01
N TRP D 239 -14.62 -7.28 38.90
CA TRP D 239 -15.46 -7.64 40.05
C TRP D 239 -14.80 -8.63 41.01
N VAL D 240 -13.80 -9.37 40.55
CA VAL D 240 -13.14 -10.36 41.42
C VAL D 240 -12.37 -9.65 42.55
N SER D 241 -12.05 -8.37 42.34
CA SER D 241 -11.50 -7.51 43.39
C SER D 241 -12.35 -7.52 44.67
N PHE D 242 -13.66 -7.61 44.52
CA PHE D 242 -14.58 -7.54 45.66
C PHE D 242 -14.60 -8.79 46.54
N TRP D 243 -14.04 -9.89 46.03
CA TRP D 243 -13.91 -11.13 46.80
C TRP D 243 -12.50 -11.28 47.37
N ILE D 244 -11.66 -10.27 47.17
CA ILE D 244 -10.27 -10.28 47.66
C ILE D 244 -10.20 -9.52 48.99
N ASN D 245 -9.27 -9.96 49.84
CA ASN D 245 -9.03 -9.34 51.16
C ASN D 245 -8.69 -7.85 51.03
N MET D 246 -9.28 -7.03 51.89
CA MET D 246 -9.07 -5.58 51.85
C MET D 246 -7.64 -5.16 52.24
N ASP D 247 -6.98 -5.99 53.06
CA ASP D 247 -5.60 -5.75 53.45
C ASP D 247 -4.63 -5.83 52.27
N ALA D 248 -4.96 -6.66 51.28
CA ALA D 248 -4.13 -6.82 50.08
C ALA D 248 -4.26 -5.62 49.14
N ALA D 249 -3.60 -4.53 49.49
CA ALA D 249 -3.66 -3.28 48.71
C ALA D 249 -3.05 -3.39 47.32
N PRO D 250 -1.80 -3.90 47.22
CA PRO D 250 -1.20 -3.97 45.88
C PRO D 250 -1.99 -4.86 44.91
N ALA D 251 -2.58 -5.94 45.40
CA ALA D 251 -3.35 -6.86 44.57
C ALA D 251 -4.63 -6.21 44.03
N ARG D 252 -5.41 -5.60 44.92
CA ARG D 252 -6.67 -4.96 44.54
C ARG D 252 -6.46 -3.72 43.66
N VAL D 253 -5.41 -2.95 43.94
CA VAL D 253 -5.08 -1.78 43.11
C VAL D 253 -4.60 -2.21 41.73
N ALA D 254 -3.60 -3.11 41.70
CA ALA D 254 -3.07 -3.62 40.44
C ALA D 254 -4.16 -4.23 39.56
N LEU D 255 -5.08 -4.95 40.19
CA LEU D 255 -6.21 -5.55 39.49
C LEU D 255 -7.17 -4.49 38.98
N GLY D 256 -7.36 -3.43 39.76
CA GLY D 256 -8.19 -2.30 39.36
C GLY D 256 -7.59 -1.49 38.22
N ILE D 257 -6.28 -1.27 38.25
CA ILE D 257 -5.59 -0.50 37.22
C ILE D 257 -5.58 -1.23 35.88
N THR D 258 -5.09 -2.47 35.90
CA THR D 258 -4.91 -3.24 34.66
C THR D 258 -6.20 -3.40 33.87
N THR D 259 -7.33 -3.53 34.58
CA THR D 259 -8.64 -3.58 33.93
C THR D 259 -9.00 -2.25 33.26
N VAL D 260 -8.67 -1.13 33.92
CA VAL D 260 -8.89 0.20 33.34
C VAL D 260 -8.05 0.40 32.07
N LEU D 261 -6.77 0.03 32.13
CA LEU D 261 -5.85 0.24 31.00
C LEU D 261 -6.13 -0.72 29.85
N THR D 262 -6.45 -1.97 30.17
CA THR D 262 -6.85 -2.94 29.15
C THR D 262 -8.12 -2.47 28.44
N MET D 263 -9.00 -1.79 29.18
CA MET D 263 -10.24 -1.27 28.62
C MET D 263 -10.03 -0.07 27.70
N THR D 264 -9.04 0.77 28.00
CA THR D 264 -8.73 1.92 27.15
C THR D 264 -8.10 1.48 25.82
N THR D 265 -7.17 0.52 25.88
CA THR D 265 -6.54 0.00 24.67
C THR D 265 -7.55 -0.79 23.84
N GLN D 266 -8.43 -1.52 24.51
CA GLN D 266 -9.56 -2.19 23.86
C GLN D 266 -10.43 -1.19 23.10
N SER D 267 -10.74 -0.07 23.76
CA SER D 267 -11.62 0.95 23.18
C SER D 267 -10.97 1.69 22.01
N SER D 268 -9.71 2.07 22.17
CA SER D 268 -9.00 2.80 21.12
C SER D 268 -8.64 1.90 19.93
N GLY D 269 -8.38 0.63 20.20
CA GLY D 269 -8.08 -0.34 19.15
C GLY D 269 -9.25 -0.64 18.23
N SER D 270 -10.47 -0.55 18.76
CA SER D 270 -11.68 -0.77 17.98
C SER D 270 -11.99 0.37 17.01
N ARG D 271 -11.48 1.56 17.31
CA ARG D 271 -11.66 2.74 16.45
C ARG D 271 -10.60 2.85 15.34
N ALA D 272 -9.65 1.92 15.31
CA ALA D 272 -8.52 1.99 14.36
C ALA D 272 -8.93 1.78 12.90
N SER D 273 -9.96 0.96 12.67
CA SER D 273 -10.41 0.63 11.31
C SER D 273 -11.55 1.54 10.82
N LEU D 274 -11.67 2.73 11.41
CA LEU D 274 -12.78 3.64 11.11
C LEU D 274 -12.25 5.01 10.73
N PRO D 275 -13.06 5.78 9.98
CA PRO D 275 -12.67 7.14 9.65
C PRO D 275 -12.82 8.04 10.88
N LYS D 276 -12.05 9.12 10.92
CA LYS D 276 -12.01 10.00 12.09
C LYS D 276 -13.19 10.97 12.11
N VAL D 277 -14.37 10.43 12.40
CA VAL D 277 -15.61 11.23 12.45
C VAL D 277 -15.76 11.92 13.81
N SER D 278 -16.47 13.05 13.81
CA SER D 278 -16.63 13.87 15.02
C SER D 278 -18.04 13.79 15.63
N TYR D 279 -18.65 12.61 15.55
CA TYR D 279 -19.92 12.36 16.24
C TYR D 279 -19.83 11.08 17.06
N VAL D 280 -20.77 10.91 17.99
CA VAL D 280 -20.76 9.79 18.92
C VAL D 280 -21.35 8.54 18.26
N LYS D 281 -20.60 7.45 18.29
CA LYS D 281 -21.04 6.18 17.73
C LYS D 281 -21.56 5.26 18.84
N ALA D 282 -22.32 4.24 18.47
CA ALA D 282 -22.90 3.31 19.43
C ALA D 282 -21.84 2.51 20.18
N ILE D 283 -20.72 2.23 19.52
CA ILE D 283 -19.61 1.52 20.15
C ILE D 283 -18.89 2.40 21.18
N ASP D 284 -18.91 3.71 20.97
CA ASP D 284 -18.34 4.67 21.93
C ASP D 284 -19.13 4.70 23.24
N ILE D 285 -20.45 4.55 23.14
CA ILE D 285 -21.31 4.51 24.31
C ILE D 285 -20.99 3.26 25.13
N TRP D 286 -20.93 2.10 24.45
CA TRP D 286 -20.64 0.83 25.11
C TRP D 286 -19.30 0.86 25.84
N MET D 287 -18.25 1.31 25.14
CA MET D 287 -16.92 1.37 25.73
C MET D 287 -16.84 2.37 26.88
N ALA D 288 -17.54 3.50 26.73
CA ALA D 288 -17.60 4.52 27.77
C ALA D 288 -18.21 3.98 29.06
N VAL D 289 -19.34 3.29 28.93
CA VAL D 289 -20.03 2.72 30.08
C VAL D 289 -19.24 1.57 30.69
N CYS D 290 -18.69 0.69 29.85
CA CYS D 290 -17.79 -0.37 30.32
C CYS D 290 -16.61 0.21 31.08
N LEU D 291 -16.15 1.38 30.65
CA LEU D 291 -15.04 2.07 31.32
C LEU D 291 -15.47 2.64 32.67
N LEU D 292 -16.71 3.12 32.78
CA LEU D 292 -17.26 3.57 34.06
C LEU D 292 -17.32 2.45 35.10
N PHE D 293 -17.86 1.30 34.70
CA PHE D 293 -18.01 0.15 35.61
C PHE D 293 -16.67 -0.40 36.09
N VAL D 294 -15.66 -0.34 35.23
CA VAL D 294 -14.31 -0.77 35.59
C VAL D 294 -13.60 0.30 36.42
N PHE D 295 -13.81 1.57 36.05
CA PHE D 295 -13.22 2.69 36.78
C PHE D 295 -13.86 2.86 38.18
N SER D 296 -15.16 2.57 38.28
CA SER D 296 -15.86 2.62 39.56
C SER D 296 -15.39 1.53 40.51
N ALA D 297 -15.06 0.36 39.97
CA ALA D 297 -14.51 -0.74 40.76
C ALA D 297 -13.19 -0.37 41.44
N LEU D 298 -12.41 0.48 40.78
CA LEU D 298 -11.16 0.99 41.38
C LEU D 298 -11.45 2.07 42.42
N LEU D 299 -12.39 2.96 42.12
CA LEU D 299 -12.84 3.97 43.10
C LEU D 299 -13.52 3.33 44.29
N GLU D 300 -14.11 2.16 44.09
CA GLU D 300 -14.72 1.40 45.18
C GLU D 300 -13.66 1.04 46.22
N TYR D 301 -12.48 0.60 45.76
CA TYR D 301 -11.40 0.26 46.68
C TYR D 301 -10.75 1.49 47.32
N ALA D 302 -10.71 2.61 46.59
CA ALA D 302 -10.25 3.87 47.17
C ALA D 302 -11.07 4.20 48.42
N ALA D 303 -12.38 4.00 48.34
CA ALA D 303 -13.26 4.20 49.48
C ALA D 303 -13.00 3.17 50.59
N VAL D 304 -12.87 1.90 50.21
CA VAL D 304 -12.61 0.82 51.18
C VAL D 304 -11.29 1.01 51.90
N ASN D 305 -10.26 1.43 51.16
CA ASN D 305 -8.93 1.66 51.75
C ASN D 305 -8.90 2.92 52.62
N PHE D 306 -9.74 3.90 52.30
CA PHE D 306 -9.75 5.18 52.99
C PHE D 306 -10.55 5.16 54.30
N VAL D 307 -11.73 4.55 54.27
CA VAL D 307 -12.57 4.48 55.48
C VAL D 307 -11.99 3.52 56.53
N SER D 308 -11.15 2.58 56.09
CA SER D 308 -10.55 1.58 56.97
C SER D 308 -9.14 1.96 57.45
N ARG D 309 -8.79 3.24 57.41
CA ARG D 309 -7.45 3.71 57.80
C ARG D 309 -7.03 3.20 59.17
N ALA D 310 -7.73 3.65 60.21
CA ALA D 310 -7.49 3.17 61.57
C ALA D 310 -8.06 1.76 61.72
N GLY D 311 -7.29 0.86 62.31
CA GLY D 311 -7.66 -0.56 62.39
C GLY D 311 -8.78 -0.90 63.35
N THR D 312 -9.58 0.09 63.75
CA THR D 312 -10.68 -0.13 64.69
C THR D 312 -11.80 -0.95 64.02
N LYS D 313 -12.35 -1.89 64.76
CA LYS D 313 -13.37 -2.83 64.24
C LYS D 313 -14.55 -2.14 63.58
N VAL D 314 -14.96 -0.98 64.12
CA VAL D 314 -16.07 -0.21 63.58
C VAL D 314 -15.90 0.17 62.11
N PHE D 315 -14.68 0.55 61.72
CA PHE D 315 -14.40 0.96 60.33
C PHE D 315 -14.07 -0.23 59.43
N ILE D 316 -13.38 -1.23 59.97
CA ILE D 316 -13.03 -2.44 59.22
C ILE D 316 -14.31 -3.16 58.76
N ASP D 317 -15.32 -3.18 59.61
CA ASP D 317 -16.63 -3.74 59.26
C ASP D 317 -17.39 -2.80 58.32
N ARG D 318 -17.30 -1.49 58.56
CA ARG D 318 -17.92 -0.48 57.70
C ARG D 318 -17.39 -0.55 56.27
N ALA D 319 -16.07 -0.74 56.15
CA ALA D 319 -15.43 -0.96 54.85
C ALA D 319 -15.85 -2.30 54.24
N LYS D 320 -15.96 -3.32 55.10
CA LYS D 320 -16.43 -4.64 54.69
C LYS D 320 -17.84 -4.62 54.11
N LYS D 321 -18.68 -3.70 54.60
CA LYS D 321 -20.05 -3.55 54.12
C LYS D 321 -20.12 -3.08 52.66
N ILE D 322 -19.15 -2.25 52.25
CA ILE D 322 -19.12 -1.73 50.89
C ILE D 322 -18.90 -2.85 49.87
N ASP D 323 -17.97 -3.76 50.17
CA ASP D 323 -17.68 -4.90 49.28
C ASP D 323 -18.88 -5.83 49.11
N THR D 324 -19.61 -6.08 50.20
CA THR D 324 -20.77 -6.97 50.16
C THR D 324 -21.92 -6.37 49.33
N ILE D 325 -22.08 -5.06 49.38
CA ILE D 325 -23.04 -4.35 48.55
C ILE D 325 -22.58 -4.33 47.08
N SER D 326 -21.31 -4.00 46.88
CA SER D 326 -20.72 -3.92 45.54
C SER D 326 -20.75 -5.25 44.80
N ARG D 327 -20.55 -6.35 45.53
CA ARG D 327 -20.59 -7.70 44.96
C ARG D 327 -21.91 -8.02 44.25
N ALA D 328 -23.01 -7.44 44.75
CA ALA D 328 -24.34 -7.65 44.16
C ALA D 328 -24.76 -6.50 43.24
N CYS D 329 -24.34 -5.28 43.55
CA CYS D 329 -24.84 -4.09 42.87
C CYS D 329 -24.26 -3.85 41.47
N PHE D 330 -22.97 -4.08 41.28
CA PHE D 330 -22.36 -3.86 39.96
C PHE D 330 -22.79 -4.90 38.93
N PRO D 331 -22.78 -6.21 39.30
CA PRO D 331 -23.37 -7.20 38.40
C PRO D 331 -24.84 -6.92 38.06
N LEU D 332 -25.59 -6.41 39.03
CA LEU D 332 -26.97 -5.99 38.81
C LEU D 332 -27.03 -4.78 37.88
N ALA D 333 -26.28 -3.73 38.22
CA ALA D 333 -26.27 -2.49 37.45
C ALA D 333 -25.78 -2.69 36.02
N PHE D 334 -24.80 -3.59 35.84
CA PHE D 334 -24.29 -3.90 34.51
C PHE D 334 -25.30 -4.68 33.68
N LEU D 335 -26.06 -5.56 34.33
CA LEU D 335 -27.14 -6.30 33.67
C LEU D 335 -28.26 -5.35 33.26
N ILE D 336 -28.59 -4.40 34.13
CA ILE D 336 -29.59 -3.38 33.82
C ILE D 336 -29.15 -2.52 32.63
N PHE D 337 -27.87 -2.21 32.55
CA PHE D 337 -27.33 -1.44 31.42
C PHE D 337 -27.46 -2.19 30.09
N ASN D 338 -27.12 -3.47 30.09
CA ASN D 338 -27.24 -4.30 28.88
C ASN D 338 -28.69 -4.44 28.40
N ILE D 339 -29.63 -4.54 29.35
CA ILE D 339 -31.04 -4.54 29.01
C ILE D 339 -31.38 -3.29 28.22
N PHE D 340 -31.03 -2.13 28.76
CA PHE D 340 -31.26 -0.85 28.07
C PHE D 340 -30.55 -0.80 26.72
N TYR D 341 -29.25 -1.03 26.75
CA TYR D 341 -28.40 -0.90 25.55
C TYR D 341 -28.90 -1.73 24.37
N TRP D 342 -29.03 -3.04 24.57
CA TRP D 342 -29.42 -3.95 23.49
C TRP D 342 -30.86 -3.72 23.01
N VAL D 343 -31.73 -3.25 23.90
CA VAL D 343 -33.12 -2.93 23.53
C VAL D 343 -33.18 -1.66 22.66
N ILE D 344 -32.36 -0.67 22.97
CA ILE D 344 -32.34 0.59 22.21
C ILE D 344 -31.94 0.36 20.76
N TYR D 345 -30.85 -0.38 20.53
CA TYR D 345 -30.40 -0.69 19.17
C TYR D 345 -31.00 -2.01 18.68
N MET E 8 -27.86 22.41 -44.30
CA MET E 8 -26.57 21.69 -44.54
C MET E 8 -26.45 20.50 -43.59
N SER E 9 -25.99 19.35 -44.12
CA SER E 9 -25.85 18.14 -43.31
C SER E 9 -24.72 18.34 -42.29
N PRO E 10 -24.89 17.78 -41.07
CA PRO E 10 -23.86 17.92 -40.03
C PRO E 10 -22.48 17.45 -40.48
N SER E 11 -22.42 16.34 -41.21
CA SER E 11 -21.17 15.81 -41.73
C SER E 11 -20.44 16.84 -42.59
N ASP E 12 -21.16 17.41 -43.56
CA ASP E 12 -20.60 18.43 -44.44
C ASP E 12 -20.21 19.69 -43.68
N PHE E 13 -21.03 20.06 -42.69
CA PHE E 13 -20.78 21.25 -41.89
C PHE E 13 -19.48 21.14 -41.08
N LEU E 14 -19.30 20.01 -40.41
CA LEU E 14 -18.09 19.77 -39.62
C LEU E 14 -16.85 19.72 -40.51
N ASP E 15 -16.99 19.11 -41.69
CA ASP E 15 -15.90 19.05 -42.66
C ASP E 15 -15.45 20.45 -43.10
N LYS E 16 -16.40 21.36 -43.32
CA LYS E 16 -16.10 22.72 -43.75
C LYS E 16 -15.64 23.64 -42.62
N LEU E 17 -16.05 23.35 -41.38
CA LEU E 17 -15.73 24.21 -40.24
C LEU E 17 -14.36 23.89 -39.63
N MET E 18 -14.07 22.60 -39.47
CA MET E 18 -12.83 22.16 -38.82
C MET E 18 -12.18 20.91 -39.44
N GLY E 19 -12.79 20.34 -40.48
CA GLY E 19 -12.30 19.10 -41.09
C GLY E 19 -11.44 19.33 -42.32
N ARG E 20 -11.43 18.33 -43.21
CA ARG E 20 -10.57 18.33 -44.39
C ARG E 20 -10.68 19.60 -45.24
N THR E 21 -11.90 19.96 -45.61
CA THR E 21 -12.14 21.10 -46.50
C THR E 21 -12.07 22.47 -45.80
N SER E 22 -11.89 22.48 -44.48
CA SER E 22 -11.94 23.71 -43.70
C SER E 22 -10.69 24.59 -43.82
N GLY E 23 -9.53 23.96 -43.95
CA GLY E 23 -8.26 24.69 -43.88
C GLY E 23 -7.92 25.14 -42.46
N TYR E 24 -8.62 24.56 -41.48
CA TYR E 24 -8.42 24.90 -40.07
C TYR E 24 -7.16 24.22 -39.57
N ASP E 25 -6.34 24.96 -38.84
CA ASP E 25 -5.10 24.43 -38.27
C ASP E 25 -5.12 24.60 -36.76
N ALA E 26 -5.23 23.48 -36.04
CA ALA E 26 -5.29 23.51 -34.58
C ALA E 26 -3.98 23.91 -33.92
N ARG E 27 -2.89 23.94 -34.69
CA ARG E 27 -1.60 24.38 -34.18
C ARG E 27 -1.48 25.92 -34.11
N ILE E 28 -2.45 26.62 -34.68
CA ILE E 28 -2.49 28.08 -34.64
C ILE E 28 -3.59 28.52 -33.68
N ARG E 29 -3.27 29.44 -32.77
CA ARG E 29 -4.26 29.93 -31.80
C ARG E 29 -5.20 30.95 -32.44
N PRO E 30 -6.39 31.15 -31.83
CA PRO E 30 -7.29 32.21 -32.26
C PRO E 30 -6.66 33.59 -32.11
N ASN E 31 -6.91 34.48 -33.08
CA ASN E 31 -6.32 35.81 -33.11
C ASN E 31 -4.80 35.74 -33.01
N PHE E 32 -4.21 34.91 -33.85
CA PHE E 32 -2.80 34.52 -33.74
C PHE E 32 -1.81 35.69 -33.87
N LYS E 33 -2.11 36.63 -34.75
CA LYS E 33 -1.26 37.83 -34.89
C LYS E 33 -1.70 38.99 -33.99
N GLY E 34 -2.78 38.80 -33.23
CA GLY E 34 -3.37 39.85 -32.44
C GLY E 34 -3.16 39.67 -30.94
N PRO E 35 -4.12 40.16 -30.12
CA PRO E 35 -3.98 40.10 -28.65
C PRO E 35 -4.17 38.69 -28.09
N PRO E 36 -3.85 38.49 -26.80
CA PRO E 36 -3.88 37.14 -26.22
C PRO E 36 -5.28 36.56 -26.16
N VAL E 37 -5.38 35.23 -26.18
CA VAL E 37 -6.66 34.54 -26.04
C VAL E 37 -7.08 34.65 -24.57
N ASN E 38 -8.33 35.08 -24.36
CA ASN E 38 -8.88 35.21 -23.01
C ASN E 38 -9.69 33.98 -22.67
N VAL E 39 -9.13 33.13 -21.82
CA VAL E 39 -9.81 31.91 -21.38
C VAL E 39 -10.45 32.15 -20.01
N THR E 40 -11.77 31.98 -19.95
CA THR E 40 -12.51 32.14 -18.71
C THR E 40 -12.76 30.76 -18.09
N CYS E 41 -12.26 30.56 -16.87
CA CYS E 41 -12.34 29.26 -16.20
C CYS E 41 -13.37 29.24 -15.08
N ASN E 42 -13.99 28.07 -14.91
CA ASN E 42 -14.80 27.79 -13.73
C ASN E 42 -14.75 26.30 -13.43
N ILE E 43 -14.87 25.92 -12.16
CA ILE E 43 -14.79 24.52 -11.76
C ILE E 43 -16.02 24.09 -10.95
N PHE E 44 -16.46 22.86 -11.16
CA PHE E 44 -17.50 22.26 -10.34
C PHE E 44 -16.84 21.14 -9.54
N ILE E 45 -16.88 21.25 -8.21
CA ILE E 45 -16.26 20.26 -7.34
C ILE E 45 -17.24 19.14 -7.05
N ASN E 46 -17.00 18.01 -7.71
CA ASN E 46 -17.87 16.84 -7.59
C ASN E 46 -17.55 16.06 -6.31
N SER E 47 -16.29 16.11 -5.90
CA SER E 47 -15.79 15.35 -4.76
C SER E 47 -14.54 16.02 -4.19
N PHE E 48 -14.38 15.96 -2.87
CA PHE E 48 -13.30 16.65 -2.17
C PHE E 48 -12.94 15.81 -0.95
N GLY E 49 -11.72 15.30 -0.89
CA GLY E 49 -11.33 14.42 0.21
C GLY E 49 -9.90 13.93 0.18
N SER E 50 -9.67 12.76 0.76
CA SER E 50 -8.33 12.20 0.95
C SER E 50 -7.33 13.25 1.41
N ILE E 51 -7.72 14.04 2.40
CA ILE E 51 -6.87 15.10 2.92
C ILE E 51 -5.87 14.49 3.89
N ALA E 52 -4.63 14.33 3.42
CA ALA E 52 -3.60 13.64 4.17
C ALA E 52 -2.57 14.61 4.75
N GLU E 53 -2.40 14.59 6.07
CA GLU E 53 -1.39 15.39 6.74
C GLU E 53 0.01 14.83 6.46
N THR E 54 0.12 13.50 6.45
CA THR E 54 1.41 12.82 6.29
C THR E 54 2.08 13.15 4.95
N THR E 55 1.34 12.94 3.86
CA THR E 55 1.84 13.23 2.52
C THR E 55 1.59 14.68 2.11
N MET E 56 0.82 15.40 2.91
CA MET E 56 0.67 16.86 2.78
C MET E 56 -0.02 17.23 1.46
N ASP E 57 -1.16 16.58 1.20
CA ASP E 57 -1.90 16.77 -0.05
C ASP E 57 -3.38 16.44 0.12
N TYR E 58 -4.16 16.68 -0.93
CA TYR E 58 -5.58 16.34 -0.93
C TYR E 58 -6.04 15.96 -2.34
N ARG E 59 -7.15 15.22 -2.41
CA ARG E 59 -7.67 14.75 -3.69
C ARG E 59 -9.00 15.42 -4.01
N VAL E 60 -9.22 15.69 -5.29
CA VAL E 60 -10.43 16.36 -5.72
C VAL E 60 -10.89 15.77 -7.06
N ASN E 61 -12.21 15.67 -7.24
CA ASN E 61 -12.80 15.32 -8.54
C ASN E 61 -13.60 16.52 -9.03
N ILE E 62 -13.26 17.03 -10.20
CA ILE E 62 -13.87 18.26 -10.70
C ILE E 62 -14.32 18.16 -12.15
N PHE E 63 -15.25 19.03 -12.53
CA PHE E 63 -15.47 19.36 -13.93
C PHE E 63 -14.79 20.70 -14.16
N LEU E 64 -13.76 20.70 -15.01
CA LEU E 64 -13.06 21.92 -15.38
C LEU E 64 -13.70 22.49 -16.64
N ARG E 65 -14.30 23.67 -16.52
CA ARG E 65 -14.88 24.38 -17.67
C ARG E 65 -13.93 25.45 -18.17
N GLN E 66 -13.74 25.50 -19.49
CA GLN E 66 -12.93 26.54 -20.12
C GLN E 66 -13.73 27.19 -21.22
N LYS E 67 -13.75 28.53 -21.23
CA LYS E 67 -14.45 29.29 -22.25
C LYS E 67 -13.49 30.24 -22.96
N TRP E 68 -13.58 30.29 -24.29
CA TRP E 68 -12.80 31.23 -25.08
C TRP E 68 -13.45 31.43 -26.45
N ASN E 69 -12.98 32.43 -27.18
CA ASN E 69 -13.49 32.72 -28.52
C ASN E 69 -12.52 32.31 -29.61
N ASP E 70 -13.00 31.50 -30.55
CA ASP E 70 -12.26 31.19 -31.77
C ASP E 70 -13.09 31.66 -32.97
N PRO E 71 -12.72 32.82 -33.57
CA PRO E 71 -13.49 33.32 -34.72
C PRO E 71 -13.60 32.35 -35.90
N ARG E 72 -12.63 31.45 -36.05
CA ARG E 72 -12.68 30.43 -37.10
C ARG E 72 -13.85 29.45 -36.96
N LEU E 73 -14.43 29.37 -35.77
CA LEU E 73 -15.54 28.44 -35.50
C LEU E 73 -16.92 29.12 -35.48
N ALA E 74 -16.97 30.39 -35.86
CA ALA E 74 -18.26 31.07 -36.01
C ALA E 74 -19.02 30.45 -37.18
N TYR E 75 -20.35 30.36 -37.04
CA TYR E 75 -21.19 29.72 -38.04
C TYR E 75 -22.49 30.49 -38.27
N SER E 76 -23.03 30.35 -39.47
CA SER E 76 -24.32 30.95 -39.83
C SER E 76 -25.28 29.96 -40.47
N GLU E 77 -24.91 28.69 -40.55
CA GLU E 77 -25.67 27.71 -41.32
C GLU E 77 -26.92 27.25 -40.57
N TYR E 78 -26.91 27.37 -39.25
CA TYR E 78 -28.04 26.98 -38.42
C TYR E 78 -28.47 28.15 -37.53
N PRO E 79 -29.77 28.24 -37.24
CA PRO E 79 -30.29 29.30 -36.36
C PRO E 79 -30.01 29.09 -34.87
N ASP E 80 -29.52 27.91 -34.50
CA ASP E 80 -29.29 27.55 -33.09
C ASP E 80 -28.24 28.45 -32.47
N ASP E 81 -28.52 28.92 -31.24
CA ASP E 81 -27.57 29.75 -30.50
C ASP E 81 -26.25 29.03 -30.29
N SER E 82 -26.33 27.72 -30.04
CA SER E 82 -25.14 26.88 -29.87
C SER E 82 -25.35 25.49 -30.44
N LEU E 83 -24.25 24.77 -30.61
CA LEU E 83 -24.26 23.39 -31.09
C LEU E 83 -23.46 22.51 -30.13
N ASP E 84 -24.05 21.40 -29.74
CA ASP E 84 -23.36 20.41 -28.91
C ASP E 84 -22.67 19.39 -29.81
N LEU E 85 -21.35 19.42 -29.81
CA LEU E 85 -20.55 18.58 -30.71
C LEU E 85 -20.03 17.32 -30.03
N ASP E 86 -19.87 16.27 -30.83
CA ASP E 86 -19.26 15.04 -30.34
C ASP E 86 -17.83 15.35 -29.89
N PRO E 87 -17.43 14.87 -28.70
CA PRO E 87 -16.13 15.26 -28.15
C PRO E 87 -14.91 14.79 -28.94
N SER E 88 -15.10 13.87 -29.89
CA SER E 88 -14.01 13.47 -30.78
C SER E 88 -13.52 14.65 -31.63
N MET E 89 -14.36 15.67 -31.80
CA MET E 89 -13.98 16.88 -32.52
C MET E 89 -13.02 17.79 -31.75
N LEU E 90 -12.81 17.52 -30.46
CA LEU E 90 -11.82 18.26 -29.67
C LEU E 90 -10.39 18.10 -30.21
N ASP E 91 -10.11 16.96 -30.82
CA ASP E 91 -8.80 16.72 -31.42
C ASP E 91 -8.56 17.61 -32.64
N SER E 92 -9.64 18.06 -33.28
CA SER E 92 -9.56 18.87 -34.49
C SER E 92 -9.45 20.38 -34.25
N ILE E 93 -9.75 20.85 -33.04
CA ILE E 93 -9.70 22.28 -32.75
C ILE E 93 -8.56 22.67 -31.83
N TRP E 94 -8.18 23.94 -31.86
CA TRP E 94 -7.21 24.47 -30.91
C TRP E 94 -7.87 24.57 -29.54
N LYS E 95 -7.10 24.36 -28.49
CA LYS E 95 -7.58 24.56 -27.13
C LYS E 95 -6.42 24.88 -26.20
N PRO E 96 -6.69 25.55 -25.06
CA PRO E 96 -5.62 25.97 -24.16
C PRO E 96 -4.85 24.79 -23.56
N ASP E 97 -3.61 25.03 -23.18
CA ASP E 97 -2.76 23.99 -22.59
C ASP E 97 -2.73 24.13 -21.05
N LEU E 98 -3.92 24.15 -20.45
CA LEU E 98 -4.05 24.35 -19.02
C LEU E 98 -3.51 23.14 -18.26
N PHE E 99 -2.62 23.39 -17.31
CA PHE E 99 -2.15 22.36 -16.39
C PHE E 99 -2.24 22.88 -14.95
N PHE E 100 -2.21 21.96 -14.00
CA PHE E 100 -2.31 22.32 -12.59
C PHE E 100 -0.92 22.31 -11.96
N ALA E 101 -0.45 23.50 -11.57
CA ALA E 101 0.94 23.68 -11.16
C ALA E 101 1.32 22.88 -9.92
N ASN E 102 0.37 22.74 -8.99
CA ASN E 102 0.63 22.02 -7.74
C ASN E 102 0.04 20.61 -7.75
N GLU E 103 -0.10 20.03 -8.94
CA GLU E 103 -0.64 18.69 -9.10
C GLU E 103 0.44 17.63 -8.91
N LYS E 104 0.19 16.69 -8.02
CA LYS E 104 1.09 15.54 -7.80
C LYS E 104 0.63 14.34 -8.63
N GLY E 105 -0.67 14.23 -8.86
CA GLY E 105 -1.23 13.20 -9.73
C GLY E 105 -2.49 13.73 -10.38
N ALA E 106 -2.78 13.28 -11.59
CA ALA E 106 -3.96 13.73 -12.33
C ALA E 106 -4.31 12.74 -13.42
N ASN E 107 -5.61 12.51 -13.62
CA ASN E 107 -6.05 11.65 -14.70
C ASN E 107 -7.39 12.05 -15.28
N PHE E 108 -7.59 11.66 -16.53
CA PHE E 108 -8.86 11.83 -17.22
C PHE E 108 -9.78 10.68 -16.84
N HIS E 109 -11.01 10.71 -17.35
CA HIS E 109 -11.99 9.66 -17.09
C HIS E 109 -12.58 9.20 -18.40
N GLU E 110 -12.36 7.91 -18.72
CA GLU E 110 -12.68 7.38 -20.04
C GLU E 110 -13.81 6.34 -20.04
N VAL E 111 -14.46 6.14 -18.89
CA VAL E 111 -15.56 5.19 -18.77
C VAL E 111 -16.89 5.94 -18.71
N THR E 112 -17.90 5.56 -19.50
CA THR E 112 -17.82 4.51 -20.53
C THR E 112 -17.27 5.07 -21.83
N THR E 113 -17.24 6.40 -21.94
CA THR E 113 -16.58 7.09 -23.04
C THR E 113 -15.84 8.28 -22.42
N ASP E 114 -15.12 9.05 -23.22
CA ASP E 114 -14.38 10.20 -22.70
C ASP E 114 -15.34 11.15 -22.01
N ASN E 115 -15.04 11.47 -20.75
CA ASN E 115 -15.87 12.36 -19.95
C ASN E 115 -15.55 13.81 -20.35
N LYS E 116 -16.01 14.20 -21.54
CA LYS E 116 -15.71 15.51 -22.11
C LYS E 116 -16.94 16.10 -22.79
N LEU E 117 -16.97 17.43 -22.87
CA LEU E 117 -18.10 18.15 -23.43
C LEU E 117 -17.58 19.28 -24.31
N LEU E 118 -18.11 19.37 -25.54
CA LEU E 118 -17.72 20.45 -26.47
C LEU E 118 -18.97 21.13 -27.02
N ARG E 119 -19.07 22.44 -26.78
CA ARG E 119 -20.19 23.22 -27.24
C ARG E 119 -19.66 24.48 -27.92
N ILE E 120 -20.15 24.77 -29.13
CA ILE E 120 -19.75 25.97 -29.86
C ILE E 120 -20.94 26.89 -30.10
N PHE E 121 -20.68 28.20 -30.14
CA PHE E 121 -21.72 29.20 -30.30
C PHE E 121 -21.60 29.92 -31.64
N LYS E 122 -22.68 30.57 -32.06
CA LYS E 122 -22.73 31.30 -33.33
C LYS E 122 -21.51 32.18 -33.58
N ASN E 123 -21.14 32.96 -32.56
CA ASN E 123 -20.04 33.93 -32.68
C ASN E 123 -18.64 33.34 -32.54
N GLY E 124 -18.53 32.02 -32.41
CA GLY E 124 -17.24 31.34 -32.30
C GLY E 124 -16.78 31.05 -30.87
N ASN E 125 -17.62 31.35 -29.89
CA ASN E 125 -17.31 31.00 -28.51
C ASN E 125 -17.31 29.50 -28.34
N VAL E 126 -16.41 29.00 -27.50
CA VAL E 126 -16.28 27.59 -27.22
C VAL E 126 -16.48 27.37 -25.73
N LEU E 127 -17.25 26.33 -25.39
CA LEU E 127 -17.32 25.82 -24.03
C LEU E 127 -16.73 24.43 -24.03
N TYR E 128 -15.76 24.20 -23.16
CA TYR E 128 -15.04 22.93 -23.11
C TYR E 128 -14.99 22.49 -21.66
N SER E 129 -15.71 21.42 -21.34
CA SER E 129 -15.73 20.86 -20.00
C SER E 129 -15.12 19.48 -19.99
N ILE E 130 -14.27 19.21 -19.01
CA ILE E 130 -13.62 17.92 -18.88
C ILE E 130 -13.57 17.49 -17.42
N ARG E 131 -13.87 16.23 -17.15
CA ARG E 131 -13.84 15.69 -15.81
C ARG E 131 -12.42 15.22 -15.48
N LEU E 132 -11.91 15.66 -14.34
CA LEU E 132 -10.57 15.32 -13.90
C LEU E 132 -10.55 14.90 -12.44
N THR E 133 -9.71 13.93 -12.11
CA THR E 133 -9.33 13.67 -10.74
C THR E 133 -7.93 14.23 -10.56
N LEU E 134 -7.73 15.00 -9.50
CA LEU E 134 -6.44 15.63 -9.21
C LEU E 134 -6.02 15.38 -7.77
N THR E 135 -4.76 15.01 -7.57
CA THR E 135 -4.14 15.01 -6.26
C THR E 135 -3.26 16.24 -6.18
N LEU E 136 -3.63 17.19 -5.33
CA LEU E 136 -2.96 18.47 -5.26
C LEU E 136 -2.19 18.59 -3.94
N SER E 137 -1.01 19.19 -4.00
CA SER E 137 -0.19 19.38 -2.81
C SER E 137 -0.73 20.55 -1.98
N CYS E 138 -0.78 20.35 -0.67
CA CYS E 138 -1.29 21.36 0.27
C CYS E 138 -0.37 21.39 1.47
N PRO E 139 0.68 22.25 1.44
CA PRO E 139 1.57 22.45 2.59
C PRO E 139 0.78 22.92 3.81
N MET E 140 0.97 22.25 4.94
CA MET E 140 0.16 22.48 6.12
C MET E 140 0.96 23.05 7.28
N ASP E 141 0.34 23.97 8.02
CA ASP E 141 0.90 24.49 9.26
C ASP E 141 0.13 23.84 10.41
N LEU E 142 0.80 22.97 11.16
CA LEU E 142 0.15 22.20 12.21
C LEU E 142 0.43 22.74 13.63
N LYS E 143 0.86 24.00 13.73
CA LYS E 143 1.15 24.64 15.02
C LYS E 143 -0.02 24.51 16.01
N ASN E 144 -1.25 24.71 15.51
CA ASN E 144 -2.44 24.68 16.35
C ASN E 144 -3.23 23.36 16.31
N PHE E 145 -2.62 22.31 15.77
CA PHE E 145 -3.28 21.00 15.67
C PHE E 145 -3.59 20.46 17.07
N PRO E 146 -4.79 19.94 17.32
CA PRO E 146 -5.83 19.68 16.32
C PRO E 146 -6.91 20.76 16.20
N MET E 147 -6.59 21.99 16.59
CA MET E 147 -7.52 23.12 16.43
C MET E 147 -7.05 24.00 15.25
N ASP E 148 -6.38 23.38 14.29
CA ASP E 148 -5.77 24.09 13.17
C ASP E 148 -6.77 24.35 12.05
N VAL E 149 -6.45 25.35 11.24
CA VAL E 149 -7.22 25.64 10.03
C VAL E 149 -6.23 25.68 8.85
N GLN E 150 -6.58 25.00 7.76
CA GLN E 150 -5.67 24.82 6.64
C GLN E 150 -6.16 25.50 5.38
N THR E 151 -5.22 26.04 4.62
CA THR E 151 -5.50 26.66 3.33
C THR E 151 -4.90 25.80 2.22
N CYS E 152 -5.77 25.12 1.48
CA CYS E 152 -5.33 24.31 0.35
C CYS E 152 -5.65 25.02 -0.96
N ILE E 153 -4.64 25.12 -1.82
CA ILE E 153 -4.76 25.89 -3.06
C ILE E 153 -4.83 24.99 -4.28
N MET E 154 -5.15 25.62 -5.41
CA MET E 154 -5.27 24.95 -6.69
C MET E 154 -4.91 25.95 -7.77
N GLN E 155 -3.78 25.73 -8.44
CA GLN E 155 -3.27 26.66 -9.44
C GLN E 155 -3.50 26.15 -10.86
N LEU E 156 -4.18 26.97 -11.67
CA LEU E 156 -4.43 26.68 -13.08
C LEU E 156 -3.48 27.54 -13.92
N GLU E 157 -2.57 26.89 -14.65
CA GLU E 157 -1.47 27.57 -15.31
C GLU E 157 -1.32 27.13 -16.78
N SER E 158 -0.72 27.98 -17.59
CA SER E 158 -0.35 27.63 -18.97
C SER E 158 1.10 27.18 -19.00
N PHE E 159 1.37 26.05 -19.64
CA PHE E 159 2.72 25.52 -19.70
C PHE E 159 3.55 26.13 -20.82
N GLY E 160 2.93 26.33 -21.98
CA GLY E 160 3.64 26.71 -23.20
C GLY E 160 3.40 28.09 -23.76
N TYR E 161 2.26 28.71 -23.41
CA TYR E 161 1.92 30.04 -23.93
C TYR E 161 2.28 31.12 -22.92
N THR E 162 3.00 32.13 -23.37
CA THR E 162 3.31 33.29 -22.53
C THR E 162 2.12 34.26 -22.48
N MET E 163 2.20 35.25 -21.61
CA MET E 163 1.08 36.17 -21.34
C MET E 163 0.62 36.98 -22.55
N ASN E 164 1.50 37.19 -23.52
CA ASN E 164 1.12 37.87 -24.76
C ASN E 164 0.25 37.02 -25.70
N ASP E 165 0.26 35.70 -25.51
CA ASP E 165 -0.53 34.77 -26.33
C ASP E 165 -1.73 34.16 -25.61
N LEU E 166 -1.65 34.00 -24.29
CA LEU E 166 -2.71 33.33 -23.53
C LEU E 166 -2.83 33.84 -22.10
N ILE E 167 -4.06 34.20 -21.71
CA ILE E 167 -4.36 34.70 -20.38
C ILE E 167 -5.54 33.93 -19.77
N PHE E 168 -5.39 33.49 -18.52
CA PHE E 168 -6.49 32.85 -17.79
C PHE E 168 -7.18 33.84 -16.85
N GLU E 169 -8.44 33.55 -16.55
CA GLU E 169 -9.28 34.44 -15.77
C GLU E 169 -10.44 33.64 -15.20
N TRP E 170 -10.78 33.86 -13.93
CA TRP E 170 -11.95 33.23 -13.34
C TRP E 170 -13.23 33.89 -13.87
N GLN E 171 -14.31 33.12 -13.95
CA GLN E 171 -15.64 33.68 -14.20
C GLN E 171 -16.00 34.72 -13.15
N ASP E 172 -16.80 35.71 -13.53
CA ASP E 172 -17.28 36.71 -12.57
C ASP E 172 -18.33 36.09 -11.65
N GLU E 173 -19.30 35.39 -12.24
CA GLU E 173 -20.38 34.77 -11.47
C GLU E 173 -20.10 33.28 -11.20
N ALA E 174 -19.99 32.93 -9.92
CA ALA E 174 -19.88 31.54 -9.47
C ALA E 174 -18.77 30.75 -10.18
N PRO E 175 -17.50 31.13 -9.96
CA PRO E 175 -16.37 30.42 -10.57
C PRO E 175 -16.18 29.02 -10.01
N VAL E 176 -16.34 28.87 -8.71
CA VAL E 176 -16.22 27.58 -8.04
C VAL E 176 -17.57 27.17 -7.48
N GLN E 177 -18.06 26.01 -7.91
CA GLN E 177 -19.33 25.47 -7.44
C GLN E 177 -19.05 24.15 -6.75
N VAL E 178 -19.82 23.83 -5.72
CA VAL E 178 -19.66 22.60 -4.96
C VAL E 178 -20.94 21.78 -5.04
N ALA E 179 -20.79 20.47 -5.19
CA ALA E 179 -21.95 19.58 -5.24
C ALA E 179 -22.76 19.68 -3.96
N GLU E 180 -24.09 19.66 -4.09
CA GLU E 180 -24.97 19.78 -2.93
C GLU E 180 -24.77 18.60 -1.99
N GLY E 181 -24.73 18.90 -0.69
CA GLY E 181 -24.58 17.89 0.34
C GLY E 181 -23.22 17.24 0.40
N LEU E 182 -22.19 17.92 -0.13
CA LEU E 182 -20.83 17.41 -0.07
C LEU E 182 -20.25 17.67 1.31
N THR E 183 -19.94 16.60 2.03
CA THR E 183 -19.38 16.72 3.38
C THR E 183 -18.02 16.05 3.49
N LEU E 184 -17.18 16.59 4.37
CA LEU E 184 -15.87 16.04 4.67
C LEU E 184 -15.92 15.54 6.12
N PRO E 185 -15.45 14.31 6.37
CA PRO E 185 -15.60 13.76 7.73
C PRO E 185 -14.71 14.43 8.80
N GLN E 186 -13.53 14.89 8.40
CA GLN E 186 -12.58 15.51 9.32
C GLN E 186 -12.60 17.04 9.32
N PHE E 187 -13.11 17.64 8.25
CA PHE E 187 -13.03 19.09 8.06
C PHE E 187 -14.37 19.71 7.71
N LEU E 188 -14.42 21.03 7.85
CA LEU E 188 -15.51 21.84 7.31
C LEU E 188 -14.93 22.69 6.19
N LEU E 189 -15.49 22.54 4.99
CA LEU E 189 -15.10 23.38 3.86
C LEU E 189 -15.86 24.68 3.94
N LYS E 190 -15.14 25.78 4.17
CA LYS E 190 -15.75 27.09 4.33
C LYS E 190 -16.35 27.56 3.01
N GLU E 191 -17.40 28.38 3.10
CA GLU E 191 -18.14 28.84 1.92
C GLU E 191 -17.31 29.79 1.07
N GLU E 192 -16.50 30.64 1.73
CA GLU E 192 -15.69 31.64 1.03
C GLU E 192 -14.41 31.03 0.46
N LYS E 193 -14.25 31.12 -0.86
CA LYS E 193 -13.02 30.71 -1.53
C LYS E 193 -12.31 31.95 -2.08
N ASP E 194 -11.04 32.12 -1.73
CA ASP E 194 -10.26 33.25 -2.25
C ASP E 194 -9.83 32.96 -3.69
N LEU E 195 -9.89 33.98 -4.53
CA LEU E 195 -9.43 33.89 -5.91
C LEU E 195 -8.32 34.91 -6.11
N ARG E 196 -7.25 34.51 -6.78
CA ARG E 196 -6.16 35.44 -7.07
C ARG E 196 -5.26 34.97 -8.21
N TYR E 197 -4.34 35.83 -8.61
CA TYR E 197 -3.37 35.54 -9.66
C TYR E 197 -2.08 34.99 -9.07
N CYS E 198 -1.55 33.93 -9.70
CA CYS E 198 -0.27 33.32 -9.32
C CYS E 198 0.77 33.48 -10.44
N THR E 199 0.64 34.53 -11.24
CA THR E 199 1.44 34.71 -12.45
C THR E 199 2.91 34.32 -12.23
N LYS E 200 3.40 33.40 -13.05
CA LYS E 200 4.74 32.84 -12.88
C LYS E 200 5.75 33.52 -13.77
N HIS E 201 6.97 33.69 -13.25
CA HIS E 201 8.10 34.19 -14.02
C HIS E 201 9.24 33.18 -13.95
N TYR E 202 9.42 32.40 -15.01
CA TYR E 202 10.52 31.46 -15.11
C TYR E 202 11.58 32.06 -16.02
N ASN E 203 12.71 31.37 -16.20
CA ASN E 203 13.71 31.80 -17.18
C ASN E 203 13.25 31.60 -18.63
N THR E 204 12.16 30.86 -18.82
CA THR E 204 11.54 30.69 -20.13
C THR E 204 10.48 31.76 -20.45
N GLY E 205 10.15 32.60 -19.47
CA GLY E 205 9.23 33.72 -19.68
C GLY E 205 8.14 33.85 -18.63
N LYS E 206 7.10 34.60 -18.99
CA LYS E 206 6.01 34.98 -18.09
C LYS E 206 4.74 34.23 -18.47
N PHE E 207 4.18 33.46 -17.54
CA PHE E 207 3.06 32.56 -17.83
C PHE E 207 1.84 32.84 -16.96
N THR E 208 0.67 32.85 -17.60
CA THR E 208 -0.60 33.07 -16.90
C THR E 208 -0.85 31.96 -15.88
N CYS E 209 -1.39 32.35 -14.74
CA CYS E 209 -1.69 31.43 -13.64
C CYS E 209 -2.74 32.05 -12.75
N ILE E 210 -3.85 31.34 -12.56
CA ILE E 210 -4.90 31.78 -11.65
C ILE E 210 -5.08 30.73 -10.56
N GLU E 211 -5.53 31.18 -9.39
CA GLU E 211 -5.48 30.38 -8.18
C GLU E 211 -6.80 30.45 -7.43
N VAL E 212 -7.18 29.34 -6.81
CA VAL E 212 -8.30 29.31 -5.87
C VAL E 212 -7.81 28.71 -4.56
N ARG E 213 -8.20 29.32 -3.44
CA ARG E 213 -7.80 28.86 -2.11
C ARG E 213 -9.03 28.41 -1.34
N PHE E 214 -9.00 27.15 -0.90
CA PHE E 214 -10.05 26.61 -0.04
C PHE E 214 -9.61 26.68 1.42
N HIS E 215 -10.54 27.02 2.29
CA HIS E 215 -10.26 27.08 3.73
C HIS E 215 -10.90 25.90 4.45
N LEU E 216 -10.07 25.06 5.05
CA LEU E 216 -10.49 23.83 5.70
C LEU E 216 -10.31 23.94 7.21
N GLU E 217 -11.42 23.91 7.93
CA GLU E 217 -11.40 24.00 9.40
C GLU E 217 -11.57 22.60 9.98
N ARG E 218 -10.58 22.13 10.75
CA ARG E 218 -10.62 20.78 11.29
C ARG E 218 -11.66 20.65 12.40
N GLN E 219 -12.46 19.59 12.31
CA GLN E 219 -13.51 19.32 13.29
C GLN E 219 -12.91 18.80 14.60
N MET E 220 -13.36 19.38 15.71
CA MET E 220 -12.76 19.16 17.02
C MET E 220 -13.28 17.92 17.73
N GLY E 221 -14.53 17.55 17.46
CA GLY E 221 -15.21 16.47 18.17
C GLY E 221 -14.49 15.14 18.27
N TYR E 222 -13.81 14.75 17.19
CA TYR E 222 -13.05 13.51 17.18
C TYR E 222 -11.95 13.49 18.23
N TYR E 223 -11.29 14.63 18.42
CA TYR E 223 -10.13 14.71 19.30
C TYR E 223 -10.53 14.82 20.77
N LEU E 224 -11.70 15.38 21.04
CA LEU E 224 -12.27 15.36 22.39
C LEU E 224 -12.49 13.91 22.82
N ILE E 225 -13.10 13.12 21.96
CA ILE E 225 -13.46 11.74 22.29
C ILE E 225 -12.25 10.81 22.35
N GLN E 226 -11.33 10.94 21.41
CA GLN E 226 -10.23 9.97 21.29
C GLN E 226 -8.88 10.45 21.84
N MET E 227 -8.77 11.73 22.20
CA MET E 227 -7.47 12.28 22.63
C MET E 227 -7.53 13.06 23.96
N TYR E 228 -8.43 14.02 24.06
CA TYR E 228 -8.49 14.91 25.24
C TYR E 228 -9.19 14.26 26.45
N ILE E 229 -10.34 13.62 26.24
CA ILE E 229 -11.03 12.92 27.32
C ILE E 229 -10.22 11.76 27.91
N PRO E 230 -9.65 10.89 27.06
CA PRO E 230 -8.84 9.80 27.60
C PRO E 230 -7.58 10.25 28.34
N SER E 231 -7.06 11.43 28.02
CA SER E 231 -5.93 12.01 28.77
C SER E 231 -6.39 12.51 30.14
N LEU E 232 -7.56 13.15 30.18
CA LEU E 232 -8.19 13.51 31.46
C LEU E 232 -8.35 12.30 32.37
N LEU E 233 -8.80 11.20 31.80
CA LEU E 233 -9.02 9.95 32.54
C LEU E 233 -7.75 9.49 33.25
N ILE E 234 -6.61 9.62 32.59
CA ILE E 234 -5.33 9.18 33.16
C ILE E 234 -4.84 10.15 34.24
N VAL E 235 -5.07 11.44 34.03
CA VAL E 235 -4.70 12.46 35.02
C VAL E 235 -5.56 12.32 36.28
N ILE E 236 -6.86 12.15 36.10
CA ILE E 236 -7.78 11.90 37.23
C ILE E 236 -7.43 10.60 37.95
N LEU E 237 -7.00 9.59 37.20
CA LEU E 237 -6.60 8.31 37.80
C LEU E 237 -5.38 8.48 38.71
N SER E 238 -4.44 9.33 38.32
CA SER E 238 -3.25 9.59 39.14
C SER E 238 -3.58 10.17 40.52
N TRP E 239 -4.70 10.88 40.62
CA TRP E 239 -5.09 11.52 41.87
C TRP E 239 -5.65 10.57 42.93
N VAL E 240 -6.11 9.39 42.51
CA VAL E 240 -6.68 8.44 43.48
C VAL E 240 -5.60 7.91 44.42
N SER E 241 -4.34 8.01 43.99
CA SER E 241 -3.17 7.74 44.84
C SER E 241 -3.22 8.51 46.16
N PHE E 242 -3.73 9.74 46.13
CA PHE E 242 -3.75 10.60 47.31
C PHE E 242 -4.78 10.20 48.39
N TRP E 243 -5.72 9.34 48.02
CA TRP E 243 -6.70 8.81 48.96
C TRP E 243 -6.31 7.40 49.43
N ILE E 244 -5.15 6.92 49.01
CA ILE E 244 -4.63 5.60 49.39
C ILE E 244 -3.66 5.73 50.56
N ASN E 245 -3.64 4.71 51.41
CA ASN E 245 -2.77 4.64 52.58
C ASN E 245 -1.29 4.78 52.19
N MET E 246 -0.56 5.59 52.97
CA MET E 246 0.86 5.85 52.68
C MET E 246 1.75 4.62 52.89
N ASP E 247 1.33 3.72 53.77
CA ASP E 247 2.06 2.46 54.01
C ASP E 247 2.06 1.54 52.78
N ALA E 248 1.02 1.63 51.96
CA ALA E 248 0.91 0.80 50.75
C ALA E 248 1.82 1.32 49.63
N ALA E 249 3.12 1.04 49.76
CA ALA E 249 4.12 1.51 48.80
C ALA E 249 3.96 0.93 47.40
N PRO E 250 3.85 -0.41 47.28
CA PRO E 250 3.73 -0.98 45.93
C PRO E 250 2.50 -0.49 45.17
N ALA E 251 1.38 -0.28 45.88
CA ALA E 251 0.15 0.18 45.26
C ALA E 251 0.26 1.61 44.73
N ARG E 252 0.76 2.52 45.57
CA ARG E 252 0.90 3.92 45.19
C ARG E 252 1.96 4.15 44.11
N VAL E 253 3.05 3.39 44.17
CA VAL E 253 4.11 3.47 43.16
C VAL E 253 3.61 2.90 41.83
N ALA E 254 3.08 1.67 41.86
CA ALA E 254 2.53 1.03 40.66
C ALA E 254 1.48 1.89 39.99
N LEU E 255 0.63 2.53 40.79
CA LEU E 255 -0.40 3.42 40.28
C LEU E 255 0.21 4.69 39.68
N GLY E 256 1.28 5.18 40.30
CA GLY E 256 2.01 6.33 39.79
C GLY E 256 2.75 6.05 38.49
N ILE E 257 3.36 4.86 38.39
CA ILE E 257 4.12 4.49 37.19
C ILE E 257 3.20 4.27 35.99
N THR E 258 2.20 3.42 36.17
CA THR E 258 1.32 3.03 35.07
C THR E 258 0.63 4.23 34.42
N THR E 259 0.30 5.24 35.22
CA THR E 259 -0.27 6.48 34.69
C THR E 259 0.74 7.25 33.85
N VAL E 260 2.00 7.27 34.28
CA VAL E 260 3.07 7.92 33.52
C VAL E 260 3.29 7.22 32.17
N LEU E 261 3.36 5.89 32.20
CA LEU E 261 3.64 5.11 30.98
C LEU E 261 2.46 5.10 30.02
N THR E 262 1.25 5.00 30.55
CA THR E 262 0.04 5.09 29.74
C THR E 262 -0.04 6.47 29.07
N MET E 263 0.46 7.49 29.74
CA MET E 263 0.45 8.85 29.21
C MET E 263 1.49 9.05 28.10
N THR E 264 2.63 8.37 28.20
CA THR E 264 3.66 8.45 27.15
C THR E 264 3.20 7.75 25.86
N THR E 265 2.60 6.57 26.00
CA THR E 265 2.09 5.84 24.84
C THR E 265 0.90 6.56 24.22
N GLN E 266 0.06 7.15 25.07
CA GLN E 266 -1.03 8.03 24.63
C GLN E 266 -0.48 9.18 23.79
N SER E 267 0.58 9.81 24.28
CA SER E 267 1.17 10.99 23.61
C SER E 267 1.84 10.64 22.29
N SER E 268 2.63 9.56 22.29
CA SER E 268 3.34 9.13 21.08
C SER E 268 2.41 8.54 20.03
N GLY E 269 1.34 7.86 20.48
CA GLY E 269 0.34 7.30 19.58
C GLY E 269 -0.46 8.34 18.81
N SER E 270 -0.65 9.51 19.41
CA SER E 270 -1.38 10.61 18.77
C SER E 270 -0.59 11.29 17.66
N ARG E 271 0.74 11.18 17.72
CA ARG E 271 1.63 11.74 16.70
C ARG E 271 1.87 10.80 15.51
N ALA E 272 1.29 9.59 15.56
CA ALA E 272 1.54 8.57 14.53
C ALA E 272 0.96 8.93 13.16
N SER E 273 -0.17 9.64 13.14
CA SER E 273 -0.84 9.99 11.90
C SER E 273 -0.43 11.37 11.35
N LEU E 274 0.74 11.86 11.75
CA LEU E 274 1.19 13.19 11.39
C LEU E 274 2.57 13.15 10.76
N PRO E 275 2.91 14.16 9.94
CA PRO E 275 4.25 14.24 9.39
C PRO E 275 5.25 14.64 10.47
N LYS E 276 6.51 14.24 10.30
CA LYS E 276 7.53 14.47 11.31
C LYS E 276 8.09 15.89 11.27
N VAL E 277 7.28 16.85 11.72
CA VAL E 277 7.66 18.26 11.72
C VAL E 277 8.47 18.60 12.97
N SER E 278 9.31 19.63 12.86
CA SER E 278 10.24 20.00 13.93
C SER E 278 9.84 21.31 14.62
N TYR E 279 8.53 21.52 14.78
CA TYR E 279 8.03 22.64 15.59
C TYR E 279 7.00 22.13 16.60
N VAL E 280 6.74 22.94 17.61
CA VAL E 280 5.84 22.56 18.70
C VAL E 280 4.39 22.73 18.28
N LYS E 281 3.60 21.67 18.44
CA LYS E 281 2.17 21.69 18.12
C LYS E 281 1.35 21.87 19.40
N ALA E 282 0.09 22.28 19.25
CA ALA E 282 -0.78 22.51 20.40
C ALA E 282 -1.07 21.23 21.19
N ILE E 283 -1.10 20.10 20.48
CA ILE E 283 -1.31 18.80 21.14
C ILE E 283 -0.08 18.38 21.96
N ASP E 284 1.11 18.83 21.54
CA ASP E 284 2.34 18.56 22.29
C ASP E 284 2.37 19.28 23.63
N ILE E 285 1.80 20.49 23.66
CA ILE E 285 1.69 21.27 24.90
C ILE E 285 0.77 20.56 25.87
N TRP E 286 -0.40 20.15 25.39
CA TRP E 286 -1.38 19.46 26.21
C TRP E 286 -0.81 18.17 26.82
N MET E 287 -0.21 17.34 26.00
CA MET E 287 0.37 16.08 26.45
C MET E 287 1.54 16.31 27.41
N ALA E 288 2.34 17.32 27.14
CA ALA E 288 3.47 17.69 28.00
C ALA E 288 3.00 18.05 29.41
N VAL E 289 1.99 18.91 29.48
CA VAL E 289 1.44 19.37 30.76
C VAL E 289 0.72 18.24 31.48
N CYS E 290 -0.09 17.47 30.75
CA CYS E 290 -0.72 16.26 31.32
C CYS E 290 0.32 15.31 31.89
N LEU E 291 1.48 15.25 31.25
CA LEU E 291 2.58 14.40 31.70
C LEU E 291 3.24 14.95 32.97
N LEU E 292 3.31 16.28 33.10
CA LEU E 292 3.79 16.91 34.34
C LEU E 292 2.90 16.59 35.54
N PHE E 293 1.60 16.75 35.37
CA PHE E 293 0.63 16.51 36.45
C PHE E 293 0.62 15.05 36.92
N VAL E 294 0.83 14.13 35.98
CA VAL E 294 0.90 12.71 36.30
C VAL E 294 2.27 12.35 36.89
N PHE E 295 3.33 12.95 36.35
CA PHE E 295 4.69 12.74 36.85
C PHE E 295 4.89 13.37 38.24
N SER E 296 4.24 14.50 38.49
CA SER E 296 4.29 15.16 39.79
C SER E 296 3.59 14.34 40.86
N ALA E 297 2.50 13.67 40.49
CA ALA E 297 1.77 12.79 41.41
C ALA E 297 2.65 11.64 41.91
N LEU E 298 3.57 11.18 41.08
CA LEU E 298 4.53 10.15 41.48
C LEU E 298 5.63 10.74 42.36
N LEU E 299 6.14 11.91 41.99
CA LEU E 299 7.11 12.63 42.82
C LEU E 299 6.50 13.06 44.16
N GLU E 300 5.19 13.25 44.19
CA GLU E 300 4.48 13.55 45.43
C GLU E 300 4.66 12.41 46.42
N TYR E 301 4.53 11.17 45.96
CA TYR E 301 4.70 10.01 46.84
C TYR E 301 6.17 9.77 47.22
N ALA E 302 7.10 10.11 46.32
CA ALA E 302 8.52 10.05 46.66
C ALA E 302 8.79 10.89 47.89
N ALA E 303 8.19 12.08 47.95
CA ALA E 303 8.30 12.96 49.11
C ALA E 303 7.62 12.35 50.34
N VAL E 304 6.40 11.84 50.16
CA VAL E 304 5.64 11.23 51.26
C VAL E 304 6.36 10.02 51.85
N ASN E 305 6.93 9.19 50.98
CA ASN E 305 7.66 8.00 51.41
C ASN E 305 8.99 8.34 52.07
N PHE E 306 9.60 9.46 51.65
CA PHE E 306 10.92 9.85 52.14
C PHE E 306 10.89 10.58 53.48
N VAL E 307 9.94 11.50 53.65
CA VAL E 307 9.83 12.25 54.91
C VAL E 307 9.31 11.37 56.05
N SER E 308 8.59 10.30 55.70
CA SER E 308 8.01 9.39 56.69
C SER E 308 8.87 8.15 56.99
N ARG E 309 10.17 8.22 56.71
CA ARG E 309 11.09 7.09 56.92
C ARG E 309 10.97 6.50 58.33
N ALA E 310 11.36 7.29 59.34
CA ALA E 310 11.23 6.89 60.73
C ALA E 310 9.76 6.98 61.14
N GLY E 311 9.25 5.95 61.81
CA GLY E 311 7.84 5.86 62.14
C GLY E 311 7.34 6.79 63.24
N THR E 312 8.09 7.85 63.53
CA THR E 312 7.70 8.81 64.57
C THR E 312 6.48 9.62 64.12
N LYS E 313 5.55 9.84 65.06
CA LYS E 313 4.28 10.51 64.76
C LYS E 313 4.45 11.87 64.08
N VAL E 314 5.50 12.60 64.47
CA VAL E 314 5.78 13.92 63.89
C VAL E 314 5.93 13.92 62.38
N PHE E 315 6.59 12.89 61.84
CA PHE E 315 6.82 12.78 60.39
C PHE E 315 5.65 12.11 59.67
N ILE E 316 5.02 11.12 60.31
CA ILE E 316 3.87 10.43 59.73
C ILE E 316 2.72 11.42 59.49
N ASP E 317 2.55 12.37 60.41
CA ASP E 317 1.56 13.43 60.25
C ASP E 317 2.04 14.48 59.23
N ARG E 318 3.33 14.79 59.26
CA ARG E 318 3.94 15.72 58.29
C ARG E 318 3.79 15.22 56.86
N ALA E 319 3.99 13.92 56.67
CA ALA E 319 3.76 13.26 55.38
C ALA E 319 2.27 13.27 55.03
N LYS E 320 1.44 13.03 56.04
CA LYS E 320 -0.02 13.06 55.88
C LYS E 320 -0.54 14.42 55.41
N LYS E 321 0.15 15.49 55.82
CA LYS E 321 -0.21 16.85 55.42
C LYS E 321 -0.04 17.09 53.91
N ILE E 322 0.95 16.45 53.31
CA ILE E 322 1.22 16.61 51.88
C ILE E 322 0.05 16.08 51.04
N ASP E 323 -0.46 14.91 51.42
CA ASP E 323 -1.59 14.29 50.70
C ASP E 323 -2.86 15.15 50.77
N THR E 324 -3.14 15.73 51.94
CA THR E 324 -4.33 16.56 52.13
C THR E 324 -4.27 17.84 51.31
N ILE E 325 -3.06 18.40 51.16
CA ILE E 325 -2.86 19.57 50.30
C ILE E 325 -2.95 19.17 48.82
N SER E 326 -2.28 18.07 48.47
CA SER E 326 -2.26 17.57 47.09
C SER E 326 -3.65 17.19 46.57
N ARG E 327 -4.49 16.64 47.45
CA ARG E 327 -5.87 16.27 47.11
C ARG E 327 -6.69 17.44 46.57
N ALA E 328 -6.40 18.66 47.04
CA ALA E 328 -7.10 19.86 46.60
C ALA E 328 -6.33 20.65 45.55
N CYS E 329 -4.99 20.62 45.63
CA CYS E 329 -4.15 21.49 44.80
C CYS E 329 -4.00 21.05 43.34
N PHE E 330 -3.85 19.75 43.10
CA PHE E 330 -3.68 19.27 41.73
C PHE E 330 -4.97 19.37 40.91
N PRO E 331 -6.12 18.95 41.48
CA PRO E 331 -7.39 19.21 40.79
C PRO E 331 -7.63 20.70 40.52
N LEU E 332 -7.21 21.56 41.45
CA LEU E 332 -7.29 23.00 41.27
C LEU E 332 -6.34 23.46 40.17
N ALA E 333 -5.07 23.07 40.29
CA ALA E 333 -4.04 23.47 39.33
C ALA E 333 -4.33 22.97 37.92
N PHE E 334 -4.91 21.77 37.80
CA PHE E 334 -5.26 21.21 36.51
C PHE E 334 -6.45 21.96 35.90
N LEU E 335 -7.39 22.37 36.73
CA LEU E 335 -8.53 23.18 36.28
C LEU E 335 -8.06 24.55 35.81
N ILE E 336 -7.12 25.14 36.53
CA ILE E 336 -6.52 26.42 36.14
C ILE E 336 -5.80 26.31 34.81
N PHE E 337 -5.13 25.18 34.57
CA PHE E 337 -4.44 24.94 33.30
C PHE E 337 -5.42 24.87 32.13
N ASN E 338 -6.52 24.14 32.30
CA ASN E 338 -7.54 24.02 31.26
C ASN E 338 -8.20 25.35 30.92
N ILE E 339 -8.41 26.18 31.94
CA ILE E 339 -8.91 27.54 31.72
C ILE E 339 -7.97 28.28 30.75
N PHE E 340 -6.69 28.30 31.08
CA PHE E 340 -5.69 28.94 30.21
C PHE E 340 -5.66 28.31 28.83
N TYR E 341 -5.48 26.99 28.79
CA TYR E 341 -5.31 26.26 27.53
C TYR E 341 -6.46 26.49 26.53
N TRP E 342 -7.68 26.20 26.96
CA TRP E 342 -8.84 26.32 26.06
C TRP E 342 -9.15 27.77 25.67
N VAL E 343 -8.82 28.71 26.54
CA VAL E 343 -9.01 30.14 26.23
C VAL E 343 -8.00 30.62 25.17
N ILE E 344 -6.76 30.15 25.25
CA ILE E 344 -5.72 30.55 24.30
C ILE E 344 -6.06 30.12 22.87
N TYR E 345 -6.45 28.87 22.68
CA TYR E 345 -6.76 28.33 21.35
C TYR E 345 -8.24 28.49 20.97
C11 7C6 F . 22.58 9.11 -39.78
C1 7C6 F . 22.64 8.54 -38.37
C2 7C6 F . 22.73 6.99 -38.39
C3 7C6 F . 22.20 6.38 -39.70
O1 7C6 F . 21.01 6.07 -39.79
N2 7C6 F . 23.03 6.15 -40.79
C12 7C6 F . 22.48 5.56 -42.04
C4 7C6 F . 24.40 6.49 -40.74
C5 7C6 F . 25.15 6.57 -41.91
C6 7C6 F . 26.50 6.93 -41.82
N3 7C6 F . 27.06 7.18 -40.65
C7 7C6 F . 26.36 7.12 -39.52
C8 7C6 F . 25.00 6.79 -39.52
C9 7C6 F . 24.22 6.71 -38.20
C10 7C6 F . 24.64 7.84 -37.27
N1 7C6 F . 23.87 9.03 -37.70
S1 7C6 F . 23.55 10.03 -36.39
O2 7C6 F . 22.69 11.16 -36.87
O3 7C6 F . 24.85 10.53 -35.81
C13 7C6 F . 22.67 9.18 -35.18
C14 7C6 F . 23.33 8.47 -34.17
C15 7C6 F . 22.58 7.79 -33.22
O4 7C6 F . 22.94 7.02 -32.16
C19 7C6 F . 21.78 6.95 -31.34
O5 7C6 F . 20.68 7.08 -32.25
C16 7C6 F . 21.18 7.82 -33.28
C17 7C6 F . 20.53 8.53 -34.27
C18 7C6 F . 21.28 9.22 -35.23
N GLY G . 23.97 2.85 -22.29
CA GLY G . 23.18 1.83 -23.03
C GLY G . 23.70 0.43 -22.82
O GLY G . 24.91 0.21 -22.75
OXT GLY G . 22.94 -0.53 -22.68
C1 IVM H . 26.52 -6.75 26.29
O1 IVM H . 23.24 -4.64 27.25
C2 IVM H . 25.01 -6.92 26.13
O2 IVM H . 27.30 -2.49 21.42
C3 IVM H . 24.28 -6.82 27.48
O3 IVM H . 29.03 -5.84 19.49
C4 IVM H . 22.87 -7.42 27.38
O4 IVM H . 29.43 -3.56 17.74
C5 IVM H . 24.25 -5.37 27.98
O5 IVM H . 30.93 -7.39 16.17
C6 IVM H . 23.20 -3.23 27.54
O6 IVM H . 28.92 -6.35 14.28
C7 IVM H . 23.02 -2.98 29.04
O7 IVM H . 30.42 -3.27 15.60
C8 IVM H . 22.90 -4.28 29.84
O8 IVM H . 29.63 -2.01 21.12
C9 IVM H . 23.98 -5.31 29.50
O9 IVM H . 18.83 -0.55 20.82
C10 IVM H . 25.27 -5.06 30.30
O10 IVM H . 16.33 -1.60 20.07
C11 IVM H . 22.03 -2.61 26.77
O11 IVM H . 20.03 -4.05 24.39
C12 IVM H . 22.23 -2.79 25.25
O12 IVM H . 21.22 -2.12 24.47
C13 IVM H . 23.61 -2.21 24.84
O13 IVM H . 20.08 -3.83 21.26
C14 IVM H . 24.73 -2.77 25.73
O14 IVM H . 24.42 -2.56 27.13
C15 IVM H . 26.07 -2.07 25.43
C16 IVM H . 26.33 -2.07 24.06
C17 IVM H . 26.75 -0.98 23.30
C18 IVM H . 27.00 0.39 23.96
C19 IVM H . 27.00 -1.12 21.80
C20 IVM H . 28.65 -2.84 21.79
C21 IVM H . 28.93 -4.30 21.41
C22 IVM H . 28.76 -4.47 19.90
C23 IVM H . 28.41 -6.85 20.32
C24 IVM H . 29.70 -3.50 19.16
C25 IVM H . 30.65 -3.67 16.97
C26 IVM H . 31.22 -5.10 17.03
C27 IVM H . 30.29 -6.08 16.29
C28 IVM H . 31.05 -8.08 17.43
C29 IVM H . 29.90 -5.52 14.91
C30 IVM H . 29.37 -4.08 15.02
C31 IVM H . 28.96 -3.50 13.66
C32 IVM H . 29.49 -2.07 19.68
C33 IVM H . 30.49 -1.08 19.07
C34 IVM H . 25.76 -0.63 21.02
C35 IVM H . 26.04 -0.57 19.52
C36 IVM H . 24.54 -1.53 21.30
C37 IVM H . 23.25 -1.05 21.12
C38 IVM H . 22.19 -1.91 21.38
C39 IVM H . 20.87 -1.50 21.24
C40 IVM H . 20.27 -0.30 20.84
C41 IVM H . 18.71 -1.95 20.52
C42 IVM H . 17.27 -2.51 20.62
C43 IVM H . 16.87 -2.85 22.07
C44 IVM H . 17.78 -2.77 23.13
C45 IVM H . 19.23 -2.27 22.97
C46 IVM H . 20.19 -2.89 23.99
C47 IVM H . 19.73 -2.47 21.52
C48 IVM H . 15.44 -3.35 22.32
ZN ZN I . 29.05 20.33 -1.70
CL CL J . 2.83 -5.43 37.77
C11 7C6 K . 8.62 -17.25 -42.27
C1 7C6 K . 8.31 -17.64 -40.82
C2 7C6 K . 6.90 -18.24 -40.66
C3 7C6 K . 5.93 -17.92 -41.82
O1 7C6 K . 5.24 -16.90 -41.78
N2 7C6 K . 5.77 -18.79 -42.91
C12 7C6 K . 4.81 -18.45 -43.99
C4 7C6 K . 6.55 -19.94 -43.01
C5 7C6 K . 6.65 -20.60 -44.25
C6 7C6 K . 7.44 -21.74 -44.33
N3 7C6 K . 8.08 -22.20 -43.27
C7 7C6 K . 8.00 -21.60 -42.09
C8 7C6 K . 7.25 -20.45 -41.92
C9 7C6 K . 7.15 -19.75 -40.55
C10 7C6 K . 8.48 -19.80 -39.80
N1 7C6 K . 9.26 -18.68 -40.36
S1 7C6 K . 10.31 -18.09 -39.22
O2 7C6 K . 11.01 -16.90 -39.81
O3 7C6 K . 11.33 -19.12 -38.84
C13 7C6 K . 9.46 -17.58 -37.78
C14 7C6 K . 9.27 -18.46 -36.73
C15 7C6 K . 8.59 -18.04 -35.58
O4 7C6 K . 8.29 -18.69 -34.43
C19 7C6 K . 7.30 -17.88 -33.78
O5 7C6 K . 7.48 -16.56 -34.31
C16 7C6 K . 8.10 -16.73 -35.50
C17 7C6 K . 8.29 -15.86 -36.56
C18 7C6 K . 8.97 -16.27 -37.69
N GLY L . 6.21 -20.64 -24.26
CA GLY L . 4.95 -20.71 -25.04
C GLY L . 3.95 -21.67 -24.45
O GLY L . 2.87 -21.29 -24.02
OXT GLY L . 4.22 -22.86 -24.36
C1 IVM M . 6.04 -27.84 24.61
O1 IVM M . 7.46 -24.04 25.72
C2 IVM M . 5.76 -26.34 24.63
O2 IVM M . 9.65 -27.10 19.42
C3 IVM M . 5.82 -25.76 26.05
O3 IVM M . 6.63 -29.90 18.22
C4 IVM M . 4.78 -24.64 26.22
O4 IVM M . 8.49 -29.32 15.95
C5 IVM M . 7.24 -25.28 26.40
O5 IVM M . 6.78 -28.62 12.18
C6 IVM M . 8.79 -23.52 25.83
O6 IVM M . 9.63 -29.11 11.75
C7 IVM M . 9.16 -23.31 27.31
O7 IVM M . 8.85 -31.33 14.63
C8 IVM M . 8.04 -23.75 28.28
O8 IVM M . 10.68 -29.21 18.90
C9 IVM M . 7.42 -25.11 27.92
O9 IVM M . 8.92 -18.44 19.06
C10 IVM M . 8.21 -26.26 28.55
O10 IVM M . 7.18 -16.35 18.72
C11 IVM M . 8.86 -22.18 25.10
O11 IVM M . 6.55 -20.76 23.00
C12 IVM M . 8.55 -22.38 23.60
O12 IVM M . 8.76 -21.17 22.82
C13 IVM M . 9.44 -23.48 22.99
O13 IVM M . 6.27 -20.65 19.99
C14 IVM M . 9.43 -24.75 23.89
O14 IVM M . 9.76 -24.41 25.25
C15 IVM M . 10.45 -25.77 23.36
C16 IVM M . 10.27 -26.02 22.00
C17 IVM M . 11.26 -26.12 21.03
C18 IVM M . 12.73 -25.98 21.42
C19 IVM M . 10.90 -26.40 19.56
C20 IVM M . 9.78 -28.51 19.78
C21 IVM M . 8.40 -29.16 19.73
C22 IVM M . 7.86 -29.13 18.29
C23 IVM M . 5.49 -29.12 18.64
C24 IVM M . 8.89 -29.67 17.28
C25 IVM M . 7.88 -30.45 15.27
C26 IVM M . 6.91 -29.91 14.22
C27 IVM M . 7.68 -29.09 13.19
C28 IVM M . 6.99 -27.23 11.92
C29 IVM M . 8.79 -29.95 12.55
C30 IVM M . 9.64 -30.66 13.62
C31 IVM M . 10.56 -31.68 12.94
C32 IVM M . 10.28 -29.05 17.51
C33 IVM M . 11.36 -29.64 16.59
C34 IVM M . 10.86 -25.08 18.77
C35 IVM M . 10.70 -25.33 17.27
C36 IVM M . 9.72 -24.19 19.27
C37 IVM M . 9.77 -22.82 19.14
C38 IVM M . 8.70 -22.05 19.61
C39 IVM M . 8.69 -20.67 19.53
C40 IVM M . 9.60 -19.73 19.02
C41 IVM M . 7.51 -18.76 19.02
C42 IVM M . 6.59 -17.54 19.28
C43 IVM M . 6.29 -17.32 20.77
C44 IVM M . 6.79 -18.16 21.77
C45 IVM M . 7.74 -19.35 21.46
C46 IVM M . 7.62 -20.47 22.48
C47 IVM M . 7.49 -19.89 20.04
C48 IVM M . 5.36 -16.15 21.15
ZN ZN N . 28.18 -19.62 -7.39
C11 7C6 O . -20.93 -12.81 -39.50
C1 7C6 O . -21.05 -12.63 -37.98
C2 7C6 O . -22.05 -11.50 -37.61
C3 7C6 O . -22.29 -10.48 -38.75
O1 7C6 O . -21.58 -9.48 -38.84
N2 7C6 O . -23.36 -10.65 -39.64
C12 7C6 O . -23.59 -9.64 -40.71
C4 7C6 O . -24.18 -11.78 -39.58
C5 7C6 O . -24.98 -12.13 -40.67
C6 7C6 O . -25.79 -13.27 -40.59
N3 7C6 O . -25.80 -14.02 -39.49
C7 7C6 O . -25.04 -13.71 -38.44
C8 7C6 O . -24.20 -12.59 -38.45
C9 7C6 O . -23.33 -12.24 -37.23
C10 7C6 O . -22.78 -13.51 -36.57
N1 7C6 O . -21.60 -13.88 -37.37
S1 7C6 O . -20.47 -14.64 -36.42
O2 7C6 O . -19.26 -14.93 -37.27
O3 7C6 O . -21.04 -15.93 -35.88
C13 7C6 O . -19.99 -13.66 -35.09
C14 7C6 O . -20.70 -13.73 -33.89
C15 7C6 O . -20.32 -12.93 -32.83
O4 7C6 O . -20.83 -12.81 -31.58
C19 7C6 O . -19.83 -12.12 -30.82
O5 7C6 O . -19.08 -11.39 -31.78
C16 7C6 O . -19.25 -12.06 -32.95
C17 7C6 O . -18.54 -11.99 -34.15
C18 7C6 O . -18.92 -12.79 -35.22
N GLY P . -21.79 -12.18 -21.14
CA GLY P . -22.06 -10.76 -21.51
C GLY P . -23.32 -10.19 -20.87
O GLY P . -23.40 -9.01 -20.55
OXT GLY P . -24.29 -10.90 -20.64
C1 IVM Q . -20.09 -14.97 28.22
O1 IVM Q . -15.81 -15.24 28.54
C2 IVM Q . -18.69 -14.39 28.02
O2 IVM Q . -18.97 -18.21 22.61
C3 IVM Q . -17.91 -14.35 29.34
O3 IVM Q . -22.70 -16.33 21.61
C4 IVM Q . -17.22 -12.99 29.52
O4 IVM Q . -21.88 -17.99 19.29
C5 IVM Q . -16.92 -15.51 29.43
O5 IVM Q . -25.76 -15.97 19.01
C6 IVM Q . -14.86 -16.31 28.46
O6 IVM Q . -24.01 -14.83 16.91
C7 IVM Q . -14.27 -16.60 29.85
O7 IVM Q . -22.86 -18.32 17.12
C8 IVM Q . -14.89 -15.74 30.95
O8 IVM Q . -20.63 -19.90 22.22
C9 IVM Q . -16.42 -15.71 30.88
O9 IVM Q . -11.21 -14.69 20.91
C10 IVM Q . -17.02 -16.98 31.52
O10 IVM Q . -9.81 -12.39 20.47
C11 IVM Q . -13.72 -15.90 27.51
O11 IVM Q . -13.44 -13.30 25.39
C12 IVM Q . -14.24 -15.73 26.07
O12 IVM Q . -13.17 -15.52 25.11
C13 IVM Q . -15.03 -16.99 25.62
O13 IVM Q . -13.94 -12.93 22.40
C14 IVM Q . -16.09 -17.33 26.67
O14 IVM Q . -15.47 -17.52 27.96
C15 IVM Q . -16.82 -18.62 26.24
C16 IVM Q . -17.33 -18.50 24.95
C17 IVM Q . -17.32 -19.48 23.97
C18 IVM Q . -16.73 -20.86 24.26
C19 IVM Q . -17.91 -19.19 22.57
C20 IVM Q . -20.21 -18.78 23.05
C21 IVM Q . -21.31 -17.71 23.04
C22 IVM Q . -21.59 -17.25 21.60
C23 IVM Q . -22.31 -15.06 22.13
C24 IVM Q . -21.86 -18.45 20.66
C25 IVM Q . -23.02 -18.54 18.54
C26 IVM Q . -24.34 -17.94 19.05
C27 IVM Q . -24.42 -16.45 18.68
C28 IVM Q . -25.90 -15.81 20.43
C29 IVM Q . -24.11 -16.22 17.19
C30 IVM Q . -22.80 -16.92 16.78
C31 IVM Q . -22.56 -16.75 15.27
C32 IVM Q . -20.79 -19.52 20.83
C33 IVM Q . -21.08 -20.78 20.00
C34 IVM Q . -16.78 -18.73 21.64
C35 IVM Q . -17.24 -18.68 20.17
C36 IVM Q . -16.27 -17.34 22.06
C37 IVM Q . -14.99 -16.93 21.71
C38 IVM Q . -14.54 -15.67 22.11
C39 IVM Q . -13.28 -15.21 21.79
C40 IVM Q . -12.20 -15.75 21.07
C41 IVM Q . -11.93 -13.45 21.07
C42 IVM Q . -11.00 -12.21 21.24
C43 IVM Q . -10.64 -11.92 22.71
C44 IVM Q . -11.13 -12.71 23.77
C45 IVM Q . -12.02 -13.95 23.55
C46 IVM Q . -12.94 -14.23 24.75
C47 IVM Q . -12.84 -13.82 22.24
C48 IVM Q . -9.76 -10.71 23.01
ZN ZN R . -11.74 -32.90 -5.19
C1 NAG S . -15.23 -30.69 -29.29
C2 NAG S . -16.52 -31.50 -29.23
C3 NAG S . -16.37 -32.76 -28.37
C4 NAG S . -15.13 -33.56 -28.75
C5 NAG S . -13.92 -32.64 -28.78
C6 NAG S . -12.67 -33.39 -29.25
C7 NAG S . -18.76 -30.49 -29.40
C8 NAG S . -19.80 -29.65 -28.73
N2 NAG S . -17.63 -30.70 -28.72
O3 NAG S . -17.51 -33.57 -28.51
O4 NAG S . -14.91 -34.62 -27.84
O5 NAG S . -14.18 -31.57 -29.65
O6 NAG S . -11.66 -32.47 -29.63
O7 NAG S . -18.98 -30.93 -30.53
C11 7C6 T . -25.39 16.66 -35.35
C1 7C6 T . -25.03 16.80 -33.88
C2 7C6 T . -24.18 18.05 -33.58
C3 7C6 T . -23.47 18.60 -34.83
O1 7C6 T . -22.33 18.21 -35.10
N2 7C6 T . -24.06 19.57 -35.65
C12 7C6 T . -23.34 20.10 -36.83
C4 7C6 T . -25.36 20.04 -35.36
C5 7C6 T . -26.08 20.72 -36.34
C6 7C6 T . -27.36 21.17 -36.05
N3 7C6 T . -27.90 20.95 -34.86
C7 7C6 T . -27.24 20.30 -33.90
C8 7C6 T . -25.95 19.82 -34.12
C9 7C6 T . -25.20 19.06 -33.03
C10 7C6 T . -26.15 18.15 -32.25
N1 7C6 T . -26.26 16.93 -33.06
S1 7C6 T . -26.50 15.61 -32.09
O2 7C6 T . -26.47 14.36 -32.92
O3 7C6 T . -27.81 15.73 -31.38
C13 7C6 T . -25.24 15.48 -30.91
C14 7C6 T . -25.40 16.11 -29.67
C15 7C6 T . -24.39 16.00 -28.73
O4 7C6 T . -24.27 16.50 -27.48
C19 7C6 T . -23.28 15.66 -26.87
O5 7C6 T . -22.41 15.32 -27.94
C16 7C6 T . -23.23 15.27 -29.02
C17 7C6 T . -23.09 14.64 -30.25
C18 7C6 T . -24.10 14.75 -31.20
N GLY U . -21.87 17.53 -17.03
CA GLY U . -20.82 18.22 -17.85
C GLY U . -20.28 19.46 -17.16
O GLY U . -20.96 20.45 -17.00
OXT GLY U . -19.13 19.48 -16.74
C1 IVM V . -16.37 13.13 31.91
O1 IVM V . -14.41 9.59 31.73
C2 IVM V . -14.99 12.65 31.42
O2 IVM V . -19.18 11.87 26.62
C3 IVM V . -14.23 11.90 32.52
O3 IVM V . -18.74 16.02 25.73
C4 IVM V . -12.73 11.85 32.18
O4 IVM V . -20.30 14.72 23.62
C5 IVM V . -14.82 10.51 32.77
O5 IVM V . -19.26 18.86 22.84
C6 IVM V . -15.18 8.37 31.74
O6 IVM V . -18.49 17.45 20.40
C7 IVM V . -15.14 7.72 33.14
O7 IVM V . -21.36 15.42 21.55
C8 IVM V . -14.21 8.44 34.12
O8 IVM V . -21.35 12.92 26.71
C9 IVM V . -14.42 9.96 34.15
O9 IVM V . -13.82 5.64 23.90
C10 IVM V . -15.41 10.37 35.25
O10 IVM V . -11.41 5.03 22.92
C11 IVM V . -14.61 7.39 30.72
O11 IVM V . -12.36 8.05 28.23
C12 IVM V . -14.76 7.98 29.30
O12 IVM V . -14.37 7.02 28.29
C13 IVM V . -16.21 8.43 29.04
O13 IVM V . -12.70 8.77 25.27
C14 IVM V . -16.70 9.32 30.18
O14 IVM V . -16.55 8.62 31.41
C15 IVM V . -18.19 9.69 30.06
C16 IVM V . -18.51 10.23 28.81
C17 IVM V . -19.55 9.84 27.97
C18 IVM V . -20.50 8.71 28.38
C19 IVM V . -19.76 10.53 26.62
C20 IVM V . -20.04 12.82 27.31
C21 IVM V . -19.39 14.21 27.28
C22 IVM V . -19.23 14.66 25.82
C23 IVM V . -17.75 16.31 26.72
C24 IVM V . -20.56 14.56 25.04
C25 IVM V . -21.25 15.63 22.99
C26 IVM V . -20.87 17.09 23.32
C27 IVM V . -19.57 17.47 22.59
C28 IVM V . -18.95 19.11 24.22
C29 IVM V . -19.71 17.18 21.08
C30 IVM V . -20.13 15.72 20.85
C31 IVM V . -20.33 15.46 19.35
C32 IVM V . -21.27 13.22 25.29
C33 IVM V . -22.69 13.19 24.72
C34 IVM V . -19.15 9.68 25.51
C35 IVM V . -19.51 10.20 24.12
C36 IVM V . -17.63 9.63 25.66
C37 IVM V . -16.91 8.53 25.24
C38 IVM V . -15.53 8.53 25.41
C39 IVM V . -14.76 7.44 25.01
C40 IVM V . -15.08 6.22 24.38
C41 IVM V . -12.88 6.75 23.87
C42 IVM V . -11.42 6.24 23.69
C43 IVM V . -10.69 6.02 25.03
C44 IVM V . -11.33 6.20 26.27
C45 IVM V . -12.83 6.58 26.37
C46 IVM V . -13.16 7.28 27.70
C47 IVM V . -13.25 7.45 25.18
C48 IVM V . -9.21 5.64 25.01
ZN ZN W . -35.31 0.03 0.17
C11 7C6 X . 1.40 30.00 -35.48
C1 7C6 X . 1.92 29.75 -34.05
C2 7C6 X . 3.43 29.42 -34.02
C3 7C6 X . 3.95 28.87 -35.37
O1 7C6 X . 3.93 27.66 -35.58
N2 7C6 X . 4.49 29.72 -36.34
C12 7C6 X . 5.01 29.16 -37.61
C4 7C6 X . 4.53 31.11 -36.14
C5 7C6 X . 4.75 31.97 -37.22
C6 7C6 X . 4.77 33.35 -37.00
N3 7C6 X . 4.59 33.84 -35.78
C7 7C6 X . 4.38 33.04 -34.73
C8 7C6 X . 4.34 31.65 -34.87
C9 7C6 X . 4.10 30.74 -33.65
C10 7C6 X . 3.08 31.36 -32.69
N1 7C6 X . 1.76 30.98 -33.23
S1 7C6 X . 0.62 30.82 -32.03
O2 7C6 X . -0.70 30.51 -32.66
O3 7C6 X . 0.52 32.12 -31.26
C13 7C6 X . 1.04 29.53 -30.91
C14 7C6 X . 1.67 29.84 -29.70
C15 7C6 X . 2.00 28.81 -28.81
O4 7C6 X . 2.59 28.86 -27.59
C19 7C6 X . 3.02 27.52 -27.33
O5 7C6 X . 2.13 26.70 -28.10
C16 7C6 X . 1.71 27.49 -29.12
C17 7C6 X . 1.09 27.19 -30.33
C18 7C6 X . 0.75 28.21 -31.22
N GLY Y . 6.15 26.76 -18.03
CA GLY Y . 7.07 25.61 -18.31
C GLY Y . 8.53 25.99 -18.30
O GLY Y . 8.87 27.15 -18.43
OXT GLY Y . 9.42 25.15 -18.19
C1 IVM Z . 13.02 18.73 30.10
O1 IVM Z . 9.95 16.16 30.91
C2 IVM Z . 12.57 17.27 29.91
O2 IVM Z . 9.50 21.56 25.88
C3 IVM Z . 12.30 16.60 31.25
O3 IVM Z . 13.43 22.53 24.37
C4 IVM Z . 12.59 15.09 31.16
O4 IVM Z . 11.42 23.62 22.49
C5 IVM Z . 10.88 16.90 31.74
O5 IVM Z . 15.45 24.01 20.98
C6 IVM Z . 8.57 16.45 31.19
O6 IVM Z . 13.88 22.67 18.87
C7 IVM Z . 8.24 16.10 32.64
O7 IVM Z . 11.39 24.88 20.44
C8 IVM Z . 9.46 15.64 33.45
O8 IVM Z . 9.83 23.95 25.85
C9 IVM Z . 10.70 16.53 33.22
O9 IVM Z . 4.92 14.49 23.74
C10 IVM Z . 10.67 17.78 34.11
O10 IVM Z . 4.94 12.00 22.74
C11 IVM Z . 7.69 15.63 30.25
O11 IVM Z . 8.35 13.71 27.58
C12 IVM Z . 7.90 16.08 28.78
O12 IVM Z . 6.96 15.48 27.85
C13 IVM Z . 7.74 17.61 28.65
O13 IVM Z . 8.39 14.41 24.55
C14 IVM Z . 8.61 18.33 29.68
O14 IVM Z . 8.27 17.86 30.99
C15 IVM Z . 8.41 19.85 29.61
C16 IVM Z . 8.61 20.34 28.33
C17 IVM Z . 7.77 21.22 27.64
C18 IVM Z . 6.50 21.76 28.31
C19 IVM Z . 8.10 21.66 26.21
C20 IVM Z . 10.25 22.68 26.41
C21 IVM Z . 11.75 22.47 26.12
C22 IVM Z . 12.01 22.53 24.60
C23 IVM Z . 14.03 21.25 24.58
C24 IVM Z . 11.38 23.77 23.93
C25 IVM Z . 11.85 24.83 21.81
C26 IVM Z . 13.37 24.95 21.86
C27 IVM Z . 14.01 23.82 21.02
C28 IVM Z . 16.05 23.83 22.27
C29 IVM Z . 13.39 23.80 19.60
C30 IVM Z . 11.86 23.76 19.67
C31 IVM Z . 11.27 23.78 18.25
C32 IVM Z . 9.92 23.95 24.40
C33 IVM Z . 9.28 25.26 23.88
C34 IVM Z . 7.28 20.79 25.23
C35 IVM Z . 7.38 21.30 23.80
C36 IVM Z . 7.74 19.33 25.30
C37 IVM Z . 6.88 18.31 24.91
C38 IVM Z . 7.31 16.98 24.99
C39 IVM Z . 6.48 15.94 24.62
C40 IVM Z . 5.17 15.88 24.12
C41 IVM Z . 6.23 13.91 23.52
C42 IVM Z . 6.17 12.38 23.35
C43 IVM Z . 6.35 11.63 24.69
C44 IVM Z . 6.54 12.30 25.91
C45 IVM Z . 6.52 13.85 26.03
C46 IVM Z . 7.37 14.34 27.21
C47 IVM Z . 6.98 14.50 24.71
C48 IVM Z . 6.37 10.11 24.68
ZN ZN AA . -10.49 33.90 3.12
#